data_2VXE
#
_entry.id   2VXE
#
_cell.length_a   1.000
_cell.length_b   1.000
_cell.length_c   1.000
_cell.angle_alpha   90.00
_cell.angle_beta   90.00
_cell.angle_gamma   90.00
#
_symmetry.space_group_name_H-M   'P 1'
#
_entity_poly.entity_id   1
_entity_poly.type   'polypeptide(L)'
_entity_poly.pdbx_seq_one_letter_code
;GAMAMSGGLPELGSKISLISKADIRYEGRLYTVDPQECTIALSSVRSFGTEDRDTQFQIAPQSQIYDYILFRGSDIKDIR
VVNNHTLP
;
_entity_poly.pdbx_strand_id   A
#
# COMPACT_ATOMS: atom_id res chain seq x y z
N GLY A 1 14.00 -4.03 -21.52
CA GLY A 1 13.85 -5.21 -20.61
C GLY A 1 14.84 -6.30 -21.04
N ALA A 2 16.10 -6.12 -20.74
CA ALA A 2 17.13 -7.14 -21.12
C ALA A 2 16.93 -8.43 -20.33
N MET A 3 16.46 -8.31 -19.10
CA MET A 3 16.23 -9.53 -18.27
C MET A 3 14.75 -9.91 -18.28
N ALA A 4 14.45 -11.18 -18.38
CA ALA A 4 13.02 -11.63 -18.42
C ALA A 4 12.36 -11.39 -17.06
N MET A 5 13.11 -11.51 -15.99
CA MET A 5 12.53 -11.29 -14.62
C MET A 5 13.27 -10.16 -13.91
N SER A 6 12.60 -9.47 -13.01
CA SER A 6 13.25 -8.36 -12.26
C SER A 6 12.99 -8.51 -10.76
N GLY A 7 13.84 -7.95 -9.94
CA GLY A 7 13.65 -8.05 -8.45
C GLY A 7 13.69 -6.65 -7.83
N GLY A 8 14.64 -5.84 -8.21
CA GLY A 8 14.76 -4.48 -7.64
C GLY A 8 13.58 -3.61 -8.11
N LEU A 9 13.27 -3.67 -9.38
CA LEU A 9 12.13 -2.86 -9.93
C LEU A 9 10.79 -3.57 -9.66
N PRO A 10 9.94 -2.98 -8.84
CA PRO A 10 8.61 -3.58 -8.56
C PRO A 10 7.73 -3.57 -9.82
N GLU A 11 7.03 -4.64 -10.07
CA GLU A 11 6.13 -4.70 -11.27
C GLU A 11 5.00 -3.67 -11.14
N LEU A 12 4.77 -2.90 -12.16
CA LEU A 12 3.70 -1.83 -12.11
C LEU A 12 2.31 -2.47 -11.95
N GLY A 13 1.45 -1.85 -11.19
CA GLY A 13 0.05 -2.37 -11.04
C GLY A 13 -0.03 -3.51 -10.02
N SER A 14 1.08 -3.92 -9.44
CA SER A 14 1.04 -5.03 -8.44
C SER A 14 0.22 -4.62 -7.21
N LYS A 15 -0.49 -5.55 -6.61
CA LYS A 15 -1.26 -5.23 -5.37
C LYS A 15 -0.33 -5.29 -4.15
N ILE A 16 -0.28 -4.23 -3.38
CA ILE A 16 0.63 -4.20 -2.19
C ILE A 16 -0.20 -3.96 -0.91
N SER A 17 0.20 -4.59 0.17
CA SER A 17 -0.45 -4.33 1.48
C SER A 17 0.45 -3.42 2.33
N LEU A 18 -0.12 -2.46 2.99
CA LEU A 18 0.70 -1.38 3.63
C LEU A 18 0.21 -1.13 5.06
N ILE A 19 1.10 -1.18 6.03
CA ILE A 19 0.69 -0.98 7.46
C ILE A 19 1.16 0.39 7.95
N SER A 20 0.23 1.24 8.32
CA SER A 20 0.59 2.62 8.78
C SER A 20 0.77 2.68 10.29
N LYS A 21 1.49 3.68 10.76
CA LYS A 21 1.89 3.76 12.22
C LYS A 21 0.68 3.66 13.17
N ALA A 22 -0.52 3.80 12.67
CA ALA A 22 -1.72 3.73 13.57
C ALA A 22 -2.22 2.28 13.64
N ASP A 23 -1.38 1.31 13.33
CA ASP A 23 -1.83 -0.12 13.26
C ASP A 23 -3.03 -0.24 12.32
N ILE A 24 -3.05 0.56 11.28
CA ILE A 24 -4.16 0.49 10.28
C ILE A 24 -3.67 -0.24 9.04
N ARG A 25 -4.52 -1.05 8.45
CA ARG A 25 -4.08 -1.80 7.22
C ARG A 25 -4.72 -1.16 5.98
N TYR A 26 -3.90 -0.70 5.08
CA TYR A 26 -4.41 -0.18 3.77
C TYR A 26 -3.92 -1.09 2.64
N GLU A 27 -4.68 -1.21 1.58
CA GLU A 27 -4.21 -2.01 0.42
C GLU A 27 -4.61 -1.31 -0.88
N GLY A 28 -3.74 -1.32 -1.87
CA GLY A 28 -4.04 -0.57 -3.12
C GLY A 28 -3.05 -0.95 -4.22
N ARG A 29 -3.29 -0.46 -5.42
CA ARG A 29 -2.36 -0.77 -6.56
C ARG A 29 -1.18 0.20 -6.57
N LEU A 30 0.01 -0.30 -6.80
CA LEU A 30 1.20 0.60 -6.92
C LEU A 30 1.09 1.49 -8.17
N TYR A 31 1.03 2.79 -7.99
CA TYR A 31 0.92 3.71 -9.15
C TYR A 31 2.29 4.30 -9.49
N THR A 32 2.97 4.85 -8.51
CA THR A 32 4.30 5.49 -8.78
C THR A 32 5.16 5.48 -7.51
N VAL A 33 6.46 5.56 -7.68
CA VAL A 33 7.37 5.53 -6.50
C VAL A 33 8.55 6.51 -6.71
N ASP A 34 9.03 7.12 -5.66
CA ASP A 34 10.20 8.04 -5.77
C ASP A 34 11.27 7.64 -4.75
N PRO A 35 12.31 6.94 -5.21
CA PRO A 35 13.34 6.40 -4.28
C PRO A 35 14.05 7.55 -3.55
N GLN A 36 14.39 8.60 -4.25
CA GLN A 36 15.24 9.67 -3.64
C GLN A 36 14.39 10.60 -2.77
N GLU A 37 13.11 10.68 -3.03
CA GLU A 37 12.20 11.45 -2.11
C GLU A 37 11.69 10.57 -0.96
N CYS A 38 12.10 9.31 -0.88
CA CYS A 38 11.57 8.39 0.17
C CYS A 38 10.04 8.41 0.24
N THR A 39 9.39 8.50 -0.90
CA THR A 39 7.90 8.67 -0.91
C THR A 39 7.27 7.75 -1.95
N ILE A 40 6.02 7.41 -1.77
CA ILE A 40 5.32 6.56 -2.78
C ILE A 40 3.86 7.02 -2.92
N ALA A 41 3.21 6.65 -3.99
CA ALA A 41 1.77 6.98 -4.16
C ALA A 41 1.01 5.77 -4.69
N LEU A 42 -0.06 5.40 -4.03
CA LEU A 42 -0.85 4.20 -4.45
C LEU A 42 -2.18 4.63 -5.03
N SER A 43 -2.68 3.91 -6.01
CA SER A 43 -3.96 4.31 -6.66
C SER A 43 -5.00 3.21 -6.44
N SER A 44 -6.26 3.56 -6.42
CA SER A 44 -7.34 2.58 -6.05
C SER A 44 -6.93 1.81 -4.78
N VAL A 45 -7.18 2.40 -3.64
CA VAL A 45 -6.79 1.75 -2.34
C VAL A 45 -7.96 1.84 -1.34
N ARG A 46 -8.07 0.90 -0.46
CA ARG A 46 -9.15 0.93 0.58
C ARG A 46 -8.57 0.58 1.96
N SER A 47 -9.18 1.06 3.01
CA SER A 47 -8.69 0.73 4.39
C SER A 47 -9.64 -0.27 5.06
N PHE A 48 -9.11 -1.24 5.76
CA PHE A 48 -9.97 -2.33 6.32
C PHE A 48 -10.60 -1.88 7.64
N GLY A 49 -9.87 -1.16 8.47
CA GLY A 49 -10.47 -0.64 9.73
C GLY A 49 -9.37 -0.10 10.66
N THR A 50 -9.76 0.55 11.72
CA THR A 50 -8.78 1.01 12.75
C THR A 50 -9.07 0.35 14.12
N GLU A 51 -10.00 -0.58 14.16
CA GLU A 51 -10.57 -1.08 15.46
C GLU A 51 -9.48 -1.44 16.49
N ASP A 52 -8.29 -1.79 16.04
CA ASP A 52 -7.21 -2.18 17.00
C ASP A 52 -6.81 -1.00 17.88
N ARG A 53 -6.36 0.07 17.28
CA ARG A 53 -6.01 1.31 18.07
C ARG A 53 -7.20 2.30 18.11
N ASP A 54 -8.37 1.88 17.67
CA ASP A 54 -9.49 2.85 17.46
C ASP A 54 -9.87 3.57 18.77
N THR A 55 -10.75 4.53 18.69
CA THR A 55 -11.28 5.19 19.93
C THR A 55 -12.35 4.30 20.56
N GLN A 56 -12.69 4.56 21.80
CA GLN A 56 -13.70 3.70 22.49
C GLN A 56 -15.14 4.05 22.03
N PHE A 57 -15.29 4.94 21.09
CA PHE A 57 -16.63 5.17 20.46
C PHE A 57 -16.73 4.39 19.15
N GLN A 58 -17.94 4.04 18.74
CA GLN A 58 -18.10 3.18 17.52
C GLN A 58 -17.68 3.94 16.26
N ILE A 59 -16.97 3.30 15.37
CA ILE A 59 -16.58 3.95 14.08
C ILE A 59 -17.21 3.18 12.92
N ALA A 60 -17.75 3.88 11.95
CA ALA A 60 -18.41 3.20 10.79
C ALA A 60 -17.36 2.85 9.72
N PRO A 61 -17.48 1.67 9.14
CA PRO A 61 -16.53 1.26 8.05
C PRO A 61 -16.66 2.19 6.84
N GLN A 62 -15.58 2.40 6.13
CA GLN A 62 -15.64 3.28 4.91
C GLN A 62 -15.82 2.42 3.66
N SER A 63 -16.93 2.56 2.99
CA SER A 63 -17.19 1.76 1.76
C SER A 63 -16.57 2.44 0.53
N GLN A 64 -16.56 3.76 0.52
CA GLN A 64 -15.99 4.50 -0.66
C GLN A 64 -14.51 4.19 -0.85
N ILE A 65 -14.07 4.06 -2.08
CA ILE A 65 -12.64 3.77 -2.36
C ILE A 65 -11.89 5.07 -2.66
N TYR A 66 -10.63 5.14 -2.29
CA TYR A 66 -9.83 6.38 -2.56
C TYR A 66 -9.07 6.23 -3.88
N ASP A 67 -9.41 7.05 -4.86
CA ASP A 67 -8.69 7.00 -6.18
C ASP A 67 -7.16 7.08 -6.00
N TYR A 68 -6.70 7.94 -5.12
CA TYR A 68 -5.22 8.16 -4.97
C TYR A 68 -4.90 8.60 -3.54
N ILE A 69 -3.94 7.96 -2.91
CA ILE A 69 -3.45 8.44 -1.59
C ILE A 69 -1.92 8.56 -1.62
N LEU A 70 -1.40 9.69 -1.22
CA LEU A 70 0.09 9.87 -1.15
C LEU A 70 0.60 9.49 0.24
N PHE A 71 1.69 8.76 0.31
CA PHE A 71 2.19 8.27 1.63
C PHE A 71 3.71 8.46 1.74
N ARG A 72 4.16 9.04 2.82
CA ARG A 72 5.64 9.15 3.07
C ARG A 72 6.12 7.93 3.87
N GLY A 73 7.35 7.51 3.63
CA GLY A 73 7.90 6.33 4.39
C GLY A 73 7.90 6.61 5.90
N SER A 74 7.96 7.87 6.28
CA SER A 74 8.01 8.21 7.75
C SER A 74 6.70 7.81 8.45
N ASP A 75 5.57 8.02 7.81
CA ASP A 75 4.27 7.77 8.49
C ASP A 75 3.90 6.28 8.44
N ILE A 76 4.29 5.58 7.39
CA ILE A 76 4.02 4.12 7.31
C ILE A 76 5.30 3.32 7.62
N LYS A 77 5.17 2.25 8.36
CA LYS A 77 6.37 1.59 8.95
C LYS A 77 6.70 0.28 8.23
N ASP A 78 5.76 -0.32 7.52
CA ASP A 78 6.07 -1.62 6.86
C ASP A 78 5.23 -1.81 5.58
N ILE A 79 5.86 -2.28 4.53
CA ILE A 79 5.13 -2.56 3.25
C ILE A 79 5.54 -3.94 2.71
N ARG A 80 4.60 -4.66 2.12
CA ARG A 80 4.93 -6.00 1.56
C ARG A 80 4.08 -6.28 0.32
N VAL A 81 4.68 -6.81 -0.72
CA VAL A 81 3.91 -7.12 -1.97
C VAL A 81 3.30 -8.52 -1.86
N VAL A 82 2.12 -8.71 -2.40
CA VAL A 82 1.46 -10.05 -2.35
C VAL A 82 1.78 -10.85 -3.61
N ASN A 83 2.16 -12.10 -3.47
CA ASN A 83 2.51 -12.93 -4.65
C ASN A 83 1.41 -13.96 -4.93
N ASN A 84 0.83 -13.93 -6.10
CA ASN A 84 -0.23 -14.93 -6.46
C ASN A 84 0.24 -15.81 -7.61
N HIS A 85 0.63 -17.03 -7.33
CA HIS A 85 1.12 -17.94 -8.41
C HIS A 85 0.53 -19.34 -8.23
N THR A 86 0.74 -20.21 -9.19
CA THR A 86 0.19 -21.60 -9.09
C THR A 86 1.33 -22.61 -9.04
N LEU A 87 1.05 -23.82 -8.60
CA LEU A 87 2.11 -24.87 -8.51
C LEU A 87 1.78 -26.04 -9.45
N PRO A 88 2.78 -26.87 -9.70
CA PRO A 88 2.57 -28.04 -10.61
C PRO A 88 1.64 -29.07 -9.94
N GLY A 1 14.00 -4.03 -21.52
CA GLY A 1 13.85 -5.21 -20.61
C GLY A 1 14.84 -6.30 -21.04
N ALA A 2 16.10 -6.12 -20.74
CA ALA A 2 17.13 -7.14 -21.12
C ALA A 2 16.93 -8.43 -20.33
N MET A 3 16.46 -8.31 -19.10
CA MET A 3 16.23 -9.53 -18.27
C MET A 3 14.75 -9.91 -18.28
N ALA A 4 14.45 -11.18 -18.38
CA ALA A 4 13.02 -11.63 -18.42
C ALA A 4 12.36 -11.39 -17.06
N MET A 5 13.11 -11.51 -15.99
CA MET A 5 12.53 -11.29 -14.62
C MET A 5 13.27 -10.16 -13.91
N SER A 6 12.60 -9.47 -13.01
CA SER A 6 13.25 -8.36 -12.26
C SER A 6 12.99 -8.51 -10.76
N GLY A 7 13.84 -7.95 -9.94
CA GLY A 7 13.65 -8.05 -8.45
C GLY A 7 13.69 -6.65 -7.83
N GLY A 8 14.64 -5.84 -8.21
CA GLY A 8 14.76 -4.48 -7.64
C GLY A 8 13.58 -3.61 -8.11
N LEU A 9 13.27 -3.67 -9.38
CA LEU A 9 12.13 -2.86 -9.93
C LEU A 9 10.79 -3.57 -9.66
N PRO A 10 9.94 -2.98 -8.84
CA PRO A 10 8.61 -3.58 -8.56
C PRO A 10 7.73 -3.57 -9.82
N GLU A 11 7.03 -4.64 -10.07
CA GLU A 11 6.13 -4.70 -11.27
C GLU A 11 5.00 -3.67 -11.14
N LEU A 12 4.77 -2.90 -12.16
CA LEU A 12 3.70 -1.83 -12.11
C LEU A 12 2.31 -2.47 -11.95
N GLY A 13 1.45 -1.85 -11.19
CA GLY A 13 0.05 -2.37 -11.04
C GLY A 13 -0.03 -3.51 -10.02
N SER A 14 1.08 -3.92 -9.44
CA SER A 14 1.04 -5.03 -8.44
C SER A 14 0.22 -4.62 -7.21
N LYS A 15 -0.49 -5.55 -6.61
CA LYS A 15 -1.26 -5.23 -5.37
C LYS A 15 -0.33 -5.29 -4.15
N ILE A 16 -0.28 -4.23 -3.38
CA ILE A 16 0.63 -4.20 -2.19
C ILE A 16 -0.20 -3.96 -0.91
N SER A 17 0.20 -4.59 0.17
CA SER A 17 -0.45 -4.33 1.48
C SER A 17 0.45 -3.42 2.33
N LEU A 18 -0.12 -2.46 2.99
CA LEU A 18 0.70 -1.38 3.63
C LEU A 18 0.21 -1.13 5.06
N ILE A 19 1.10 -1.18 6.03
CA ILE A 19 0.69 -0.98 7.46
C ILE A 19 1.16 0.39 7.95
N SER A 20 0.23 1.24 8.32
CA SER A 20 0.59 2.62 8.78
C SER A 20 0.77 2.68 10.29
N LYS A 21 1.49 3.68 10.76
CA LYS A 21 1.89 3.76 12.22
C LYS A 21 0.68 3.66 13.17
N ALA A 22 -0.52 3.80 12.67
CA ALA A 22 -1.72 3.73 13.57
C ALA A 22 -2.22 2.28 13.64
N ASP A 23 -1.38 1.31 13.33
CA ASP A 23 -1.83 -0.12 13.26
C ASP A 23 -3.03 -0.24 12.32
N ILE A 24 -3.05 0.56 11.28
CA ILE A 24 -4.16 0.49 10.28
C ILE A 24 -3.67 -0.24 9.04
N ARG A 25 -4.52 -1.05 8.45
CA ARG A 25 -4.08 -1.80 7.22
C ARG A 25 -4.72 -1.16 5.98
N TYR A 26 -3.90 -0.70 5.08
CA TYR A 26 -4.41 -0.18 3.77
C TYR A 26 -3.92 -1.09 2.64
N GLU A 27 -4.68 -1.21 1.58
CA GLU A 27 -4.21 -2.01 0.42
C GLU A 27 -4.61 -1.31 -0.88
N GLY A 28 -3.74 -1.32 -1.87
CA GLY A 28 -4.04 -0.57 -3.12
C GLY A 28 -3.05 -0.95 -4.22
N ARG A 29 -3.29 -0.46 -5.42
CA ARG A 29 -2.36 -0.77 -6.56
C ARG A 29 -1.18 0.20 -6.57
N LEU A 30 0.01 -0.30 -6.80
CA LEU A 30 1.20 0.60 -6.92
C LEU A 30 1.09 1.49 -8.17
N TYR A 31 1.03 2.79 -7.99
CA TYR A 31 0.92 3.71 -9.15
C TYR A 31 2.29 4.30 -9.49
N THR A 32 2.97 4.85 -8.51
CA THR A 32 4.30 5.49 -8.78
C THR A 32 5.16 5.48 -7.51
N VAL A 33 6.46 5.56 -7.68
CA VAL A 33 7.37 5.53 -6.50
C VAL A 33 8.55 6.51 -6.71
N ASP A 34 9.03 7.12 -5.66
CA ASP A 34 10.20 8.04 -5.77
C ASP A 34 11.27 7.64 -4.75
N PRO A 35 12.31 6.94 -5.21
CA PRO A 35 13.34 6.40 -4.28
C PRO A 35 14.05 7.55 -3.55
N GLN A 36 14.39 8.60 -4.25
CA GLN A 36 15.24 9.67 -3.64
C GLN A 36 14.39 10.60 -2.77
N GLU A 37 13.11 10.68 -3.03
CA GLU A 37 12.20 11.45 -2.11
C GLU A 37 11.69 10.57 -0.96
N CYS A 38 12.10 9.31 -0.88
CA CYS A 38 11.57 8.39 0.17
C CYS A 38 10.04 8.41 0.24
N THR A 39 9.39 8.50 -0.90
CA THR A 39 7.90 8.67 -0.91
C THR A 39 7.27 7.75 -1.95
N ILE A 40 6.02 7.41 -1.77
CA ILE A 40 5.32 6.56 -2.78
C ILE A 40 3.86 7.02 -2.92
N ALA A 41 3.21 6.65 -3.99
CA ALA A 41 1.77 6.98 -4.16
C ALA A 41 1.01 5.77 -4.69
N LEU A 42 -0.06 5.40 -4.03
CA LEU A 42 -0.85 4.20 -4.45
C LEU A 42 -2.18 4.63 -5.03
N SER A 43 -2.68 3.91 -6.01
CA SER A 43 -3.96 4.31 -6.66
C SER A 43 -5.00 3.21 -6.44
N SER A 44 -6.26 3.56 -6.42
CA SER A 44 -7.34 2.58 -6.05
C SER A 44 -6.93 1.81 -4.78
N VAL A 45 -7.18 2.40 -3.64
CA VAL A 45 -6.79 1.75 -2.34
C VAL A 45 -7.96 1.84 -1.34
N ARG A 46 -8.07 0.90 -0.46
CA ARG A 46 -9.15 0.93 0.58
C ARG A 46 -8.57 0.58 1.96
N SER A 47 -9.18 1.06 3.01
CA SER A 47 -8.69 0.73 4.39
C SER A 47 -9.64 -0.27 5.06
N PHE A 48 -9.11 -1.24 5.76
CA PHE A 48 -9.97 -2.33 6.32
C PHE A 48 -10.60 -1.88 7.64
N GLY A 49 -9.87 -1.16 8.47
CA GLY A 49 -10.47 -0.64 9.73
C GLY A 49 -9.37 -0.10 10.66
N THR A 50 -9.76 0.55 11.72
CA THR A 50 -8.78 1.01 12.75
C THR A 50 -9.07 0.35 14.12
N GLU A 51 -10.00 -0.58 14.16
CA GLU A 51 -10.57 -1.08 15.46
C GLU A 51 -9.48 -1.44 16.49
N ASP A 52 -8.29 -1.79 16.04
CA ASP A 52 -7.21 -2.18 17.00
C ASP A 52 -6.81 -1.00 17.88
N ARG A 53 -6.36 0.07 17.28
CA ARG A 53 -6.01 1.31 18.07
C ARG A 53 -7.20 2.30 18.11
N ASP A 54 -8.37 1.88 17.67
CA ASP A 54 -9.49 2.85 17.46
C ASP A 54 -9.87 3.57 18.77
N THR A 55 -10.75 4.53 18.69
CA THR A 55 -11.28 5.19 19.93
C THR A 55 -12.35 4.30 20.56
N GLN A 56 -12.69 4.56 21.80
CA GLN A 56 -13.70 3.70 22.49
C GLN A 56 -15.14 4.05 22.03
N PHE A 57 -15.29 4.94 21.09
CA PHE A 57 -16.63 5.17 20.46
C PHE A 57 -16.73 4.39 19.15
N GLN A 58 -17.94 4.04 18.74
CA GLN A 58 -18.10 3.18 17.52
C GLN A 58 -17.68 3.94 16.26
N ILE A 59 -16.97 3.30 15.37
CA ILE A 59 -16.58 3.95 14.08
C ILE A 59 -17.21 3.18 12.92
N ALA A 60 -17.75 3.88 11.95
CA ALA A 60 -18.41 3.20 10.79
C ALA A 60 -17.36 2.85 9.72
N PRO A 61 -17.48 1.67 9.14
CA PRO A 61 -16.53 1.26 8.05
C PRO A 61 -16.66 2.19 6.84
N GLN A 62 -15.58 2.40 6.13
CA GLN A 62 -15.64 3.28 4.91
C GLN A 62 -15.82 2.42 3.66
N SER A 63 -16.93 2.56 2.99
CA SER A 63 -17.19 1.76 1.76
C SER A 63 -16.57 2.44 0.53
N GLN A 64 -16.56 3.76 0.52
CA GLN A 64 -15.99 4.50 -0.66
C GLN A 64 -14.51 4.19 -0.85
N ILE A 65 -14.07 4.06 -2.08
CA ILE A 65 -12.64 3.77 -2.36
C ILE A 65 -11.89 5.07 -2.66
N TYR A 66 -10.63 5.14 -2.29
CA TYR A 66 -9.83 6.38 -2.56
C TYR A 66 -9.07 6.23 -3.88
N ASP A 67 -9.41 7.05 -4.86
CA ASP A 67 -8.69 7.00 -6.18
C ASP A 67 -7.16 7.08 -6.00
N TYR A 68 -6.70 7.94 -5.12
CA TYR A 68 -5.22 8.16 -4.97
C TYR A 68 -4.90 8.60 -3.54
N ILE A 69 -3.94 7.96 -2.91
CA ILE A 69 -3.45 8.44 -1.59
C ILE A 69 -1.92 8.56 -1.62
N LEU A 70 -1.40 9.69 -1.22
CA LEU A 70 0.09 9.87 -1.15
C LEU A 70 0.60 9.49 0.24
N PHE A 71 1.69 8.76 0.31
CA PHE A 71 2.19 8.27 1.63
C PHE A 71 3.71 8.46 1.74
N ARG A 72 4.16 9.04 2.82
CA ARG A 72 5.64 9.15 3.07
C ARG A 72 6.12 7.93 3.87
N GLY A 73 7.35 7.51 3.63
CA GLY A 73 7.90 6.33 4.39
C GLY A 73 7.90 6.61 5.90
N SER A 74 7.96 7.87 6.28
CA SER A 74 8.01 8.21 7.75
C SER A 74 6.70 7.81 8.45
N ASP A 75 5.57 8.02 7.81
CA ASP A 75 4.27 7.77 8.49
C ASP A 75 3.90 6.28 8.44
N ILE A 76 4.29 5.58 7.39
CA ILE A 76 4.02 4.12 7.31
C ILE A 76 5.30 3.32 7.62
N LYS A 77 5.17 2.25 8.36
CA LYS A 77 6.37 1.59 8.95
C LYS A 77 6.70 0.28 8.23
N ASP A 78 5.76 -0.32 7.52
CA ASP A 78 6.07 -1.62 6.86
C ASP A 78 5.23 -1.81 5.58
N ILE A 79 5.86 -2.28 4.53
CA ILE A 79 5.13 -2.56 3.25
C ILE A 79 5.54 -3.94 2.71
N ARG A 80 4.60 -4.66 2.12
CA ARG A 80 4.93 -6.00 1.56
C ARG A 80 4.08 -6.28 0.32
N VAL A 81 4.68 -6.81 -0.72
CA VAL A 81 3.91 -7.12 -1.97
C VAL A 81 3.30 -8.52 -1.86
N VAL A 82 2.12 -8.71 -2.40
CA VAL A 82 1.46 -10.05 -2.35
C VAL A 82 1.78 -10.85 -3.61
N ASN A 83 2.16 -12.10 -3.47
CA ASN A 83 2.51 -12.93 -4.65
C ASN A 83 1.41 -13.96 -4.93
N ASN A 84 0.83 -13.93 -6.10
CA ASN A 84 -0.23 -14.93 -6.46
C ASN A 84 0.24 -15.81 -7.61
N HIS A 85 0.63 -17.03 -7.33
CA HIS A 85 1.12 -17.94 -8.41
C HIS A 85 0.53 -19.34 -8.23
N THR A 86 0.74 -20.21 -9.19
CA THR A 86 0.19 -21.60 -9.09
C THR A 86 1.33 -22.61 -9.04
N LEU A 87 1.05 -23.82 -8.60
CA LEU A 87 2.11 -24.87 -8.51
C LEU A 87 1.78 -26.04 -9.45
N PRO A 88 2.78 -26.87 -9.70
CA PRO A 88 2.57 -28.04 -10.61
C PRO A 88 1.64 -29.07 -9.94
N GLY A 1 20.97 -21.78 -19.37
CA GLY A 1 22.00 -21.61 -20.43
C GLY A 1 22.03 -20.15 -20.88
N ALA A 2 20.91 -19.64 -21.32
CA ALA A 2 20.85 -18.21 -21.79
C ALA A 2 19.50 -17.58 -21.40
N MET A 3 19.45 -16.28 -21.31
CA MET A 3 18.18 -15.59 -20.94
C MET A 3 17.45 -15.11 -22.20
N ALA A 4 16.15 -15.27 -22.24
CA ALA A 4 15.38 -14.82 -23.44
C ALA A 4 15.39 -13.29 -23.54
N MET A 5 15.41 -12.61 -22.42
CA MET A 5 15.41 -11.11 -22.43
C MET A 5 16.69 -10.59 -21.77
N SER A 6 17.14 -9.42 -22.18
CA SER A 6 18.37 -8.83 -21.57
C SER A 6 18.14 -8.51 -20.09
N GLY A 7 16.95 -8.09 -19.74
CA GLY A 7 16.64 -7.77 -18.32
C GLY A 7 15.17 -8.08 -18.03
N GLY A 8 14.77 -7.97 -16.79
CA GLY A 8 13.35 -8.27 -16.42
C GLY A 8 12.51 -6.99 -16.58
N LEU A 9 11.23 -7.09 -16.34
CA LEU A 9 10.34 -5.90 -16.47
C LEU A 9 9.10 -6.07 -15.58
N PRO A 10 9.21 -5.66 -14.33
CA PRO A 10 8.05 -5.78 -13.39
C PRO A 10 6.92 -4.83 -13.82
N GLU A 11 5.86 -5.37 -14.36
CA GLU A 11 4.71 -4.52 -14.81
C GLU A 11 4.05 -3.84 -13.61
N LEU A 12 3.69 -2.59 -13.75
CA LEU A 12 3.01 -1.85 -12.63
C LEU A 12 1.64 -2.48 -12.32
N GLY A 13 0.87 -1.86 -11.47
CA GLY A 13 -0.48 -2.40 -11.13
C GLY A 13 -0.41 -3.52 -10.08
N SER A 14 0.78 -3.88 -9.64
CA SER A 14 0.91 -4.96 -8.61
C SER A 14 0.19 -4.57 -7.31
N LYS A 15 -0.43 -5.50 -6.65
CA LYS A 15 -1.14 -5.19 -5.37
C LYS A 15 -0.16 -5.16 -4.20
N ILE A 16 -0.18 -4.10 -3.42
CA ILE A 16 0.74 -4.01 -2.24
C ILE A 16 -0.07 -3.82 -0.95
N SER A 17 0.37 -4.43 0.12
CA SER A 17 -0.28 -4.22 1.45
C SER A 17 0.58 -3.28 2.30
N LEU A 18 -0.05 -2.35 2.97
CA LEU A 18 0.73 -1.26 3.64
C LEU A 18 0.21 -1.03 5.07
N ILE A 19 1.08 -1.09 6.04
CA ILE A 19 0.65 -0.91 7.46
C ILE A 19 1.12 0.46 7.98
N SER A 20 0.17 1.32 8.33
CA SER A 20 0.53 2.70 8.78
C SER A 20 0.70 2.77 10.31
N LYS A 21 1.43 3.77 10.78
CA LYS A 21 1.82 3.84 12.23
C LYS A 21 0.61 3.75 13.19
N ALA A 22 -0.59 3.90 12.68
CA ALA A 22 -1.79 3.82 13.57
C ALA A 22 -2.30 2.38 13.66
N ASP A 23 -1.46 1.41 13.35
CA ASP A 23 -1.91 -0.03 13.29
C ASP A 23 -3.10 -0.16 12.34
N ILE A 24 -3.11 0.63 11.30
CA ILE A 24 -4.23 0.55 10.30
C ILE A 24 -3.73 -0.19 9.06
N ARG A 25 -4.55 -1.01 8.47
CA ARG A 25 -4.12 -1.76 7.26
C ARG A 25 -4.74 -1.14 6.01
N TYR A 26 -3.92 -0.68 5.10
CA TYR A 26 -4.43 -0.17 3.79
C TYR A 26 -3.92 -1.08 2.66
N GLU A 27 -4.68 -1.20 1.60
CA GLU A 27 -4.19 -2.00 0.43
C GLU A 27 -4.59 -1.29 -0.86
N GLY A 28 -3.72 -1.29 -1.84
CA GLY A 28 -4.03 -0.51 -3.09
C GLY A 28 -3.07 -0.90 -4.21
N ARG A 29 -3.33 -0.43 -5.40
CA ARG A 29 -2.44 -0.75 -6.57
C ARG A 29 -1.24 0.22 -6.62
N LEU A 30 -0.07 -0.28 -6.91
CA LEU A 30 1.13 0.61 -7.07
C LEU A 30 0.96 1.51 -8.29
N TYR A 31 0.93 2.81 -8.09
CA TYR A 31 0.84 3.75 -9.25
C TYR A 31 2.22 4.33 -9.57
N THR A 32 2.90 4.85 -8.57
CA THR A 32 4.25 5.46 -8.81
C THR A 32 5.10 5.40 -7.53
N VAL A 33 6.40 5.39 -7.67
CA VAL A 33 7.29 5.31 -6.47
C VAL A 33 8.54 6.19 -6.69
N ASP A 34 9.04 6.79 -5.64
CA ASP A 34 10.28 7.62 -5.76
C ASP A 34 11.29 7.18 -4.68
N PRO A 35 12.27 6.39 -5.06
CA PRO A 35 13.23 5.82 -4.07
C PRO A 35 14.01 6.95 -3.38
N GLN A 36 14.41 7.95 -4.12
CA GLN A 36 15.33 8.99 -3.55
C GLN A 36 14.54 9.99 -2.71
N GLU A 37 13.26 10.16 -2.99
CA GLU A 37 12.41 11.01 -2.11
C GLU A 37 11.82 10.19 -0.94
N CYS A 38 12.13 8.91 -0.85
CA CYS A 38 11.52 8.04 0.21
C CYS A 38 9.99 8.18 0.25
N THR A 39 9.37 8.29 -0.91
CA THR A 39 7.90 8.55 -0.94
C THR A 39 7.22 7.66 -1.99
N ILE A 40 5.97 7.36 -1.81
CA ILE A 40 5.23 6.53 -2.81
C ILE A 40 3.79 7.03 -2.96
N ALA A 41 3.14 6.66 -4.03
CA ALA A 41 1.69 7.01 -4.19
C ALA A 41 0.92 5.81 -4.73
N LEU A 42 -0.14 5.43 -4.07
CA LEU A 42 -0.91 4.23 -4.49
C LEU A 42 -2.27 4.66 -5.05
N SER A 43 -2.78 3.94 -6.02
CA SER A 43 -4.08 4.33 -6.65
C SER A 43 -5.09 3.22 -6.42
N SER A 44 -6.37 3.56 -6.40
CA SER A 44 -7.43 2.56 -6.02
C SER A 44 -7.00 1.80 -4.75
N VAL A 45 -7.27 2.36 -3.60
CA VAL A 45 -6.87 1.72 -2.31
C VAL A 45 -8.03 1.78 -1.32
N ARG A 46 -8.12 0.82 -0.43
CA ARG A 46 -9.20 0.83 0.60
C ARG A 46 -8.62 0.48 1.98
N SER A 47 -9.24 0.94 3.03
CA SER A 47 -8.73 0.64 4.40
C SER A 47 -9.66 -0.35 5.10
N PHE A 48 -9.11 -1.32 5.81
CA PHE A 48 -9.97 -2.38 6.40
C PHE A 48 -10.58 -1.93 7.73
N GLY A 49 -9.84 -1.20 8.53
CA GLY A 49 -10.40 -0.67 9.80
C GLY A 49 -9.27 -0.12 10.69
N THR A 50 -9.65 0.59 11.72
CA THR A 50 -8.64 1.09 12.72
C THR A 50 -8.92 0.50 14.12
N GLU A 51 -9.86 -0.41 14.23
CA GLU A 51 -10.40 -0.84 15.57
C GLU A 51 -9.30 -1.18 16.58
N ASP A 52 -8.13 -1.58 16.12
CA ASP A 52 -7.04 -1.99 17.07
C ASP A 52 -6.60 -0.78 17.91
N ARG A 53 -6.13 0.27 17.28
CA ARG A 53 -5.75 1.50 18.03
C ARG A 53 -6.90 2.52 18.05
N ASP A 54 -8.07 2.14 17.63
CA ASP A 54 -9.18 3.14 17.44
C ASP A 54 -9.50 3.89 18.73
N THR A 55 -10.36 4.87 18.66
CA THR A 55 -10.82 5.60 19.87
C THR A 55 -11.87 4.78 20.62
N GLN A 56 -12.13 5.12 21.86
CA GLN A 56 -13.13 4.32 22.66
C GLN A 56 -14.57 4.67 22.26
N PHE A 57 -14.76 5.51 21.26
CA PHE A 57 -16.11 5.68 20.66
C PHE A 57 -16.26 4.77 19.43
N GLN A 58 -17.46 4.58 18.95
CA GLN A 58 -17.69 3.62 17.82
C GLN A 58 -17.33 4.29 16.49
N ILE A 59 -16.58 3.60 15.66
CA ILE A 59 -16.24 4.14 14.31
C ILE A 59 -16.88 3.25 13.23
N ALA A 60 -17.51 3.84 12.24
CA ALA A 60 -18.17 3.03 11.18
C ALA A 60 -17.16 2.70 10.06
N PRO A 61 -17.31 1.53 9.45
CA PRO A 61 -16.40 1.13 8.34
C PRO A 61 -16.57 2.09 7.14
N GLN A 62 -15.52 2.30 6.39
CA GLN A 62 -15.62 3.20 5.20
C GLN A 62 -15.86 2.37 3.93
N SER A 63 -16.94 2.62 3.24
CA SER A 63 -17.25 1.85 1.99
C SER A 63 -16.66 2.55 0.77
N GLN A 64 -16.60 3.86 0.79
CA GLN A 64 -16.05 4.62 -0.39
C GLN A 64 -14.58 4.25 -0.62
N ILE A 65 -14.17 4.12 -1.86
CA ILE A 65 -12.75 3.79 -2.16
C ILE A 65 -11.98 5.08 -2.48
N TYR A 66 -10.71 5.11 -2.16
CA TYR A 66 -9.89 6.34 -2.43
C TYR A 66 -9.17 6.21 -3.77
N ASP A 67 -9.52 7.04 -4.72
CA ASP A 67 -8.83 7.03 -6.06
C ASP A 67 -7.31 7.10 -5.91
N TYR A 68 -6.83 7.94 -5.02
CA TYR A 68 -5.35 8.16 -4.89
C TYR A 68 -5.00 8.59 -3.47
N ILE A 69 -4.03 7.94 -2.86
CA ILE A 69 -3.51 8.42 -1.54
C ILE A 69 -1.98 8.53 -1.59
N LEU A 70 -1.45 9.66 -1.20
CA LEU A 70 0.03 9.84 -1.13
C LEU A 70 0.54 9.42 0.25
N PHE A 71 1.64 8.70 0.29
CA PHE A 71 2.16 8.18 1.59
C PHE A 71 3.67 8.41 1.70
N ARG A 72 4.10 9.01 2.78
CA ARG A 72 5.58 9.13 3.04
C ARG A 72 6.07 7.93 3.87
N GLY A 73 7.29 7.50 3.64
CA GLY A 73 7.85 6.34 4.41
C GLY A 73 7.84 6.65 5.92
N SER A 74 7.90 7.91 6.28
CA SER A 74 7.95 8.28 7.73
C SER A 74 6.65 7.89 8.45
N ASP A 75 5.52 8.08 7.81
CA ASP A 75 4.21 7.83 8.50
C ASP A 75 3.86 6.33 8.47
N ILE A 76 4.25 5.64 7.43
CA ILE A 76 3.99 4.16 7.38
C ILE A 76 5.25 3.38 7.74
N LYS A 77 5.09 2.32 8.48
CA LYS A 77 6.26 1.64 9.12
C LYS A 77 6.62 0.34 8.38
N ASP A 78 5.71 -0.24 7.63
CA ASP A 78 6.05 -1.51 6.93
C ASP A 78 5.24 -1.67 5.63
N ILE A 79 5.91 -2.04 4.56
CA ILE A 79 5.20 -2.29 3.27
C ILE A 79 5.67 -3.64 2.68
N ARG A 80 4.77 -4.37 2.06
CA ARG A 80 5.16 -5.68 1.45
C ARG A 80 4.35 -5.92 0.16
N VAL A 81 5.03 -6.27 -0.91
CA VAL A 81 4.32 -6.54 -2.20
C VAL A 81 3.90 -8.01 -2.27
N VAL A 82 2.76 -8.30 -2.84
CA VAL A 82 2.30 -9.71 -2.95
C VAL A 82 2.72 -10.30 -4.30
N ASN A 83 3.34 -11.46 -4.29
CA ASN A 83 3.80 -12.09 -5.57
C ASN A 83 3.08 -13.42 -5.79
N ASN A 84 2.71 -13.70 -7.00
CA ASN A 84 2.02 -15.00 -7.31
C ASN A 84 2.97 -15.95 -8.04
N HIS A 85 3.05 -17.18 -7.59
CA HIS A 85 3.97 -18.17 -8.24
C HIS A 85 3.17 -19.36 -8.78
N THR A 86 3.53 -19.84 -9.95
CA THR A 86 2.80 -21.01 -10.54
C THR A 86 3.78 -22.16 -10.80
N LEU A 87 3.37 -23.37 -10.51
CA LEU A 87 4.26 -24.55 -10.74
C LEU A 87 3.72 -25.43 -11.88
N PRO A 88 4.40 -25.42 -13.01
CA PRO A 88 3.95 -26.25 -14.17
C PRO A 88 4.03 -27.75 -13.82
N GLY A 1 30.60 -6.23 -17.22
CA GLY A 1 30.13 -7.64 -17.38
C GLY A 1 29.13 -7.97 -16.27
N ALA A 2 27.96 -8.42 -16.64
CA ALA A 2 26.93 -8.78 -15.62
C ALA A 2 26.97 -10.27 -15.31
N MET A 3 27.07 -10.63 -14.06
CA MET A 3 27.14 -12.08 -13.68
C MET A 3 25.77 -12.73 -13.90
N ALA A 4 24.70 -12.01 -13.66
CA ALA A 4 23.34 -12.58 -13.84
C ALA A 4 22.84 -12.34 -15.28
N MET A 5 22.66 -13.40 -16.03
CA MET A 5 22.17 -13.25 -17.44
C MET A 5 20.72 -12.71 -17.45
N SER A 6 19.93 -13.10 -16.48
CA SER A 6 18.50 -12.66 -16.46
C SER A 6 18.27 -11.72 -15.27
N GLY A 7 17.39 -10.76 -15.42
CA GLY A 7 17.08 -9.82 -14.31
C GLY A 7 15.56 -9.67 -14.17
N GLY A 8 15.11 -8.91 -13.19
CA GLY A 8 13.65 -8.73 -12.99
C GLY A 8 13.35 -7.29 -12.56
N LEU A 9 12.10 -6.94 -12.47
CA LEU A 9 11.72 -5.55 -12.05
C LEU A 9 10.32 -5.54 -11.43
N PRO A 10 10.04 -4.55 -10.62
CA PRO A 10 8.71 -4.45 -9.96
C PRO A 10 7.62 -4.16 -11.00
N GLU A 11 6.75 -5.12 -11.24
CA GLU A 11 5.66 -4.91 -12.25
C GLU A 11 4.71 -3.79 -11.80
N LEU A 12 4.42 -2.85 -12.67
CA LEU A 12 3.48 -1.75 -12.30
C LEU A 12 2.06 -2.31 -12.08
N GLY A 13 1.30 -1.67 -11.22
CA GLY A 13 -0.11 -2.12 -10.98
C GLY A 13 -0.17 -3.30 -9.99
N SER A 14 0.96 -3.79 -9.52
CA SER A 14 0.94 -4.94 -8.56
C SER A 14 0.20 -4.56 -7.28
N LYS A 15 -0.49 -5.50 -6.67
CA LYS A 15 -1.22 -5.20 -5.41
C LYS A 15 -0.27 -5.26 -4.20
N ILE A 16 -0.23 -4.21 -3.42
CA ILE A 16 0.68 -4.19 -2.22
C ILE A 16 -0.14 -3.92 -0.95
N SER A 17 0.26 -4.54 0.14
CA SER A 17 -0.40 -4.27 1.45
C SER A 17 0.49 -3.36 2.30
N LEU A 18 -0.08 -2.39 2.95
CA LEU A 18 0.74 -1.34 3.62
C LEU A 18 0.23 -1.10 5.05
N ILE A 19 1.11 -1.13 6.02
CA ILE A 19 0.69 -0.94 7.44
C ILE A 19 1.16 0.43 7.95
N SER A 20 0.24 1.27 8.34
CA SER A 20 0.60 2.65 8.80
C SER A 20 0.77 2.70 10.33
N LYS A 21 1.51 3.68 10.82
CA LYS A 21 1.90 3.73 12.27
C LYS A 21 0.68 3.65 13.22
N ALA A 22 -0.52 3.82 12.70
CA ALA A 22 -1.73 3.75 13.58
C ALA A 22 -2.25 2.32 13.66
N ASP A 23 -1.42 1.34 13.35
CA ASP A 23 -1.88 -0.09 13.26
C ASP A 23 -3.08 -0.19 12.32
N ILE A 24 -3.08 0.62 11.28
CA ILE A 24 -4.19 0.56 10.28
C ILE A 24 -3.70 -0.18 9.03
N ARG A 25 -4.53 -0.98 8.43
CA ARG A 25 -4.10 -1.71 7.21
C ARG A 25 -4.72 -1.09 5.96
N TYR A 26 -3.89 -0.63 5.06
CA TYR A 26 -4.40 -0.11 3.76
C TYR A 26 -3.89 -1.01 2.63
N GLU A 27 -4.64 -1.16 1.57
CA GLU A 27 -4.15 -1.95 0.41
C GLU A 27 -4.55 -1.26 -0.89
N GLY A 28 -3.68 -1.26 -1.87
CA GLY A 28 -4.00 -0.51 -3.13
C GLY A 28 -3.02 -0.90 -4.24
N ARG A 29 -3.26 -0.42 -5.44
CA ARG A 29 -2.34 -0.73 -6.58
C ARG A 29 -1.15 0.24 -6.59
N LEU A 30 0.04 -0.26 -6.81
CA LEU A 30 1.24 0.64 -6.95
C LEU A 30 1.12 1.50 -8.20
N TYR A 31 1.04 2.79 -8.04
CA TYR A 31 0.94 3.70 -9.23
C TYR A 31 2.30 4.31 -9.55
N THR A 32 2.98 4.86 -8.56
CA THR A 32 4.31 5.50 -8.80
C THR A 32 5.15 5.47 -7.53
N VAL A 33 6.46 5.50 -7.68
CA VAL A 33 7.37 5.45 -6.49
C VAL A 33 8.57 6.38 -6.71
N ASP A 34 9.05 6.99 -5.65
CA ASP A 34 10.26 7.87 -5.76
C ASP A 34 11.30 7.45 -4.72
N PRO A 35 12.32 6.71 -5.15
CA PRO A 35 13.32 6.15 -4.20
C PRO A 35 14.06 7.28 -3.46
N GLN A 36 14.42 8.33 -4.17
CA GLN A 36 15.31 9.36 -3.55
C GLN A 36 14.49 10.32 -2.68
N GLU A 37 13.21 10.45 -2.95
CA GLU A 37 12.32 11.25 -2.05
C GLU A 37 11.76 10.38 -0.91
N CYS A 38 12.12 9.11 -0.84
CA CYS A 38 11.53 8.20 0.21
C CYS A 38 10.00 8.30 0.24
N THR A 39 9.38 8.39 -0.91
CA THR A 39 7.90 8.61 -0.94
C THR A 39 7.25 7.71 -1.98
N ILE A 40 5.99 7.38 -1.80
CA ILE A 40 5.28 6.54 -2.80
C ILE A 40 3.82 7.00 -2.95
N ALA A 41 3.17 6.62 -4.01
CA ALA A 41 1.73 6.96 -4.18
C ALA A 41 0.96 5.74 -4.69
N LEU A 42 -0.12 5.40 -4.03
CA LEU A 42 -0.91 4.20 -4.43
C LEU A 42 -2.24 4.66 -5.04
N SER A 43 -2.72 3.95 -6.04
CA SER A 43 -4.01 4.35 -6.68
C SER A 43 -5.04 3.25 -6.46
N SER A 44 -6.31 3.60 -6.43
CA SER A 44 -7.39 2.63 -6.04
C SER A 44 -6.96 1.84 -4.79
N VAL A 45 -7.26 2.39 -3.63
CA VAL A 45 -6.86 1.74 -2.35
C VAL A 45 -8.04 1.74 -1.36
N ARG A 46 -8.13 0.74 -0.53
CA ARG A 46 -9.23 0.70 0.49
C ARG A 46 -8.63 0.47 1.88
N SER A 47 -9.31 0.93 2.91
CA SER A 47 -8.81 0.69 4.30
C SER A 47 -9.71 -0.32 5.02
N PHE A 48 -9.11 -1.25 5.73
CA PHE A 48 -9.93 -2.34 6.36
C PHE A 48 -10.53 -1.87 7.69
N GLY A 49 -9.81 -1.10 8.46
CA GLY A 49 -10.37 -0.55 9.72
C GLY A 49 -9.26 0.05 10.58
N THR A 50 -9.63 0.79 11.59
CA THR A 50 -8.64 1.35 12.57
C THR A 50 -8.90 0.81 13.98
N GLU A 51 -9.83 -0.11 14.14
CA GLU A 51 -10.32 -0.53 15.50
C GLU A 51 -9.17 -0.83 16.47
N ASP A 52 -8.01 -1.20 15.98
CA ASP A 52 -6.86 -1.51 16.88
C ASP A 52 -6.43 -0.25 17.65
N ARG A 53 -6.04 0.78 16.95
CA ARG A 53 -5.65 2.06 17.63
C ARG A 53 -6.83 3.04 17.71
N ASP A 54 -8.03 2.59 17.39
CA ASP A 54 -9.18 3.53 17.24
C ASP A 54 -9.47 4.28 18.56
N THR A 55 -10.38 5.22 18.52
CA THR A 55 -10.81 5.92 19.77
C THR A 55 -11.78 5.05 20.55
N GLN A 56 -12.01 5.37 21.81
CA GLN A 56 -13.01 4.60 22.61
C GLN A 56 -14.46 5.02 22.24
N PHE A 57 -14.62 5.90 21.27
CA PHE A 57 -15.98 6.13 20.69
C PHE A 57 -16.14 5.31 19.40
N GLN A 58 -17.34 5.16 18.92
CA GLN A 58 -17.58 4.33 17.70
C GLN A 58 -16.97 5.01 16.46
N ILE A 59 -16.40 4.23 15.57
CA ILE A 59 -15.81 4.81 14.32
C ILE A 59 -16.63 4.37 13.10
N ALA A 60 -16.93 5.28 12.22
CA ALA A 60 -17.75 4.93 11.01
C ALA A 60 -16.82 4.69 9.79
N PRO A 61 -16.71 3.45 9.37
CA PRO A 61 -15.86 3.13 8.18
C PRO A 61 -16.47 3.74 6.92
N GLN A 62 -15.65 4.14 5.98
CA GLN A 62 -16.18 4.74 4.72
C GLN A 62 -16.24 3.67 3.61
N SER A 63 -17.43 3.42 3.10
CA SER A 63 -17.56 2.39 2.01
C SER A 63 -16.90 2.88 0.72
N GLN A 64 -16.87 4.18 0.51
CA GLN A 64 -16.24 4.73 -0.74
C GLN A 64 -14.74 4.40 -0.79
N ILE A 65 -14.22 4.17 -1.97
CA ILE A 65 -12.76 3.85 -2.09
C ILE A 65 -11.97 5.11 -2.44
N TYR A 66 -10.71 5.15 -2.11
CA TYR A 66 -9.89 6.37 -2.40
C TYR A 66 -9.17 6.22 -3.74
N ASP A 67 -9.52 7.02 -4.72
CA ASP A 67 -8.84 6.97 -6.05
C ASP A 67 -7.30 7.06 -5.91
N TYR A 68 -6.83 7.90 -5.02
CA TYR A 68 -5.35 8.11 -4.91
C TYR A 68 -5.00 8.56 -3.48
N ILE A 69 -4.01 7.92 -2.88
CA ILE A 69 -3.50 8.42 -1.56
C ILE A 69 -1.96 8.54 -1.62
N LEU A 70 -1.43 9.67 -1.25
CA LEU A 70 0.05 9.84 -1.19
C LEU A 70 0.57 9.48 0.20
N PHE A 71 1.66 8.75 0.27
CA PHE A 71 2.15 8.26 1.59
C PHE A 71 3.67 8.46 1.71
N ARG A 72 4.12 9.03 2.79
CA ARG A 72 5.59 9.14 3.03
C ARG A 72 6.09 7.94 3.84
N GLY A 73 7.32 7.54 3.64
CA GLY A 73 7.88 6.39 4.42
C GLY A 73 7.87 6.72 5.93
N SER A 74 7.87 7.98 6.29
CA SER A 74 7.94 8.35 7.74
C SER A 74 6.68 7.92 8.49
N ASP A 75 5.52 8.11 7.90
CA ASP A 75 4.24 7.81 8.63
C ASP A 75 3.91 6.32 8.53
N ILE A 76 4.25 5.68 7.44
CA ILE A 76 4.00 4.20 7.33
C ILE A 76 5.29 3.43 7.60
N LYS A 77 5.18 2.34 8.33
CA LYS A 77 6.41 1.69 8.90
C LYS A 77 6.71 0.37 8.19
N ASP A 78 5.77 -0.23 7.51
CA ASP A 78 6.06 -1.55 6.86
C ASP A 78 5.24 -1.74 5.58
N ILE A 79 5.87 -2.23 4.53
CA ILE A 79 5.15 -2.50 3.26
C ILE A 79 5.55 -3.88 2.71
N ARG A 80 4.63 -4.59 2.11
CA ARG A 80 4.96 -5.94 1.55
C ARG A 80 4.15 -6.19 0.27
N VAL A 81 4.79 -6.67 -0.77
CA VAL A 81 4.07 -6.96 -2.05
C VAL A 81 3.51 -8.39 -2.01
N VAL A 82 2.36 -8.61 -2.60
CA VAL A 82 1.75 -9.98 -2.59
C VAL A 82 2.16 -10.73 -3.86
N ASN A 83 2.55 -11.99 -3.72
CA ASN A 83 2.98 -12.79 -4.92
C ASN A 83 2.14 -14.06 -5.03
N ASN A 84 2.30 -14.80 -6.09
CA ASN A 84 1.51 -16.06 -6.26
C ASN A 84 2.07 -17.17 -5.36
N HIS A 85 1.36 -18.25 -5.22
CA HIS A 85 1.83 -19.37 -4.34
C HIS A 85 3.12 -19.99 -4.91
N THR A 86 3.24 -20.05 -6.21
CA THR A 86 4.46 -20.64 -6.85
C THR A 86 5.14 -19.59 -7.74
N LEU A 87 6.45 -19.56 -7.74
CA LEU A 87 7.19 -18.58 -8.59
C LEU A 87 7.89 -19.30 -9.75
N PRO A 88 8.25 -18.55 -10.77
CA PRO A 88 8.94 -19.15 -11.95
C PRO A 88 10.35 -19.63 -11.56
N GLY A 1 32.97 -8.23 -16.21
CA GLY A 1 33.49 -9.49 -15.63
C GLY A 1 32.58 -10.65 -16.01
N ALA A 2 31.34 -10.63 -15.56
CA ALA A 2 30.38 -11.73 -15.89
C ALA A 2 28.97 -11.16 -16.08
N MET A 3 28.15 -11.85 -16.83
CA MET A 3 26.75 -11.36 -17.07
C MET A 3 25.74 -12.40 -16.57
N ALA A 4 24.55 -11.96 -16.21
CA ALA A 4 23.51 -12.91 -15.71
C ALA A 4 22.12 -12.44 -16.15
N MET A 5 21.19 -13.36 -16.24
CA MET A 5 19.80 -12.98 -16.66
C MET A 5 18.85 -13.06 -15.47
N SER A 6 17.86 -12.20 -15.44
CA SER A 6 16.88 -12.20 -14.30
C SER A 6 15.45 -12.16 -14.84
N GLY A 7 14.50 -12.64 -14.07
CA GLY A 7 13.08 -12.63 -14.53
C GLY A 7 12.16 -12.47 -13.31
N GLY A 8 12.56 -11.66 -12.36
CA GLY A 8 11.72 -11.45 -11.14
C GLY A 8 11.55 -9.96 -10.88
N LEU A 9 11.29 -9.19 -11.92
CA LEU A 9 11.12 -7.71 -11.75
C LEU A 9 9.70 -7.41 -11.23
N PRO A 10 9.59 -6.47 -10.29
CA PRO A 10 8.26 -6.12 -9.73
C PRO A 10 7.41 -5.43 -10.79
N GLU A 11 6.39 -6.10 -11.28
CA GLU A 11 5.51 -5.47 -12.32
C GLU A 11 4.76 -4.27 -11.75
N LEU A 12 4.66 -3.21 -12.51
CA LEU A 12 3.91 -1.99 -12.02
C LEU A 12 2.42 -2.31 -11.84
N GLY A 13 1.77 -1.61 -10.96
CA GLY A 13 0.30 -1.85 -10.75
C GLY A 13 0.03 -3.06 -9.84
N SER A 14 1.07 -3.74 -9.40
CA SER A 14 0.86 -4.96 -8.53
C SER A 14 0.13 -4.57 -7.24
N LYS A 15 -0.58 -5.50 -6.64
CA LYS A 15 -1.30 -5.19 -5.37
C LYS A 15 -0.36 -5.28 -4.16
N ILE A 16 -0.26 -4.22 -3.40
CA ILE A 16 0.66 -4.22 -2.22
C ILE A 16 -0.14 -3.94 -0.94
N SER A 17 0.25 -4.56 0.15
CA SER A 17 -0.39 -4.29 1.47
C SER A 17 0.50 -3.37 2.30
N LEU A 18 -0.08 -2.40 2.95
CA LEU A 18 0.72 -1.33 3.61
C LEU A 18 0.24 -1.11 5.05
N ILE A 19 1.14 -1.20 6.00
CA ILE A 19 0.74 -1.02 7.44
C ILE A 19 1.22 0.35 7.94
N SER A 20 0.29 1.19 8.35
CA SER A 20 0.66 2.57 8.81
C SER A 20 0.83 2.61 10.34
N LYS A 21 1.56 3.59 10.83
CA LYS A 21 1.95 3.65 12.30
C LYS A 21 0.73 3.55 13.23
N ALA A 22 -0.47 3.73 12.72
CA ALA A 22 -1.68 3.66 13.58
C ALA A 22 -2.20 2.22 13.65
N ASP A 23 -1.38 1.24 13.34
CA ASP A 23 -1.83 -0.19 13.25
C ASP A 23 -3.03 -0.29 12.30
N ILE A 24 -3.03 0.52 11.27
CA ILE A 24 -4.14 0.47 10.27
C ILE A 24 -3.65 -0.27 9.02
N ARG A 25 -4.48 -1.08 8.42
CA ARG A 25 -4.05 -1.81 7.21
C ARG A 25 -4.69 -1.20 5.97
N TYR A 26 -3.87 -0.74 5.05
CA TYR A 26 -4.38 -0.20 3.76
C TYR A 26 -3.90 -1.11 2.63
N GLU A 27 -4.65 -1.22 1.57
CA GLU A 27 -4.18 -2.01 0.39
C GLU A 27 -4.57 -1.31 -0.90
N GLY A 28 -3.70 -1.31 -1.89
CA GLY A 28 -4.00 -0.55 -3.14
C GLY A 28 -3.01 -0.92 -4.24
N ARG A 29 -3.24 -0.43 -5.44
CA ARG A 29 -2.32 -0.74 -6.57
C ARG A 29 -1.14 0.25 -6.59
N LEU A 30 0.06 -0.26 -6.79
CA LEU A 30 1.25 0.66 -6.90
C LEU A 30 1.15 1.51 -8.16
N TYR A 31 1.08 2.82 -8.01
CA TYR A 31 1.00 3.71 -9.20
C TYR A 31 2.37 4.30 -9.53
N THR A 32 3.04 4.85 -8.55
CA THR A 32 4.37 5.49 -8.81
C THR A 32 5.22 5.49 -7.53
N VAL A 33 6.52 5.55 -7.66
CA VAL A 33 7.42 5.52 -6.47
C VAL A 33 8.61 6.48 -6.68
N ASP A 34 9.08 7.10 -5.63
CA ASP A 34 10.26 8.01 -5.76
C ASP A 34 11.32 7.62 -4.71
N PRO A 35 12.33 6.87 -5.12
CA PRO A 35 13.35 6.36 -4.17
C PRO A 35 14.06 7.53 -3.45
N GLN A 36 14.37 8.57 -4.17
CA GLN A 36 15.24 9.65 -3.59
C GLN A 36 14.40 10.58 -2.70
N GLU A 37 13.12 10.67 -2.97
CA GLU A 37 12.22 11.46 -2.05
C GLU A 37 11.69 10.58 -0.90
N CYS A 38 12.11 9.32 -0.84
CA CYS A 38 11.56 8.38 0.21
C CYS A 38 10.01 8.43 0.25
N THR A 39 9.39 8.52 -0.89
CA THR A 39 7.90 8.71 -0.91
C THR A 39 7.27 7.80 -1.96
N ILE A 40 6.02 7.45 -1.79
CA ILE A 40 5.31 6.62 -2.80
C ILE A 40 3.86 7.07 -2.95
N ALA A 41 3.22 6.70 -4.03
CA ALA A 41 1.76 7.03 -4.20
C ALA A 41 1.01 5.81 -4.73
N LEU A 42 -0.06 5.45 -4.07
CA LEU A 42 -0.83 4.23 -4.48
C LEU A 42 -2.18 4.67 -5.07
N SER A 43 -2.67 3.94 -6.04
CA SER A 43 -3.95 4.33 -6.70
C SER A 43 -4.99 3.23 -6.47
N SER A 44 -6.26 3.59 -6.43
CA SER A 44 -7.33 2.61 -6.05
C SER A 44 -6.92 1.83 -4.80
N VAL A 45 -7.20 2.38 -3.64
CA VAL A 45 -6.80 1.72 -2.36
C VAL A 45 -7.99 1.76 -1.37
N ARG A 46 -8.10 0.76 -0.53
CA ARG A 46 -9.20 0.72 0.48
C ARG A 46 -8.61 0.52 1.87
N SER A 47 -9.30 0.99 2.89
CA SER A 47 -8.82 0.78 4.30
C SER A 47 -9.72 -0.24 5.01
N PHE A 48 -9.13 -1.19 5.70
CA PHE A 48 -9.95 -2.29 6.30
C PHE A 48 -10.57 -1.85 7.63
N GLY A 49 -9.83 -1.11 8.43
CA GLY A 49 -10.41 -0.60 9.71
C GLY A 49 -9.30 -0.03 10.60
N THR A 50 -9.69 0.65 11.65
CA THR A 50 -8.70 1.17 12.66
C THR A 50 -8.96 0.55 14.04
N GLU A 51 -9.87 -0.40 14.15
CA GLU A 51 -10.37 -0.88 15.48
C GLU A 51 -9.22 -1.20 16.46
N ASP A 52 -8.06 -1.54 15.95
CA ASP A 52 -6.91 -1.85 16.86
C ASP A 52 -6.48 -0.60 17.64
N ARG A 53 -6.09 0.44 16.94
CA ARG A 53 -5.72 1.72 17.63
C ARG A 53 -6.91 2.69 17.70
N ASP A 54 -8.10 2.23 17.38
CA ASP A 54 -9.27 3.17 17.24
C ASP A 54 -9.54 3.93 18.54
N THR A 55 -10.33 4.97 18.46
CA THR A 55 -10.77 5.70 19.69
C THR A 55 -11.89 4.92 20.39
N GLN A 56 -12.17 5.24 21.63
CA GLN A 56 -13.25 4.52 22.37
C GLN A 56 -14.64 4.99 21.94
N PHE A 57 -14.73 5.87 20.97
CA PHE A 57 -16.05 6.17 20.33
C PHE A 57 -16.20 5.35 19.04
N GLN A 58 -17.40 5.15 18.59
CA GLN A 58 -17.63 4.29 17.38
C GLN A 58 -17.14 5.01 16.12
N ILE A 59 -16.51 4.29 15.22
CA ILE A 59 -16.04 4.90 13.94
C ILE A 59 -16.80 4.28 12.75
N ALA A 60 -17.25 5.10 11.84
CA ALA A 60 -18.01 4.57 10.66
C ALA A 60 -17.06 4.44 9.45
N PRO A 61 -16.75 3.21 9.06
CA PRO A 61 -15.86 3.01 7.88
C PRO A 61 -16.56 3.48 6.59
N GLN A 62 -15.82 3.99 5.66
CA GLN A 62 -16.43 4.49 4.39
C GLN A 62 -16.36 3.41 3.30
N SER A 63 -17.48 3.05 2.74
CA SER A 63 -17.50 2.00 1.66
C SER A 63 -16.81 2.54 0.39
N GLN A 64 -16.86 3.83 0.17
CA GLN A 64 -16.22 4.43 -1.05
C GLN A 64 -14.70 4.17 -1.03
N ILE A 65 -14.12 3.98 -2.19
CA ILE A 65 -12.65 3.71 -2.27
C ILE A 65 -11.90 5.02 -2.58
N TYR A 66 -10.64 5.09 -2.23
CA TYR A 66 -9.86 6.34 -2.49
C TYR A 66 -9.11 6.21 -3.83
N ASP A 67 -9.46 7.03 -4.79
CA ASP A 67 -8.77 7.00 -6.12
C ASP A 67 -7.24 7.08 -5.97
N TYR A 68 -6.76 7.93 -5.09
CA TYR A 68 -5.29 8.15 -4.97
C TYR A 68 -4.94 8.60 -3.55
N ILE A 69 -3.98 7.96 -2.93
CA ILE A 69 -3.46 8.45 -1.61
C ILE A 69 -1.94 8.57 -1.65
N LEU A 70 -1.42 9.71 -1.27
CA LEU A 70 0.06 9.88 -1.19
C LEU A 70 0.57 9.49 0.20
N PHE A 71 1.66 8.76 0.27
CA PHE A 71 2.16 8.26 1.58
C PHE A 71 3.67 8.47 1.71
N ARG A 72 4.10 9.05 2.81
CA ARG A 72 5.57 9.17 3.06
C ARG A 72 6.08 7.95 3.85
N GLY A 73 7.31 7.56 3.62
CA GLY A 73 7.89 6.41 4.38
C GLY A 73 7.89 6.70 5.90
N SER A 74 7.87 7.95 6.28
CA SER A 74 7.96 8.30 7.74
C SER A 74 6.70 7.86 8.49
N ASP A 75 5.53 8.07 7.91
CA ASP A 75 4.26 7.75 8.65
C ASP A 75 3.92 6.26 8.55
N ILE A 76 4.27 5.63 7.45
CA ILE A 76 4.02 4.16 7.33
C ILE A 76 5.31 3.38 7.61
N LYS A 77 5.19 2.26 8.29
CA LYS A 77 6.38 1.59 8.87
C LYS A 77 6.76 0.33 8.08
N ASP A 78 5.82 -0.28 7.39
CA ASP A 78 6.16 -1.55 6.67
C ASP A 78 5.31 -1.74 5.42
N ILE A 79 5.93 -2.15 4.34
CA ILE A 79 5.17 -2.44 3.07
C ILE A 79 5.60 -3.80 2.50
N ARG A 80 4.66 -4.58 2.04
CA ARG A 80 5.01 -5.94 1.49
C ARG A 80 4.10 -6.27 0.30
N VAL A 81 4.63 -6.93 -0.70
CA VAL A 81 3.80 -7.30 -1.90
C VAL A 81 3.05 -8.62 -1.63
N VAL A 82 1.86 -8.76 -2.18
CA VAL A 82 1.07 -10.01 -1.94
C VAL A 82 1.27 -10.98 -3.11
N ASN A 83 1.54 -12.23 -2.81
CA ASN A 83 1.72 -13.25 -3.90
C ASN A 83 0.60 -14.29 -3.84
N ASN A 84 -0.13 -14.45 -4.91
CA ASN A 84 -1.25 -15.45 -4.93
C ASN A 84 -1.17 -16.30 -6.20
N HIS A 85 -0.99 -15.67 -7.34
CA HIS A 85 -0.92 -16.42 -8.63
C HIS A 85 0.39 -16.10 -9.36
N THR A 86 0.99 -17.09 -9.98
CA THR A 86 2.27 -16.86 -10.71
C THR A 86 2.09 -17.21 -12.20
N LEU A 87 2.69 -16.44 -13.07
CA LEU A 87 2.56 -16.70 -14.54
C LEU A 87 3.84 -17.38 -15.07
N PRO A 88 3.74 -18.65 -15.42
CA PRO A 88 4.93 -19.37 -15.97
C PRO A 88 5.35 -18.76 -17.32
N GLY A 1 11.96 -10.64 -22.19
CA GLY A 1 13.29 -10.08 -22.55
C GLY A 1 14.40 -10.96 -21.96
N ALA A 2 15.16 -11.62 -22.79
CA ALA A 2 16.26 -12.50 -22.28
C ALA A 2 17.36 -11.65 -21.64
N MET A 3 17.60 -10.47 -22.15
CA MET A 3 18.68 -9.60 -21.60
C MET A 3 18.34 -9.16 -20.16
N ALA A 4 17.09 -8.91 -19.89
CA ALA A 4 16.68 -8.46 -18.53
C ALA A 4 15.94 -9.58 -17.79
N MET A 5 15.95 -9.55 -16.49
CA MET A 5 15.23 -10.61 -15.70
C MET A 5 13.77 -10.21 -15.51
N SER A 6 12.86 -11.04 -15.97
CA SER A 6 11.40 -10.72 -15.84
C SER A 6 10.98 -10.73 -14.37
N GLY A 7 11.56 -11.61 -13.59
CA GLY A 7 11.19 -11.70 -12.14
C GLY A 7 12.26 -11.02 -11.29
N GLY A 8 12.85 -9.96 -11.81
CA GLY A 8 13.89 -9.22 -11.03
C GLY A 8 13.31 -7.92 -10.48
N LEU A 9 12.85 -7.05 -11.36
CA LEU A 9 12.24 -5.77 -10.90
C LEU A 9 10.77 -5.99 -10.48
N PRO A 10 10.28 -5.18 -9.57
CA PRO A 10 8.87 -5.30 -9.12
C PRO A 10 7.92 -4.90 -10.27
N GLU A 11 6.95 -5.73 -10.56
CA GLU A 11 5.98 -5.41 -11.66
C GLU A 11 5.14 -4.17 -11.29
N LEU A 12 5.08 -3.22 -12.18
CA LEU A 12 4.27 -1.98 -11.91
C LEU A 12 2.78 -2.33 -11.78
N GLY A 13 2.07 -1.63 -10.92
CA GLY A 13 0.59 -1.88 -10.78
C GLY A 13 0.32 -3.09 -9.87
N SER A 14 1.34 -3.76 -9.38
CA SER A 14 1.12 -4.97 -8.52
C SER A 14 0.32 -4.59 -7.25
N LYS A 15 -0.36 -5.54 -6.67
CA LYS A 15 -1.14 -5.26 -5.41
C LYS A 15 -0.20 -5.30 -4.19
N ILE A 16 -0.13 -4.23 -3.45
CA ILE A 16 0.77 -4.20 -2.26
C ILE A 16 -0.05 -3.95 -0.98
N SER A 17 0.34 -4.55 0.11
CA SER A 17 -0.32 -4.30 1.42
C SER A 17 0.55 -3.37 2.27
N LEU A 18 -0.04 -2.40 2.92
CA LEU A 18 0.75 -1.32 3.57
C LEU A 18 0.24 -1.08 4.99
N ILE A 19 1.12 -1.15 5.97
CA ILE A 19 0.69 -0.96 7.39
C ILE A 19 1.16 0.42 7.89
N SER A 20 0.23 1.27 8.25
CA SER A 20 0.59 2.66 8.70
C SER A 20 0.74 2.73 10.23
N LYS A 21 1.46 3.72 10.71
CA LYS A 21 1.83 3.79 12.17
C LYS A 21 0.62 3.71 13.11
N ALA A 22 -0.58 3.86 12.58
CA ALA A 22 -1.79 3.79 13.46
C ALA A 22 -2.32 2.35 13.54
N ASP A 23 -1.47 1.38 13.24
CA ASP A 23 -1.92 -0.06 13.18
C ASP A 23 -3.11 -0.18 12.22
N ILE A 24 -3.10 0.61 11.17
CA ILE A 24 -4.20 0.53 10.16
C ILE A 24 -3.70 -0.21 8.93
N ARG A 25 -4.52 -1.03 8.33
CA ARG A 25 -4.07 -1.78 7.12
C ARG A 25 -4.70 -1.17 5.87
N TYR A 26 -3.88 -0.71 4.97
CA TYR A 26 -4.39 -0.21 3.65
C TYR A 26 -3.87 -1.11 2.54
N GLU A 27 -4.62 -1.28 1.49
CA GLU A 27 -4.12 -2.07 0.33
C GLU A 27 -4.53 -1.39 -0.98
N GLY A 28 -3.65 -1.37 -1.96
CA GLY A 28 -3.97 -0.63 -3.22
C GLY A 28 -2.95 -0.99 -4.31
N ARG A 29 -3.18 -0.52 -5.51
CA ARG A 29 -2.24 -0.81 -6.64
C ARG A 29 -1.10 0.20 -6.66
N LEU A 30 0.12 -0.26 -6.85
CA LEU A 30 1.28 0.68 -6.96
C LEU A 30 1.17 1.54 -8.22
N TYR A 31 1.10 2.83 -8.06
CA TYR A 31 1.01 3.74 -9.24
C TYR A 31 2.38 4.34 -9.56
N THR A 32 3.04 4.91 -8.57
CA THR A 32 4.37 5.55 -8.81
C THR A 32 5.22 5.54 -7.53
N VAL A 33 6.52 5.57 -7.67
CA VAL A 33 7.42 5.53 -6.47
C VAL A 33 8.63 6.45 -6.69
N ASP A 34 9.11 7.07 -5.64
CA ASP A 34 10.33 7.93 -5.75
C ASP A 34 11.35 7.53 -4.67
N PRO A 35 12.36 6.77 -5.07
CA PRO A 35 13.34 6.23 -4.08
C PRO A 35 14.09 7.37 -3.38
N GLN A 36 14.46 8.39 -4.11
CA GLN A 36 15.34 9.45 -3.52
C GLN A 36 14.50 10.44 -2.70
N GLU A 37 13.23 10.54 -2.99
CA GLU A 37 12.33 11.37 -2.12
C GLU A 37 11.77 10.55 -0.96
N CYS A 38 12.13 9.28 -0.84
CA CYS A 38 11.55 8.39 0.23
C CYS A 38 10.01 8.48 0.25
N THR A 39 9.39 8.57 -0.90
CA THR A 39 7.91 8.77 -0.94
C THR A 39 7.28 7.88 -1.99
N ILE A 40 6.03 7.52 -1.82
CA ILE A 40 5.32 6.68 -2.83
C ILE A 40 3.86 7.12 -2.96
N ALA A 41 3.21 6.74 -4.03
CA ALA A 41 1.76 7.06 -4.19
C ALA A 41 1.02 5.83 -4.72
N LEU A 42 -0.03 5.44 -4.06
CA LEU A 42 -0.81 4.23 -4.49
C LEU A 42 -2.16 4.65 -5.06
N SER A 43 -2.67 3.92 -6.01
CA SER A 43 -3.96 4.32 -6.66
C SER A 43 -4.98 3.21 -6.46
N SER A 44 -6.26 3.56 -6.44
CA SER A 44 -7.33 2.57 -6.09
C SER A 44 -6.92 1.77 -4.84
N VAL A 45 -7.22 2.28 -3.68
CA VAL A 45 -6.82 1.61 -2.41
C VAL A 45 -8.00 1.60 -1.42
N ARG A 46 -8.11 0.54 -0.65
CA ARG A 46 -9.22 0.45 0.36
C ARG A 46 -8.62 0.32 1.77
N SER A 47 -9.34 0.76 2.78
CA SER A 47 -8.86 0.59 4.18
C SER A 47 -9.73 -0.42 4.92
N PHE A 48 -9.13 -1.34 5.63
CA PHE A 48 -9.92 -2.44 6.26
C PHE A 48 -10.52 -2.00 7.60
N GLY A 49 -9.80 -1.23 8.37
CA GLY A 49 -10.36 -0.73 9.66
C GLY A 49 -9.25 -0.12 10.53
N THR A 50 -9.63 0.51 11.61
CA THR A 50 -8.63 1.00 12.61
C THR A 50 -8.83 0.32 13.98
N GLU A 51 -9.71 -0.66 14.06
CA GLU A 51 -10.19 -1.19 15.38
C GLU A 51 -9.02 -1.56 16.32
N ASP A 52 -7.86 -1.85 15.79
CA ASP A 52 -6.72 -2.29 16.68
C ASP A 52 -6.30 -1.15 17.62
N ARG A 53 -5.88 -0.03 17.07
CA ARG A 53 -5.53 1.15 17.93
C ARG A 53 -6.73 2.11 18.07
N ASP A 54 -7.91 1.71 17.64
CA ASP A 54 -9.06 2.68 17.57
C ASP A 54 -9.36 3.30 18.94
N THR A 55 -10.27 4.24 18.96
CA THR A 55 -10.73 4.84 20.26
C THR A 55 -11.73 3.90 20.94
N GLN A 56 -11.99 4.10 22.21
CA GLN A 56 -12.94 3.20 22.93
C GLN A 56 -14.41 3.54 22.59
N PHE A 57 -14.64 4.45 21.67
CA PHE A 57 -16.01 4.63 21.11
C PHE A 57 -16.14 3.86 19.80
N GLN A 58 -17.34 3.67 19.32
CA GLN A 58 -17.55 2.84 18.10
C GLN A 58 -17.24 3.66 16.84
N ILE A 59 -16.49 3.09 15.92
CA ILE A 59 -16.19 3.80 14.63
C ILE A 59 -16.83 3.05 13.47
N ALA A 60 -17.46 3.76 12.56
CA ALA A 60 -18.13 3.09 11.41
C ALA A 60 -17.13 2.93 10.25
N PRO A 61 -17.26 1.84 9.50
CA PRO A 61 -16.33 1.59 8.36
C PRO A 61 -16.57 2.61 7.25
N GLN A 62 -15.54 2.95 6.51
CA GLN A 62 -15.69 3.92 5.39
C GLN A 62 -15.97 3.17 4.08
N SER A 63 -17.19 3.24 3.60
CA SER A 63 -17.54 2.52 2.33
C SER A 63 -16.82 3.18 1.14
N GLN A 64 -16.67 4.49 1.17
CA GLN A 64 -16.01 5.20 0.03
C GLN A 64 -14.57 4.71 -0.16
N ILE A 65 -14.17 4.43 -1.38
CA ILE A 65 -12.77 3.98 -1.64
C ILE A 65 -11.92 5.18 -2.10
N TYR A 66 -10.64 5.13 -1.88
CA TYR A 66 -9.77 6.31 -2.21
C TYR A 66 -9.12 6.12 -3.59
N ASP A 67 -9.50 6.92 -4.56
CA ASP A 67 -8.84 6.87 -5.90
C ASP A 67 -7.31 6.96 -5.79
N TYR A 68 -6.82 7.80 -4.92
CA TYR A 68 -5.34 8.03 -4.82
C TYR A 68 -4.98 8.49 -3.41
N ILE A 69 -3.99 7.85 -2.82
CA ILE A 69 -3.46 8.35 -1.50
C ILE A 69 -1.94 8.51 -1.58
N LEU A 70 -1.44 9.66 -1.20
CA LEU A 70 0.04 9.88 -1.15
C LEU A 70 0.57 9.50 0.25
N PHE A 71 1.68 8.81 0.30
CA PHE A 71 2.19 8.31 1.61
C PHE A 71 3.71 8.53 1.72
N ARG A 72 4.15 9.09 2.81
CA ARG A 72 5.63 9.20 3.06
C ARG A 72 6.12 7.98 3.85
N GLY A 73 7.34 7.57 3.62
CA GLY A 73 7.90 6.40 4.37
C GLY A 73 7.89 6.66 5.88
N SER A 74 7.96 7.92 6.28
CA SER A 74 8.00 8.25 7.74
C SER A 74 6.70 7.85 8.44
N ASP A 75 5.57 8.05 7.79
CA ASP A 75 4.26 7.79 8.47
C ASP A 75 3.91 6.30 8.42
N ILE A 76 4.30 5.60 7.37
CA ILE A 76 4.04 4.14 7.30
C ILE A 76 5.31 3.35 7.61
N LYS A 77 5.18 2.27 8.35
CA LYS A 77 6.36 1.59 8.95
C LYS A 77 6.70 0.29 8.22
N ASP A 78 5.76 -0.29 7.48
CA ASP A 78 6.07 -1.59 6.80
C ASP A 78 5.26 -1.74 5.51
N ILE A 79 5.92 -2.15 4.45
CA ILE A 79 5.21 -2.42 3.15
C ILE A 79 5.66 -3.77 2.58
N ARG A 80 4.74 -4.54 2.05
CA ARG A 80 5.12 -5.88 1.48
C ARG A 80 4.22 -6.22 0.29
N VAL A 81 4.75 -6.89 -0.70
CA VAL A 81 3.93 -7.27 -1.90
C VAL A 81 3.17 -8.58 -1.62
N VAL A 82 1.98 -8.71 -2.18
CA VAL A 82 1.17 -9.94 -1.94
C VAL A 82 0.50 -10.41 -3.23
N ASN A 83 0.32 -11.70 -3.39
CA ASN A 83 -0.33 -12.23 -4.62
C ASN A 83 -1.79 -12.60 -4.33
N ASN A 84 -2.66 -12.45 -5.30
CA ASN A 84 -4.11 -12.78 -5.09
C ASN A 84 -4.28 -14.27 -4.84
N HIS A 85 -3.44 -15.09 -5.44
CA HIS A 85 -3.55 -16.57 -5.24
C HIS A 85 -2.61 -17.02 -4.12
N THR A 86 -3.16 -17.41 -2.98
CA THR A 86 -2.31 -17.87 -1.84
C THR A 86 -2.86 -19.19 -1.29
N LEU A 87 -2.09 -19.86 -0.48
CA LEU A 87 -2.56 -21.16 0.13
C LEU A 87 -3.65 -20.89 1.18
N PRO A 88 -4.49 -21.88 1.41
CA PRO A 88 -5.59 -21.71 2.41
C PRO A 88 -5.01 -21.61 3.82
N GLY A 1 1.44 -22.28 -23.05
CA GLY A 1 1.93 -21.37 -21.99
C GLY A 1 3.09 -20.52 -22.53
N ALA A 2 3.94 -20.04 -21.65
CA ALA A 2 5.08 -19.19 -22.10
C ALA A 2 6.37 -20.02 -22.10
N MET A 3 7.22 -19.81 -23.08
CA MET A 3 8.50 -20.58 -23.15
C MET A 3 9.41 -20.22 -21.97
N ALA A 4 9.42 -18.96 -21.59
CA ALA A 4 10.27 -18.52 -20.44
C ALA A 4 9.68 -17.26 -19.79
N MET A 5 9.89 -17.09 -18.51
CA MET A 5 9.36 -15.88 -17.81
C MET A 5 10.51 -15.07 -17.20
N SER A 6 10.62 -13.82 -17.56
CA SER A 6 11.71 -12.96 -17.00
C SER A 6 11.11 -11.69 -16.37
N GLY A 7 11.66 -11.23 -15.28
CA GLY A 7 11.13 -10.00 -14.62
C GLY A 7 12.24 -9.34 -13.80
N GLY A 8 12.72 -8.21 -14.24
CA GLY A 8 13.79 -7.49 -13.47
C GLY A 8 13.16 -6.39 -12.62
N LEU A 9 12.50 -5.45 -13.26
CA LEU A 9 11.83 -4.34 -12.49
C LEU A 9 10.48 -4.83 -11.94
N PRO A 10 10.01 -4.18 -10.88
CA PRO A 10 8.71 -4.57 -10.28
C PRO A 10 7.56 -4.25 -11.25
N GLU A 11 6.66 -5.19 -11.44
CA GLU A 11 5.52 -4.96 -12.39
C GLU A 11 4.61 -3.83 -11.88
N LEU A 12 4.35 -2.85 -12.71
CA LEU A 12 3.44 -1.72 -12.28
C LEU A 12 2.02 -2.24 -12.04
N GLY A 13 1.29 -1.60 -11.15
CA GLY A 13 -0.12 -2.02 -10.89
C GLY A 13 -0.21 -3.21 -9.94
N SER A 14 0.92 -3.75 -9.50
CA SER A 14 0.88 -4.92 -8.56
C SER A 14 0.17 -4.55 -7.27
N LYS A 15 -0.50 -5.50 -6.65
CA LYS A 15 -1.21 -5.21 -5.36
C LYS A 15 -0.24 -5.25 -4.18
N ILE A 16 -0.19 -4.19 -3.40
CA ILE A 16 0.72 -4.16 -2.22
C ILE A 16 -0.09 -3.93 -0.94
N SER A 17 0.34 -4.55 0.14
CA SER A 17 -0.32 -4.31 1.45
C SER A 17 0.55 -3.38 2.31
N LEU A 18 -0.06 -2.42 2.97
CA LEU A 18 0.72 -1.34 3.62
C LEU A 18 0.23 -1.12 5.06
N ILE A 19 1.12 -1.18 6.02
CA ILE A 19 0.71 -1.01 7.45
C ILE A 19 1.17 0.37 7.95
N SER A 20 0.23 1.21 8.33
CA SER A 20 0.57 2.60 8.77
C SER A 20 0.76 2.68 10.29
N LYS A 21 1.49 3.68 10.75
CA LYS A 21 1.91 3.77 12.19
C LYS A 21 0.72 3.66 13.16
N ALA A 22 -0.50 3.79 12.69
CA ALA A 22 -1.68 3.67 13.59
C ALA A 22 -2.16 2.21 13.66
N ASP A 23 -1.29 1.27 13.32
CA ASP A 23 -1.70 -0.18 13.25
C ASP A 23 -2.91 -0.34 12.35
N ILE A 24 -2.98 0.46 11.31
CA ILE A 24 -4.12 0.35 10.34
C ILE A 24 -3.64 -0.38 9.08
N ARG A 25 -4.49 -1.17 8.48
CA ARG A 25 -4.07 -1.91 7.25
C ARG A 25 -4.71 -1.26 6.01
N TYR A 26 -3.89 -0.80 5.11
CA TYR A 26 -4.39 -0.25 3.81
C TYR A 26 -3.91 -1.16 2.68
N GLU A 27 -4.66 -1.25 1.61
CA GLU A 27 -4.20 -2.06 0.43
C GLU A 27 -4.60 -1.34 -0.86
N GLY A 28 -3.73 -1.35 -1.85
CA GLY A 28 -4.04 -0.59 -3.10
C GLY A 28 -3.05 -0.95 -4.21
N ARG A 29 -3.29 -0.46 -5.39
CA ARG A 29 -2.36 -0.76 -6.55
C ARG A 29 -1.19 0.23 -6.56
N LEU A 30 0.01 -0.26 -6.78
CA LEU A 30 1.19 0.66 -6.90
C LEU A 30 1.07 1.52 -8.16
N TYR A 31 1.03 2.82 -8.01
CA TYR A 31 0.95 3.73 -9.20
C TYR A 31 2.33 4.30 -9.52
N THR A 32 3.01 4.85 -8.54
CA THR A 32 4.35 5.46 -8.78
C THR A 32 5.19 5.44 -7.50
N VAL A 33 6.50 5.48 -7.64
CA VAL A 33 7.39 5.45 -6.44
C VAL A 33 8.59 6.38 -6.65
N ASP A 34 9.07 7.00 -5.60
CA ASP A 34 10.28 7.88 -5.71
C ASP A 34 11.31 7.47 -4.66
N PRO A 35 12.30 6.69 -5.08
CA PRO A 35 13.30 6.16 -4.10
C PRO A 35 14.04 7.30 -3.39
N GLN A 36 14.41 8.33 -4.12
CA GLN A 36 15.30 9.38 -3.53
C GLN A 36 14.47 10.35 -2.69
N GLU A 37 13.19 10.48 -2.98
CA GLU A 37 12.30 11.31 -2.10
C GLU A 37 11.74 10.47 -0.92
N CYS A 38 12.11 9.19 -0.82
CA CYS A 38 11.54 8.31 0.24
C CYS A 38 10.00 8.39 0.28
N THR A 39 9.37 8.49 -0.88
CA THR A 39 7.88 8.69 -0.91
C THR A 39 7.24 7.80 -1.96
N ILE A 40 5.99 7.46 -1.78
CA ILE A 40 5.29 6.62 -2.79
C ILE A 40 3.83 7.09 -2.95
N ALA A 41 3.19 6.70 -4.01
CA ALA A 41 1.74 7.04 -4.19
C ALA A 41 0.99 5.82 -4.73
N LEU A 42 -0.08 5.45 -4.07
CA LEU A 42 -0.85 4.24 -4.50
C LEU A 42 -2.19 4.67 -5.09
N SER A 43 -2.70 3.92 -6.03
CA SER A 43 -3.99 4.30 -6.68
C SER A 43 -5.01 3.18 -6.45
N SER A 44 -6.28 3.52 -6.42
CA SER A 44 -7.35 2.54 -6.02
C SER A 44 -6.92 1.77 -4.76
N VAL A 45 -7.15 2.37 -3.61
CA VAL A 45 -6.76 1.72 -2.32
C VAL A 45 -7.91 1.84 -1.31
N ARG A 46 -8.02 0.89 -0.41
CA ARG A 46 -9.10 0.95 0.63
C ARG A 46 -8.53 0.59 2.00
N SER A 47 -9.12 1.07 3.06
CA SER A 47 -8.66 0.72 4.43
C SER A 47 -9.66 -0.24 5.09
N PHE A 48 -9.18 -1.26 5.75
CA PHE A 48 -10.11 -2.31 6.28
C PHE A 48 -10.73 -1.87 7.61
N GLY A 49 -9.97 -1.23 8.46
CA GLY A 49 -10.55 -0.69 9.73
C GLY A 49 -9.44 -0.27 10.67
N THR A 50 -9.79 0.45 11.71
CA THR A 50 -8.80 0.77 12.79
C THR A 50 -9.25 0.19 14.14
N GLU A 51 -10.32 -0.59 14.16
CA GLU A 51 -10.99 -0.99 15.44
C GLU A 51 -9.99 -1.59 16.45
N ASP A 52 -8.93 -2.18 15.97
CA ASP A 52 -7.93 -2.79 16.92
C ASP A 52 -7.27 -1.70 17.77
N ARG A 53 -6.60 -0.77 17.14
CA ARG A 53 -5.97 0.37 17.89
C ARG A 53 -6.90 1.59 17.96
N ASP A 54 -8.15 1.44 17.57
CA ASP A 54 -9.04 2.65 17.42
C ASP A 54 -9.15 3.43 18.73
N THR A 55 -9.81 4.56 18.70
CA THR A 55 -10.07 5.35 19.94
C THR A 55 -11.23 4.74 20.71
N GLN A 56 -11.39 5.10 21.96
CA GLN A 56 -12.50 4.51 22.78
C GLN A 56 -13.85 5.16 22.44
N PHE A 57 -13.88 6.05 21.46
CA PHE A 57 -15.19 6.54 20.93
C PHE A 57 -15.50 5.81 19.61
N GLN A 58 -16.73 5.91 19.15
CA GLN A 58 -17.12 5.15 17.91
C GLN A 58 -16.39 5.69 16.69
N ILE A 59 -15.90 4.82 15.85
CA ILE A 59 -15.20 5.27 14.59
C ILE A 59 -16.03 4.85 13.36
N ALA A 60 -16.16 5.73 12.41
CA ALA A 60 -16.97 5.41 11.19
C ALA A 60 -16.05 4.92 10.05
N PRO A 61 -16.13 3.65 9.73
CA PRO A 61 -15.31 3.10 8.61
C PRO A 61 -15.77 3.68 7.27
N GLN A 62 -14.86 3.91 6.36
CA GLN A 62 -15.23 4.49 5.04
C GLN A 62 -15.38 3.38 3.99
N SER A 63 -16.57 3.18 3.50
CA SER A 63 -16.80 2.11 2.46
C SER A 63 -16.31 2.60 1.09
N GLN A 64 -16.36 3.90 0.85
CA GLN A 64 -15.92 4.43 -0.48
C GLN A 64 -14.43 4.13 -0.73
N ILE A 65 -14.05 4.00 -1.98
CA ILE A 65 -12.61 3.71 -2.30
C ILE A 65 -11.88 5.00 -2.65
N TYR A 66 -10.63 5.10 -2.28
CA TYR A 66 -9.85 6.34 -2.58
C TYR A 66 -9.08 6.19 -3.90
N ASP A 67 -9.43 6.96 -4.90
CA ASP A 67 -8.71 6.89 -6.23
C ASP A 67 -7.19 7.01 -6.04
N TYR A 68 -6.74 7.87 -5.15
CA TYR A 68 -5.28 8.12 -5.01
C TYR A 68 -4.96 8.57 -3.58
N ILE A 69 -3.98 7.95 -2.96
CA ILE A 69 -3.50 8.45 -1.63
C ILE A 69 -1.97 8.57 -1.66
N LEU A 70 -1.45 9.72 -1.26
CA LEU A 70 0.03 9.90 -1.17
C LEU A 70 0.53 9.49 0.22
N PHE A 71 1.64 8.79 0.27
CA PHE A 71 2.14 8.27 1.58
C PHE A 71 3.64 8.50 1.70
N ARG A 72 4.08 9.08 2.79
CA ARG A 72 5.55 9.20 3.06
C ARG A 72 6.05 7.99 3.85
N GLY A 73 7.27 7.58 3.62
CA GLY A 73 7.83 6.41 4.37
C GLY A 73 7.82 6.69 5.88
N SER A 74 7.87 7.93 6.27
CA SER A 74 7.92 8.27 7.73
C SER A 74 6.62 7.87 8.43
N ASP A 75 5.49 8.07 7.79
CA ASP A 75 4.18 7.81 8.45
C ASP A 75 3.83 6.30 8.41
N ILE A 76 4.24 5.61 7.38
CA ILE A 76 3.98 4.14 7.31
C ILE A 76 5.26 3.37 7.66
N LYS A 77 5.10 2.26 8.37
CA LYS A 77 6.28 1.59 8.99
C LYS A 77 6.68 0.33 8.22
N ASP A 78 5.77 -0.27 7.48
CA ASP A 78 6.14 -1.53 6.76
C ASP A 78 5.30 -1.71 5.48
N ILE A 79 5.95 -2.08 4.40
CA ILE A 79 5.21 -2.34 3.13
C ILE A 79 5.68 -3.68 2.54
N ARG A 80 4.78 -4.46 1.98
CA ARG A 80 5.16 -5.78 1.38
C ARG A 80 4.27 -6.09 0.17
N VAL A 81 4.84 -6.67 -0.86
CA VAL A 81 4.04 -7.02 -2.07
C VAL A 81 3.42 -8.42 -1.90
N VAL A 82 2.25 -8.62 -2.42
CA VAL A 82 1.56 -9.95 -2.26
C VAL A 82 0.88 -10.35 -3.57
N ASN A 83 1.03 -11.59 -3.98
CA ASN A 83 0.37 -12.06 -5.23
C ASN A 83 -0.14 -13.49 -5.06
N ASN A 84 -1.41 -13.65 -4.81
CA ASN A 84 -1.99 -15.02 -4.63
C ASN A 84 -3.15 -15.24 -5.60
N HIS A 85 -2.94 -16.03 -6.63
CA HIS A 85 -4.03 -16.31 -7.62
C HIS A 85 -4.48 -17.77 -7.51
N THR A 86 -3.62 -18.65 -7.06
CA THR A 86 -4.02 -20.09 -6.92
C THR A 86 -4.87 -20.28 -5.66
N LEU A 87 -5.60 -21.37 -5.58
CA LEU A 87 -6.46 -21.62 -4.39
C LEU A 87 -5.87 -22.78 -3.55
N PRO A 88 -5.34 -22.45 -2.38
CA PRO A 88 -4.77 -23.51 -1.50
C PRO A 88 -5.87 -24.42 -0.97
N GLY A 1 17.86 7.68 -32.01
CA GLY A 1 16.57 7.91 -31.28
C GLY A 1 16.56 7.09 -29.99
N ALA A 2 17.09 7.64 -28.93
CA ALA A 2 17.12 6.90 -27.62
C ALA A 2 16.05 7.45 -26.68
N MET A 3 15.44 6.59 -25.88
CA MET A 3 14.39 7.06 -24.94
C MET A 3 14.80 6.77 -23.49
N ALA A 4 14.39 7.59 -22.57
CA ALA A 4 14.75 7.37 -21.13
C ALA A 4 13.63 6.60 -20.42
N MET A 5 13.89 5.37 -20.04
CA MET A 5 12.85 4.56 -19.34
C MET A 5 13.46 3.85 -18.14
N SER A 6 12.66 3.47 -17.18
CA SER A 6 13.17 2.74 -15.98
C SER A 6 12.51 1.37 -15.86
N GLY A 7 13.25 0.37 -15.47
CA GLY A 7 12.68 -1.01 -15.33
C GLY A 7 13.00 -1.55 -13.94
N GLY A 8 12.03 -1.59 -13.06
CA GLY A 8 12.26 -2.12 -11.69
C GLY A 8 12.04 -3.63 -11.68
N LEU A 9 12.19 -4.27 -10.55
CA LEU A 9 11.99 -5.75 -10.46
C LEU A 9 10.48 -6.08 -10.43
N PRO A 10 9.75 -5.53 -9.46
CA PRO A 10 8.31 -5.85 -9.36
C PRO A 10 7.52 -5.18 -10.49
N GLU A 11 6.59 -5.88 -11.07
CA GLU A 11 5.77 -5.29 -12.19
C GLU A 11 4.92 -4.12 -11.66
N LEU A 12 4.80 -3.07 -12.44
CA LEU A 12 3.96 -1.90 -12.00
C LEU A 12 2.48 -2.31 -11.88
N GLY A 13 1.76 -1.64 -11.02
CA GLY A 13 0.31 -1.95 -10.86
C GLY A 13 0.08 -3.16 -9.94
N SER A 14 1.14 -3.78 -9.45
CA SER A 14 0.96 -4.97 -8.54
C SER A 14 0.23 -4.56 -7.26
N LYS A 15 -0.43 -5.50 -6.62
CA LYS A 15 -1.14 -5.18 -5.34
C LYS A 15 -0.16 -5.16 -4.17
N ILE A 16 -0.16 -4.10 -3.39
CA ILE A 16 0.76 -4.01 -2.21
C ILE A 16 -0.05 -3.82 -0.93
N SER A 17 0.39 -4.43 0.14
CA SER A 17 -0.27 -4.22 1.47
C SER A 17 0.58 -3.27 2.32
N LEU A 18 -0.04 -2.34 3.00
CA LEU A 18 0.72 -1.25 3.66
C LEU A 18 0.19 -1.03 5.09
N ILE A 19 1.07 -1.12 6.08
CA ILE A 19 0.62 -0.95 7.50
C ILE A 19 1.09 0.42 8.02
N SER A 20 0.16 1.27 8.38
CA SER A 20 0.53 2.66 8.83
C SER A 20 0.70 2.72 10.35
N LYS A 21 1.44 3.71 10.83
CA LYS A 21 1.83 3.78 12.29
C LYS A 21 0.62 3.69 13.23
N ALA A 22 -0.58 3.84 12.73
CA ALA A 22 -1.79 3.76 13.61
C ALA A 22 -2.29 2.31 13.68
N ASP A 23 -1.45 1.34 13.36
CA ASP A 23 -1.90 -0.09 13.28
C ASP A 23 -3.09 -0.20 12.33
N ILE A 24 -3.12 0.61 11.31
CA ILE A 24 -4.23 0.55 10.31
C ILE A 24 -3.75 -0.20 9.08
N ARG A 25 -4.59 -1.00 8.48
CA ARG A 25 -4.16 -1.76 7.27
C ARG A 25 -4.78 -1.12 6.02
N TYR A 26 -3.94 -0.68 5.12
CA TYR A 26 -4.42 -0.16 3.80
C TYR A 26 -3.92 -1.08 2.69
N GLU A 27 -4.66 -1.20 1.62
CA GLU A 27 -4.17 -1.98 0.44
C GLU A 27 -4.56 -1.29 -0.85
N GLY A 28 -3.70 -1.27 -1.83
CA GLY A 28 -4.01 -0.51 -3.08
C GLY A 28 -3.03 -0.90 -4.20
N ARG A 29 -3.29 -0.43 -5.39
CA ARG A 29 -2.38 -0.76 -6.55
C ARG A 29 -1.20 0.22 -6.59
N LEU A 30 -0.02 -0.27 -6.88
CA LEU A 30 1.17 0.63 -7.04
C LEU A 30 0.99 1.53 -8.27
N TYR A 31 0.95 2.82 -8.07
CA TYR A 31 0.84 3.77 -9.23
C TYR A 31 2.20 4.36 -9.57
N THR A 32 2.90 4.87 -8.59
CA THR A 32 4.24 5.50 -8.85
C THR A 32 5.11 5.44 -7.60
N VAL A 33 6.41 5.49 -7.77
CA VAL A 33 7.35 5.40 -6.60
C VAL A 33 8.54 6.34 -6.80
N ASP A 34 9.04 6.92 -5.73
CA ASP A 34 10.25 7.79 -5.84
C ASP A 34 11.29 7.34 -4.79
N PRO A 35 12.30 6.62 -5.22
CA PRO A 35 13.28 6.02 -4.27
C PRO A 35 14.03 7.12 -3.50
N GLN A 36 14.42 8.16 -4.17
CA GLN A 36 15.34 9.17 -3.53
C GLN A 36 14.53 10.12 -2.64
N GLU A 37 13.26 10.30 -2.91
CA GLU A 37 12.40 11.10 -2.00
C GLU A 37 11.79 10.22 -0.88
N CYS A 38 12.12 8.94 -0.85
CA CYS A 38 11.51 8.00 0.17
C CYS A 38 9.97 8.14 0.20
N THR A 39 9.35 8.26 -0.95
CA THR A 39 7.88 8.51 -1.00
C THR A 39 7.22 7.62 -2.04
N ILE A 40 5.95 7.31 -1.85
CA ILE A 40 5.22 6.46 -2.84
C ILE A 40 3.78 6.97 -3.00
N ALA A 41 3.12 6.60 -4.08
CA ALA A 41 1.69 6.96 -4.24
C ALA A 41 0.91 5.75 -4.76
N LEU A 42 -0.16 5.40 -4.09
CA LEU A 42 -0.96 4.21 -4.49
C LEU A 42 -2.29 4.65 -5.07
N SER A 43 -2.79 3.93 -6.05
CA SER A 43 -4.09 4.32 -6.69
C SER A 43 -5.11 3.21 -6.43
N SER A 44 -6.38 3.56 -6.39
CA SER A 44 -7.44 2.57 -5.97
C SER A 44 -6.99 1.80 -4.71
N VAL A 45 -7.24 2.38 -3.56
CA VAL A 45 -6.82 1.73 -2.28
C VAL A 45 -7.99 1.81 -1.26
N ARG A 46 -8.09 0.83 -0.39
CA ARG A 46 -9.17 0.84 0.64
C ARG A 46 -8.58 0.55 2.02
N SER A 47 -9.22 1.04 3.06
CA SER A 47 -8.73 0.75 4.45
C SER A 47 -9.74 -0.15 5.17
N PHE A 48 -9.26 -1.10 5.94
CA PHE A 48 -10.17 -2.10 6.57
C PHE A 48 -10.80 -1.55 7.86
N GLY A 49 -10.04 -0.82 8.65
CA GLY A 49 -10.62 -0.21 9.89
C GLY A 49 -9.51 0.32 10.79
N THR A 50 -9.87 1.03 11.83
CA THR A 50 -8.88 1.48 12.86
C THR A 50 -9.20 0.88 14.24
N GLU A 51 -10.17 -0.02 14.31
CA GLU A 51 -10.74 -0.47 15.63
C GLU A 51 -9.63 -0.89 16.62
N ASP A 52 -8.49 -1.31 16.13
CA ASP A 52 -7.39 -1.75 17.05
C ASP A 52 -6.87 -0.56 17.86
N ARG A 53 -6.38 0.46 17.19
CA ARG A 53 -5.91 1.70 17.91
C ARG A 53 -7.03 2.76 17.98
N ASP A 54 -8.25 2.41 17.61
CA ASP A 54 -9.32 3.46 17.47
C ASP A 54 -9.53 4.23 18.79
N THR A 55 -10.32 5.26 18.73
CA THR A 55 -10.65 6.03 19.98
C THR A 55 -11.72 5.29 20.78
N GLN A 56 -11.89 5.65 22.04
CA GLN A 56 -12.92 4.96 22.87
C GLN A 56 -14.35 5.45 22.55
N PHE A 57 -14.49 6.31 21.56
CA PHE A 57 -15.86 6.60 21.01
C PHE A 57 -16.12 5.72 19.79
N GLN A 58 -17.35 5.62 19.37
CA GLN A 58 -17.70 4.71 18.23
C GLN A 58 -17.11 5.25 16.92
N ILE A 59 -16.52 4.38 16.13
CA ILE A 59 -15.97 4.82 14.81
C ILE A 59 -16.75 4.13 13.69
N ALA A 60 -17.13 4.88 12.68
CA ALA A 60 -17.92 4.28 11.55
C ALA A 60 -17.00 3.90 10.39
N PRO A 61 -16.82 2.60 10.17
CA PRO A 61 -15.98 2.14 9.04
C PRO A 61 -16.63 2.49 7.70
N GLN A 62 -15.86 3.01 6.77
CA GLN A 62 -16.43 3.39 5.44
C GLN A 62 -15.89 2.46 4.36
N SER A 63 -16.74 1.99 3.48
CA SER A 63 -16.29 1.10 2.37
C SER A 63 -15.93 1.91 1.11
N GLN A 64 -15.94 3.23 1.19
CA GLN A 64 -15.61 4.07 0.00
C GLN A 64 -14.16 3.82 -0.45
N ILE A 65 -13.93 3.77 -1.74
CA ILE A 65 -12.54 3.54 -2.26
C ILE A 65 -11.88 4.88 -2.60
N TYR A 66 -10.63 5.04 -2.25
CA TYR A 66 -9.92 6.32 -2.55
C TYR A 66 -9.16 6.21 -3.87
N ASP A 67 -9.50 7.03 -4.84
CA ASP A 67 -8.79 7.01 -6.17
C ASP A 67 -7.26 7.10 -5.99
N TYR A 68 -6.80 7.94 -5.10
CA TYR A 68 -5.32 8.16 -4.97
C TYR A 68 -4.98 8.60 -3.54
N ILE A 69 -4.02 7.96 -2.93
CA ILE A 69 -3.50 8.43 -1.61
C ILE A 69 -1.97 8.53 -1.65
N LEU A 70 -1.42 9.65 -1.23
CA LEU A 70 0.06 9.80 -1.17
C LEU A 70 0.57 9.35 0.21
N PHE A 71 1.65 8.61 0.25
CA PHE A 71 2.15 8.08 1.55
C PHE A 71 3.66 8.30 1.68
N ARG A 72 4.10 8.91 2.76
CA ARG A 72 5.56 9.02 3.02
C ARG A 72 6.05 7.84 3.86
N GLY A 73 7.27 7.40 3.64
CA GLY A 73 7.81 6.24 4.42
C GLY A 73 7.82 6.56 5.92
N SER A 74 7.90 7.82 6.28
CA SER A 74 7.97 8.21 7.73
C SER A 74 6.67 7.82 8.46
N ASP A 75 5.54 8.01 7.83
CA ASP A 75 4.23 7.76 8.53
C ASP A 75 3.88 6.26 8.50
N ILE A 76 4.27 5.56 7.47
CA ILE A 76 3.99 4.09 7.42
C ILE A 76 5.26 3.30 7.83
N LYS A 77 5.07 2.23 8.55
CA LYS A 77 6.22 1.54 9.19
C LYS A 77 6.59 0.25 8.44
N ASP A 78 5.69 -0.31 7.67
CA ASP A 78 6.03 -1.57 6.94
C ASP A 78 5.24 -1.70 5.64
N ILE A 79 5.91 -2.02 4.56
CA ILE A 79 5.22 -2.24 3.26
C ILE A 79 5.70 -3.57 2.64
N ARG A 80 4.80 -4.32 2.04
CA ARG A 80 5.21 -5.61 1.40
C ARG A 80 4.35 -5.87 0.16
N VAL A 81 4.98 -6.20 -0.95
CA VAL A 81 4.20 -6.50 -2.19
C VAL A 81 3.84 -7.99 -2.24
N VAL A 82 2.70 -8.32 -2.80
CA VAL A 82 2.27 -9.76 -2.88
C VAL A 82 2.65 -10.32 -4.26
N ASN A 83 3.25 -11.48 -4.29
CA ASN A 83 3.64 -12.11 -5.59
C ASN A 83 3.04 -13.52 -5.71
N ASN A 84 3.38 -14.39 -4.80
CA ASN A 84 2.84 -15.78 -4.84
C ASN A 84 1.95 -16.04 -3.62
N HIS A 85 0.69 -16.30 -3.84
CA HIS A 85 -0.24 -16.57 -2.70
C HIS A 85 -0.88 -17.96 -2.85
N THR A 86 -0.66 -18.83 -1.89
CA THR A 86 -1.25 -20.19 -1.96
C THR A 86 -1.78 -20.62 -0.58
N LEU A 87 -2.65 -21.60 -0.56
CA LEU A 87 -3.22 -22.08 0.74
C LEU A 87 -2.74 -23.51 1.03
N PRO A 88 -2.91 -23.95 2.27
CA PRO A 88 -2.48 -25.32 2.66
C PRO A 88 -3.31 -26.37 1.91
N GLY A 1 3.92 19.50 -17.36
CA GLY A 1 5.22 18.98 -16.86
C GLY A 1 5.96 18.27 -18.00
N ALA A 2 6.63 17.18 -17.70
CA ALA A 2 7.38 16.44 -18.76
C ALA A 2 7.32 14.93 -18.47
N MET A 3 7.50 14.13 -19.50
CA MET A 3 7.47 12.64 -19.31
C MET A 3 8.81 12.03 -19.70
N ALA A 4 9.09 10.84 -19.21
CA ALA A 4 10.39 10.18 -19.53
C ALA A 4 10.17 8.68 -19.74
N MET A 5 11.06 8.03 -20.47
CA MET A 5 10.91 6.57 -20.71
C MET A 5 12.01 5.80 -19.97
N SER A 6 11.74 4.57 -19.60
CA SER A 6 12.75 3.76 -18.87
C SER A 6 13.14 2.52 -19.70
N GLY A 7 14.40 2.13 -19.64
CA GLY A 7 14.86 0.94 -20.42
C GLY A 7 14.19 -0.33 -19.87
N GLY A 8 13.97 -0.38 -18.59
CA GLY A 8 13.32 -1.59 -17.98
C GLY A 8 12.45 -1.17 -16.80
N LEU A 9 11.24 -0.75 -17.06
CA LEU A 9 10.32 -0.32 -15.96
C LEU A 9 9.69 -1.55 -15.28
N PRO A 10 9.58 -1.52 -13.96
CA PRO A 10 8.96 -2.66 -13.23
C PRO A 10 7.48 -2.78 -13.58
N GLU A 11 6.93 -3.97 -13.48
CA GLU A 11 5.48 -4.17 -13.83
C GLU A 11 4.58 -3.40 -12.85
N LEU A 12 4.18 -2.21 -13.22
CA LEU A 12 3.29 -1.39 -12.32
C LEU A 12 1.93 -2.08 -12.13
N GLY A 13 1.10 -1.54 -11.28
CA GLY A 13 -0.26 -2.13 -11.05
C GLY A 13 -0.20 -3.32 -10.08
N SER A 14 0.97 -3.69 -9.60
CA SER A 14 1.06 -4.82 -8.61
C SER A 14 0.29 -4.47 -7.33
N LYS A 15 -0.37 -5.44 -6.74
CA LYS A 15 -1.13 -5.18 -5.48
C LYS A 15 -0.20 -5.22 -4.26
N ILE A 16 -0.15 -4.16 -3.50
CA ILE A 16 0.74 -4.12 -2.30
C ILE A 16 -0.08 -3.90 -1.03
N SER A 17 0.34 -4.52 0.05
CA SER A 17 -0.31 -4.28 1.37
C SER A 17 0.57 -3.36 2.22
N LEU A 18 -0.02 -2.41 2.88
CA LEU A 18 0.77 -1.33 3.54
C LEU A 18 0.30 -1.11 4.97
N ILE A 19 1.19 -1.13 5.94
CA ILE A 19 0.78 -0.95 7.37
C ILE A 19 1.23 0.42 7.86
N SER A 20 0.29 1.24 8.29
CA SER A 20 0.62 2.62 8.76
C SER A 20 0.81 2.66 10.28
N LYS A 21 1.52 3.66 10.77
CA LYS A 21 1.92 3.72 12.22
C LYS A 21 0.73 3.57 13.17
N ALA A 22 -0.48 3.72 12.69
CA ALA A 22 -1.68 3.61 13.58
C ALA A 22 -2.17 2.16 13.64
N ASP A 23 -1.31 1.21 13.31
CA ASP A 23 -1.73 -0.24 13.23
C ASP A 23 -2.93 -0.37 12.29
N ILE A 24 -2.97 0.45 11.26
CA ILE A 24 -4.08 0.37 10.27
C ILE A 24 -3.58 -0.36 9.03
N ARG A 25 -4.42 -1.17 8.42
CA ARG A 25 -3.99 -1.89 7.18
C ARG A 25 -4.63 -1.24 5.95
N TYR A 26 -3.83 -0.75 5.05
CA TYR A 26 -4.35 -0.21 3.76
C TYR A 26 -3.87 -1.11 2.61
N GLU A 27 -4.63 -1.22 1.56
CA GLU A 27 -4.17 -2.02 0.39
C GLU A 27 -4.58 -1.31 -0.90
N GLY A 28 -3.73 -1.31 -1.90
CA GLY A 28 -4.04 -0.55 -3.15
C GLY A 28 -3.06 -0.91 -4.25
N ARG A 29 -3.30 -0.42 -5.45
CA ARG A 29 -2.38 -0.71 -6.59
C ARG A 29 -1.21 0.28 -6.61
N LEU A 30 -0.02 -0.20 -6.84
CA LEU A 30 1.16 0.73 -6.95
C LEU A 30 1.03 1.61 -8.20
N TYR A 31 0.97 2.91 -8.02
CA TYR A 31 0.89 3.83 -9.20
C TYR A 31 2.28 4.41 -9.51
N THR A 32 2.96 4.94 -8.52
CA THR A 32 4.30 5.54 -8.75
C THR A 32 5.14 5.50 -7.47
N VAL A 33 6.44 5.47 -7.61
CA VAL A 33 7.34 5.40 -6.42
C VAL A 33 8.59 6.26 -6.63
N ASP A 34 9.08 6.88 -5.59
CA ASP A 34 10.33 7.69 -5.70
C ASP A 34 11.32 7.27 -4.61
N PRO A 35 12.31 6.47 -4.98
CA PRO A 35 13.26 5.93 -3.97
C PRO A 35 14.04 7.06 -3.28
N GLN A 36 14.44 8.05 -4.02
CA GLN A 36 15.36 9.09 -3.45
C GLN A 36 14.57 10.11 -2.64
N GLU A 37 13.30 10.28 -2.93
CA GLU A 37 12.44 11.15 -2.07
C GLU A 37 11.82 10.35 -0.92
N CYS A 38 12.14 9.07 -0.79
CA CYS A 38 11.52 8.21 0.29
C CYS A 38 9.98 8.37 0.30
N THR A 39 9.37 8.44 -0.85
CA THR A 39 7.90 8.69 -0.92
C THR A 39 7.24 7.78 -1.95
N ILE A 40 5.99 7.46 -1.76
CA ILE A 40 5.26 6.61 -2.75
C ILE A 40 3.80 7.08 -2.89
N ALA A 41 3.15 6.71 -3.96
CA ALA A 41 1.70 7.04 -4.11
C ALA A 41 0.95 5.82 -4.66
N LEU A 42 -0.12 5.44 -4.00
CA LEU A 42 -0.88 4.24 -4.43
C LEU A 42 -2.23 4.67 -5.00
N SER A 43 -2.73 3.95 -5.98
CA SER A 43 -4.02 4.35 -6.61
C SER A 43 -5.04 3.24 -6.41
N SER A 44 -6.32 3.58 -6.40
CA SER A 44 -7.39 2.58 -6.03
C SER A 44 -6.98 1.80 -4.76
N VAL A 45 -7.27 2.35 -3.61
CA VAL A 45 -6.87 1.70 -2.33
C VAL A 45 -8.05 1.72 -1.35
N ARG A 46 -8.14 0.73 -0.49
CA ARG A 46 -9.21 0.70 0.54
C ARG A 46 -8.60 0.51 1.93
N SER A 47 -9.26 0.98 2.95
CA SER A 47 -8.78 0.76 4.35
C SER A 47 -9.69 -0.26 5.06
N PHE A 48 -9.11 -1.22 5.74
CA PHE A 48 -9.93 -2.33 6.33
C PHE A 48 -10.54 -1.90 7.67
N GLY A 49 -9.81 -1.16 8.48
CA GLY A 49 -10.40 -0.67 9.76
C GLY A 49 -9.30 -0.11 10.67
N THR A 50 -9.70 0.56 11.72
CA THR A 50 -8.71 1.05 12.76
C THR A 50 -9.00 0.40 14.12
N GLU A 51 -9.92 -0.54 14.19
CA GLU A 51 -10.44 -1.04 15.51
C GLU A 51 -9.31 -1.40 16.49
N ASP A 52 -8.15 -1.74 16.00
CA ASP A 52 -7.03 -2.12 16.93
C ASP A 52 -6.60 -0.91 17.79
N ARG A 53 -6.19 0.16 17.16
CA ARG A 53 -5.82 1.39 17.93
C ARG A 53 -7.00 2.37 18.02
N ASP A 54 -8.19 1.94 17.63
CA ASP A 54 -9.33 2.91 17.48
C ASP A 54 -9.64 3.62 18.81
N THR A 55 -10.41 4.68 18.74
CA THR A 55 -10.89 5.37 19.99
C THR A 55 -12.05 4.59 20.60
N GLN A 56 -12.37 4.85 21.84
CA GLN A 56 -13.49 4.12 22.51
C GLN A 56 -14.86 4.65 22.05
N PHE A 57 -14.89 5.57 21.11
CA PHE A 57 -16.17 5.93 20.44
C PHE A 57 -16.29 5.17 19.12
N GLN A 58 -17.50 4.96 18.64
CA GLN A 58 -17.69 4.14 17.40
C GLN A 58 -17.15 4.89 16.18
N ILE A 59 -16.50 4.19 15.28
CA ILE A 59 -15.97 4.83 14.03
C ILE A 59 -16.68 4.24 12.80
N ALA A 60 -17.03 5.07 11.86
CA ALA A 60 -17.73 4.56 10.63
C ALA A 60 -16.71 4.39 9.48
N PRO A 61 -16.43 3.14 9.12
CA PRO A 61 -15.49 2.87 8.00
C PRO A 61 -16.08 3.38 6.67
N GLN A 62 -15.23 3.79 5.76
CA GLN A 62 -15.74 4.32 4.46
C GLN A 62 -15.80 3.21 3.42
N SER A 63 -16.99 2.84 3.00
CA SER A 63 -17.12 1.78 1.94
C SER A 63 -16.58 2.29 0.61
N GLN A 64 -16.65 3.57 0.37
CA GLN A 64 -16.17 4.15 -0.94
C GLN A 64 -14.68 3.86 -1.14
N ILE A 65 -14.22 3.91 -2.37
CA ILE A 65 -12.78 3.62 -2.66
C ILE A 65 -12.00 4.94 -2.76
N TYR A 66 -10.75 4.94 -2.35
CA TYR A 66 -9.92 6.16 -2.48
C TYR A 66 -9.16 6.13 -3.82
N ASP A 67 -9.51 7.02 -4.72
CA ASP A 67 -8.82 7.07 -6.06
C ASP A 67 -7.29 7.15 -5.92
N TYR A 68 -6.82 7.96 -5.00
CA TYR A 68 -5.34 8.18 -4.87
C TYR A 68 -5.00 8.60 -3.45
N ILE A 69 -4.03 7.97 -2.84
CA ILE A 69 -3.50 8.46 -1.53
C ILE A 69 -1.97 8.57 -1.59
N LEU A 70 -1.44 9.72 -1.23
CA LEU A 70 0.05 9.89 -1.17
C LEU A 70 0.55 9.56 0.23
N PHE A 71 1.65 8.83 0.32
CA PHE A 71 2.14 8.38 1.66
C PHE A 71 3.66 8.55 1.76
N ARG A 72 4.12 9.14 2.84
CA ARG A 72 5.60 9.23 3.08
C ARG A 72 6.09 8.03 3.90
N GLY A 73 7.33 7.64 3.72
CA GLY A 73 7.89 6.51 4.51
C GLY A 73 7.85 6.82 6.02
N SER A 74 7.82 8.09 6.38
CA SER A 74 7.84 8.47 7.83
C SER A 74 6.56 8.03 8.54
N ASP A 75 5.42 8.22 7.92
CA ASP A 75 4.11 7.90 8.60
C ASP A 75 3.80 6.40 8.49
N ILE A 76 4.18 5.78 7.40
CA ILE A 76 3.94 4.30 7.27
C ILE A 76 5.26 3.54 7.44
N LYS A 77 5.23 2.46 8.18
CA LYS A 77 6.50 1.83 8.67
C LYS A 77 6.78 0.50 7.98
N ASP A 78 5.82 -0.09 7.29
CA ASP A 78 6.09 -1.42 6.64
C ASP A 78 5.30 -1.58 5.34
N ILE A 79 5.96 -1.99 4.29
CA ILE A 79 5.27 -2.25 2.99
C ILE A 79 5.73 -3.61 2.43
N ARG A 80 4.80 -4.40 1.92
CA ARG A 80 5.18 -5.72 1.34
C ARG A 80 4.26 -6.08 0.17
N VAL A 81 4.78 -6.77 -0.82
CA VAL A 81 3.95 -7.17 -2.00
C VAL A 81 3.21 -8.48 -1.69
N VAL A 82 2.00 -8.63 -2.18
CA VAL A 82 1.21 -9.86 -1.87
C VAL A 82 1.39 -10.89 -2.98
N ASN A 83 1.61 -12.14 -2.61
CA ASN A 83 1.78 -13.21 -3.63
C ASN A 83 0.51 -14.08 -3.70
N ASN A 84 -0.06 -14.24 -4.87
CA ASN A 84 -1.30 -15.05 -5.01
C ASN A 84 -0.97 -16.45 -5.52
N HIS A 85 -1.76 -17.43 -5.16
CA HIS A 85 -1.51 -18.84 -5.61
C HIS A 85 -2.72 -19.37 -6.37
N THR A 86 -2.55 -20.44 -7.12
CA THR A 86 -3.68 -21.01 -7.90
C THR A 86 -4.47 -22.01 -7.03
N LEU A 87 -5.69 -22.29 -7.42
CA LEU A 87 -6.53 -23.24 -6.63
C LEU A 87 -7.06 -24.36 -7.54
N PRO A 88 -7.53 -25.44 -6.94
CA PRO A 88 -8.07 -26.58 -7.72
C PRO A 88 -9.37 -26.18 -8.41
N GLY A 1 9.04 -7.86 -25.75
CA GLY A 1 8.40 -6.87 -24.81
C GLY A 1 9.45 -5.87 -24.34
N ALA A 2 10.61 -6.33 -23.97
CA ALA A 2 11.68 -5.41 -23.49
C ALA A 2 12.73 -5.19 -24.59
N MET A 3 13.28 -4.01 -24.69
CA MET A 3 14.31 -3.73 -25.73
C MET A 3 15.58 -4.55 -25.46
N ALA A 4 15.92 -4.74 -24.20
CA ALA A 4 17.14 -5.52 -23.86
C ALA A 4 16.87 -6.42 -22.64
N MET A 5 16.51 -5.83 -21.53
CA MET A 5 16.23 -6.63 -20.30
C MET A 5 14.72 -6.60 -19.99
N SER A 6 14.15 -7.73 -19.68
CA SER A 6 12.69 -7.78 -19.37
C SER A 6 12.46 -8.02 -17.87
N GLY A 7 13.38 -7.59 -17.03
CA GLY A 7 13.23 -7.80 -15.57
C GLY A 7 13.98 -6.70 -14.81
N GLY A 8 13.97 -5.49 -15.33
CA GLY A 8 14.69 -4.37 -14.66
C GLY A 8 13.74 -3.62 -13.73
N LEU A 9 12.68 -3.08 -14.27
CA LEU A 9 11.70 -2.30 -13.43
C LEU A 9 10.75 -3.26 -12.70
N PRO A 10 10.24 -2.84 -11.56
CA PRO A 10 9.29 -3.68 -10.79
C PRO A 10 7.96 -3.81 -11.54
N GLU A 11 7.21 -4.86 -11.29
CA GLU A 11 5.89 -5.04 -11.98
C GLU A 11 4.92 -3.92 -11.56
N LEU A 12 4.70 -2.96 -12.43
CA LEU A 12 3.76 -1.84 -12.10
C LEU A 12 2.33 -2.37 -11.94
N GLY A 13 1.54 -1.72 -11.12
CA GLY A 13 0.12 -2.14 -10.93
C GLY A 13 -0.02 -3.32 -9.96
N SER A 14 1.08 -3.84 -9.45
CA SER A 14 1.00 -4.99 -8.50
C SER A 14 0.22 -4.60 -7.23
N LYS A 15 -0.47 -5.53 -6.63
CA LYS A 15 -1.22 -5.22 -5.38
C LYS A 15 -0.28 -5.28 -4.16
N ILE A 16 -0.22 -4.22 -3.40
CA ILE A 16 0.68 -4.18 -2.21
C ILE A 16 -0.13 -3.94 -0.93
N SER A 17 0.27 -4.56 0.16
CA SER A 17 -0.39 -4.31 1.47
C SER A 17 0.50 -3.39 2.31
N LEU A 18 -0.10 -2.42 2.98
CA LEU A 18 0.70 -1.34 3.62
C LEU A 18 0.21 -1.11 5.06
N ILE A 19 1.10 -1.18 6.02
CA ILE A 19 0.69 -1.00 7.45
C ILE A 19 1.16 0.37 7.96
N SER A 20 0.24 1.21 8.35
CA SER A 20 0.61 2.60 8.80
C SER A 20 0.79 2.65 10.33
N LYS A 21 1.54 3.63 10.81
CA LYS A 21 1.92 3.70 12.26
C LYS A 21 0.70 3.67 13.20
N ALA A 22 -0.50 3.83 12.68
CA ALA A 22 -1.71 3.73 13.55
C ALA A 22 -2.19 2.28 13.64
N ASP A 23 -1.34 1.32 13.31
CA ASP A 23 -1.76 -0.13 13.29
C ASP A 23 -2.97 -0.31 12.37
N ILE A 24 -3.01 0.44 11.30
CA ILE A 24 -4.15 0.30 10.32
C ILE A 24 -3.67 -0.40 9.06
N ARG A 25 -4.50 -1.20 8.46
CA ARG A 25 -4.07 -1.93 7.23
C ARG A 25 -4.71 -1.31 5.99
N TYR A 26 -3.90 -0.82 5.08
CA TYR A 26 -4.41 -0.29 3.79
C TYR A 26 -3.94 -1.19 2.64
N GLU A 27 -4.68 -1.25 1.57
CA GLU A 27 -4.21 -2.05 0.39
C GLU A 27 -4.59 -1.32 -0.89
N GLY A 28 -3.72 -1.32 -1.87
CA GLY A 28 -4.01 -0.55 -3.13
C GLY A 28 -3.03 -0.93 -4.23
N ARG A 29 -3.26 -0.45 -5.43
CA ARG A 29 -2.35 -0.76 -6.57
C ARG A 29 -1.17 0.21 -6.60
N LEU A 30 0.03 -0.29 -6.82
CA LEU A 30 1.22 0.61 -6.94
C LEU A 30 1.11 1.48 -8.20
N TYR A 31 1.05 2.78 -8.03
CA TYR A 31 0.97 3.68 -9.22
C TYR A 31 2.35 4.28 -9.54
N THR A 32 3.01 4.82 -8.56
CA THR A 32 4.35 5.46 -8.80
C THR A 32 5.19 5.44 -7.53
N VAL A 33 6.50 5.50 -7.67
CA VAL A 33 7.39 5.48 -6.47
C VAL A 33 8.59 6.42 -6.69
N ASP A 34 9.06 7.04 -5.64
CA ASP A 34 10.26 7.94 -5.76
C ASP A 34 11.31 7.55 -4.71
N PRO A 35 12.33 6.81 -5.12
CA PRO A 35 13.33 6.28 -4.15
C PRO A 35 14.06 7.44 -3.46
N GLN A 36 14.39 8.48 -4.18
CA GLN A 36 15.27 9.55 -3.60
C GLN A 36 14.45 10.50 -2.73
N GLU A 37 13.16 10.59 -2.99
CA GLU A 37 12.27 11.39 -2.08
C GLU A 37 11.73 10.53 -0.93
N CYS A 38 12.12 9.26 -0.86
CA CYS A 38 11.56 8.35 0.20
C CYS A 38 10.03 8.41 0.24
N THR A 39 9.39 8.50 -0.90
CA THR A 39 7.90 8.69 -0.91
C THR A 39 7.26 7.78 -1.97
N ILE A 40 6.01 7.44 -1.78
CA ILE A 40 5.31 6.60 -2.79
C ILE A 40 3.85 7.06 -2.95
N ALA A 41 3.21 6.68 -4.03
CA ALA A 41 1.77 7.02 -4.21
C ALA A 41 1.01 5.80 -4.74
N LEU A 42 -0.05 5.44 -4.08
CA LEU A 42 -0.83 4.23 -4.50
C LEU A 42 -2.17 4.66 -5.09
N SER A 43 -2.68 3.92 -6.05
CA SER A 43 -3.97 4.31 -6.69
C SER A 43 -4.99 3.21 -6.47
N SER A 44 -6.27 3.56 -6.45
CA SER A 44 -7.34 2.59 -6.06
C SER A 44 -6.92 1.82 -4.79
N VAL A 45 -7.18 2.39 -3.65
CA VAL A 45 -6.79 1.74 -2.36
C VAL A 45 -7.95 1.82 -1.36
N ARG A 46 -8.06 0.85 -0.49
CA ARG A 46 -9.15 0.86 0.54
C ARG A 46 -8.56 0.56 1.92
N SER A 47 -9.18 1.04 2.97
CA SER A 47 -8.72 0.70 4.35
C SER A 47 -9.71 -0.26 5.00
N PHE A 48 -9.23 -1.31 5.62
CA PHE A 48 -10.16 -2.39 6.10
C PHE A 48 -10.78 -2.01 7.45
N GLY A 49 -10.03 -1.41 8.33
CA GLY A 49 -10.62 -0.92 9.62
C GLY A 49 -9.51 -0.54 10.60
N THR A 50 -9.87 0.13 11.66
CA THR A 50 -8.91 0.36 12.78
C THR A 50 -9.42 -0.28 14.09
N GLU A 51 -10.67 -0.72 14.10
CA GLU A 51 -11.36 -1.08 15.40
C GLU A 51 -10.53 -2.07 16.24
N ASP A 52 -9.68 -2.86 15.62
CA ASP A 52 -8.94 -3.89 16.40
C ASP A 52 -7.75 -3.27 17.14
N ARG A 53 -6.84 -2.66 16.44
CA ARG A 53 -5.60 -2.13 17.09
C ARG A 53 -5.74 -0.64 17.47
N ASP A 54 -6.93 -0.09 17.39
CA ASP A 54 -7.09 1.38 17.66
C ASP A 54 -7.39 1.64 19.14
N THR A 55 -7.44 2.89 19.52
CA THR A 55 -7.76 3.26 20.93
C THR A 55 -9.27 3.14 21.18
N GLN A 56 -9.67 3.13 22.43
CA GLN A 56 -11.11 2.87 22.75
C GLN A 56 -11.98 4.12 22.50
N PHE A 57 -11.46 5.12 21.83
CA PHE A 57 -12.31 6.24 21.36
C PHE A 57 -12.79 5.96 19.93
N GLN A 58 -14.03 6.27 19.63
CA GLN A 58 -14.62 5.83 18.32
C GLN A 58 -13.92 6.52 17.14
N ILE A 59 -13.72 5.79 16.06
CA ILE A 59 -13.11 6.40 14.84
C ILE A 59 -14.09 6.29 13.67
N ALA A 60 -14.20 7.33 12.88
CA ALA A 60 -15.16 7.29 11.72
C ALA A 60 -14.69 6.27 10.66
N PRO A 61 -15.45 5.20 10.48
CA PRO A 61 -15.07 4.16 9.49
C PRO A 61 -15.08 4.73 8.08
N GLN A 62 -14.15 4.32 7.24
CA GLN A 62 -14.10 4.84 5.84
C GLN A 62 -14.63 3.77 4.87
N SER A 63 -15.81 3.98 4.35
CA SER A 63 -16.39 2.99 3.38
C SER A 63 -16.05 3.40 1.94
N GLN A 64 -15.96 4.68 1.68
CA GLN A 64 -15.65 5.15 0.28
C GLN A 64 -14.26 4.68 -0.15
N ILE A 65 -14.06 4.50 -1.43
CA ILE A 65 -12.72 4.06 -1.94
C ILE A 65 -11.90 5.28 -2.37
N TYR A 66 -10.61 5.28 -2.11
CA TYR A 66 -9.77 6.46 -2.45
C TYR A 66 -9.07 6.24 -3.80
N ASP A 67 -9.43 7.01 -4.79
CA ASP A 67 -8.74 6.93 -6.13
C ASP A 67 -7.22 7.02 -5.98
N TYR A 68 -6.75 7.88 -5.10
CA TYR A 68 -5.28 8.11 -4.97
C TYR A 68 -4.94 8.56 -3.55
N ILE A 69 -3.98 7.92 -2.92
CA ILE A 69 -3.48 8.42 -1.60
C ILE A 69 -1.94 8.55 -1.64
N LEU A 70 -1.44 9.69 -1.25
CA LEU A 70 0.04 9.89 -1.18
C LEU A 70 0.56 9.50 0.20
N PHE A 71 1.66 8.79 0.26
CA PHE A 71 2.16 8.28 1.57
C PHE A 71 3.68 8.50 1.70
N ARG A 72 4.11 9.10 2.79
CA ARG A 72 5.57 9.22 3.04
C ARG A 72 6.07 8.01 3.85
N GLY A 73 7.30 7.59 3.61
CA GLY A 73 7.85 6.41 4.36
C GLY A 73 7.84 6.69 5.88
N SER A 74 7.87 7.93 6.27
CA SER A 74 7.93 8.25 7.74
C SER A 74 6.61 7.87 8.43
N ASP A 75 5.50 8.07 7.77
CA ASP A 75 4.17 7.81 8.43
C ASP A 75 3.82 6.32 8.39
N ILE A 76 4.25 5.61 7.37
CA ILE A 76 3.99 4.14 7.31
C ILE A 76 5.27 3.36 7.66
N LYS A 77 5.12 2.26 8.35
CA LYS A 77 6.29 1.58 8.98
C LYS A 77 6.68 0.32 8.20
N ASP A 78 5.77 -0.29 7.48
CA ASP A 78 6.13 -1.55 6.75
C ASP A 78 5.29 -1.74 5.49
N ILE A 79 5.92 -2.12 4.41
CA ILE A 79 5.17 -2.40 3.13
C ILE A 79 5.62 -3.76 2.56
N ARG A 80 4.70 -4.52 2.03
CA ARG A 80 5.07 -5.86 1.44
C ARG A 80 4.16 -6.17 0.25
N VAL A 81 4.70 -6.74 -0.79
CA VAL A 81 3.88 -7.11 -1.98
C VAL A 81 3.24 -8.49 -1.79
N VAL A 82 2.05 -8.69 -2.32
CA VAL A 82 1.37 -10.01 -2.14
C VAL A 82 1.67 -10.93 -3.33
N ASN A 83 1.99 -12.17 -3.07
CA ASN A 83 2.29 -13.13 -4.18
C ASN A 83 1.34 -14.33 -4.13
N ASN A 84 1.15 -14.99 -5.23
CA ASN A 84 0.24 -16.18 -5.26
C ASN A 84 1.04 -17.47 -5.14
N HIS A 85 0.62 -18.38 -4.31
CA HIS A 85 1.35 -19.67 -4.12
C HIS A 85 0.47 -20.84 -4.56
N THR A 86 1.05 -21.82 -5.23
CA THR A 86 0.27 -23.00 -5.69
C THR A 86 1.03 -24.30 -5.36
N LEU A 87 0.32 -25.40 -5.26
CA LEU A 87 0.97 -26.70 -4.94
C LEU A 87 0.27 -27.85 -5.68
N PRO A 88 1.03 -28.80 -6.20
CA PRO A 88 0.43 -29.94 -6.92
C PRO A 88 -0.33 -30.85 -5.94
N GLY A 1 24.28 5.02 -25.21
CA GLY A 1 23.24 4.83 -24.15
C GLY A 1 23.45 5.85 -23.04
N ALA A 2 22.60 5.83 -22.03
CA ALA A 2 22.74 6.80 -20.91
C ALA A 2 22.36 6.13 -19.59
N MET A 3 22.94 6.57 -18.49
CA MET A 3 22.61 5.97 -17.17
C MET A 3 21.68 6.89 -16.37
N ALA A 4 20.88 7.68 -17.04
CA ALA A 4 19.96 8.63 -16.32
C ALA A 4 18.88 7.86 -15.58
N MET A 5 18.43 6.75 -16.13
CA MET A 5 17.34 5.96 -15.47
C MET A 5 17.76 4.49 -15.38
N SER A 6 17.06 3.73 -14.57
CA SER A 6 17.39 2.27 -14.42
C SER A 6 16.22 1.41 -14.90
N GLY A 7 16.49 0.22 -15.37
CA GLY A 7 15.39 -0.68 -15.86
C GLY A 7 15.04 -1.71 -14.80
N GLY A 8 15.12 -1.34 -13.54
CA GLY A 8 14.79 -2.29 -12.44
C GLY A 8 13.56 -1.79 -11.68
N LEU A 9 12.61 -1.21 -12.38
CA LEU A 9 11.39 -0.68 -11.71
C LEU A 9 10.42 -1.82 -11.35
N PRO A 10 9.62 -1.61 -10.31
CA PRO A 10 8.66 -2.66 -9.89
C PRO A 10 7.55 -2.83 -10.93
N GLU A 11 6.93 -3.99 -10.97
CA GLU A 11 5.86 -4.24 -11.99
C GLU A 11 4.66 -3.31 -11.74
N LEU A 12 4.23 -2.59 -12.75
CA LEU A 12 3.08 -1.65 -12.58
C LEU A 12 1.79 -2.42 -12.28
N GLY A 13 0.92 -1.86 -11.48
CA GLY A 13 -0.39 -2.51 -11.18
C GLY A 13 -0.27 -3.60 -10.10
N SER A 14 0.92 -3.84 -9.60
CA SER A 14 1.09 -4.90 -8.53
C SER A 14 0.30 -4.51 -7.28
N LYS A 15 -0.35 -5.47 -6.65
CA LYS A 15 -1.10 -5.16 -5.40
C LYS A 15 -0.14 -5.16 -4.19
N ILE A 16 -0.16 -4.11 -3.41
CA ILE A 16 0.75 -4.03 -2.23
C ILE A 16 -0.08 -3.85 -0.95
N SER A 17 0.35 -4.47 0.12
CA SER A 17 -0.30 -4.27 1.45
C SER A 17 0.55 -3.33 2.31
N LEU A 18 -0.06 -2.41 2.99
CA LEU A 18 0.70 -1.30 3.64
C LEU A 18 0.20 -1.07 5.07
N ILE A 19 1.08 -1.12 6.04
CA ILE A 19 0.66 -0.93 7.47
C ILE A 19 1.10 0.46 7.96
N SER A 20 0.15 1.29 8.33
CA SER A 20 0.48 2.70 8.75
C SER A 20 0.67 2.79 10.27
N LYS A 21 1.38 3.80 10.72
CA LYS A 21 1.79 3.92 12.17
C LYS A 21 0.60 3.81 13.13
N ALA A 22 -0.62 3.93 12.65
CA ALA A 22 -1.80 3.80 13.54
C ALA A 22 -2.25 2.33 13.64
N ASP A 23 -1.38 1.40 13.30
CA ASP A 23 -1.75 -0.06 13.30
C ASP A 23 -2.96 -0.29 12.39
N ILE A 24 -3.03 0.45 11.30
CA ILE A 24 -4.16 0.27 10.35
C ILE A 24 -3.67 -0.44 9.09
N ARG A 25 -4.50 -1.25 8.48
CA ARG A 25 -4.07 -1.97 7.25
C ARG A 25 -4.71 -1.34 6.02
N TYR A 26 -3.91 -0.86 5.11
CA TYR A 26 -4.43 -0.32 3.82
C TYR A 26 -3.94 -1.21 2.67
N GLU A 27 -4.68 -1.27 1.60
CA GLU A 27 -4.22 -2.05 0.41
C GLU A 27 -4.60 -1.31 -0.87
N GLY A 28 -3.73 -1.31 -1.85
CA GLY A 28 -4.02 -0.52 -3.09
C GLY A 28 -3.05 -0.91 -4.21
N ARG A 29 -3.31 -0.41 -5.40
CA ARG A 29 -2.41 -0.73 -6.56
C ARG A 29 -1.23 0.25 -6.60
N LEU A 30 -0.04 -0.24 -6.87
CA LEU A 30 1.15 0.66 -7.02
C LEU A 30 1.00 1.55 -8.27
N TYR A 31 0.96 2.84 -8.09
CA TYR A 31 0.88 3.76 -9.27
C TYR A 31 2.26 4.34 -9.58
N THR A 32 2.93 4.87 -8.59
CA THR A 32 4.28 5.48 -8.82
C THR A 32 5.12 5.42 -7.55
N VAL A 33 6.43 5.40 -7.67
CA VAL A 33 7.32 5.34 -6.48
C VAL A 33 8.56 6.20 -6.69
N ASP A 34 9.05 6.83 -5.64
CA ASP A 34 10.30 7.64 -5.76
C ASP A 34 11.30 7.22 -4.68
N PRO A 35 12.28 6.41 -5.06
CA PRO A 35 13.24 5.86 -4.06
C PRO A 35 14.03 6.99 -3.38
N GLN A 36 14.42 7.99 -4.13
CA GLN A 36 15.34 9.03 -3.56
C GLN A 36 14.54 10.04 -2.73
N GLU A 37 13.28 10.21 -3.01
CA GLU A 37 12.41 11.07 -2.14
C GLU A 37 11.82 10.25 -0.98
N CYS A 38 12.14 8.98 -0.86
CA CYS A 38 11.54 8.11 0.21
C CYS A 38 10.00 8.25 0.23
N THR A 39 9.38 8.34 -0.92
CA THR A 39 7.90 8.60 -0.95
C THR A 39 7.24 7.71 -2.00
N ILE A 40 5.98 7.40 -1.81
CA ILE A 40 5.24 6.57 -2.82
C ILE A 40 3.81 7.06 -2.97
N ALA A 41 3.16 6.69 -4.05
CA ALA A 41 1.71 7.05 -4.21
C ALA A 41 0.94 5.83 -4.74
N LEU A 42 -0.12 5.46 -4.08
CA LEU A 42 -0.89 4.26 -4.50
C LEU A 42 -2.24 4.68 -5.08
N SER A 43 -2.75 3.96 -6.04
CA SER A 43 -4.04 4.34 -6.66
C SER A 43 -5.07 3.23 -6.43
N SER A 44 -6.33 3.57 -6.40
CA SER A 44 -7.40 2.59 -6.00
C SER A 44 -6.97 1.81 -4.74
N VAL A 45 -7.20 2.40 -3.59
CA VAL A 45 -6.80 1.75 -2.31
C VAL A 45 -7.95 1.84 -1.29
N ARG A 46 -8.06 0.89 -0.40
CA ARG A 46 -9.13 0.92 0.64
C ARG A 46 -8.55 0.54 2.01
N SER A 47 -9.16 1.02 3.07
CA SER A 47 -8.69 0.64 4.43
C SER A 47 -9.70 -0.32 5.07
N PHE A 48 -9.24 -1.40 5.66
CA PHE A 48 -10.17 -2.47 6.10
C PHE A 48 -10.77 -2.14 7.47
N GLY A 49 -9.99 -1.58 8.37
CA GLY A 49 -10.54 -1.18 9.69
C GLY A 49 -9.41 -0.85 10.66
N THR A 50 -9.74 -0.33 11.81
CA THR A 50 -8.74 -0.19 12.91
C THR A 50 -9.18 -1.01 14.14
N GLU A 51 -10.25 -1.76 14.03
CA GLU A 51 -11.00 -2.25 15.24
C GLU A 51 -10.09 -3.05 16.20
N ASP A 52 -9.11 -3.75 15.68
CA ASP A 52 -8.29 -4.64 16.57
C ASP A 52 -7.49 -3.80 17.57
N ARG A 53 -6.65 -2.93 17.09
CA ARG A 53 -5.84 -2.06 18.01
C ARG A 53 -6.51 -0.69 18.24
N ASP A 54 -7.75 -0.53 17.82
CA ASP A 54 -8.40 0.83 17.84
C ASP A 54 -8.35 1.47 19.24
N THR A 55 -8.74 2.71 19.32
CA THR A 55 -8.88 3.39 20.65
C THR A 55 -10.18 2.96 21.32
N GLN A 56 -10.31 3.20 22.60
CA GLN A 56 -11.56 2.77 23.32
C GLN A 56 -12.74 3.72 23.02
N PHE A 57 -12.54 4.69 22.16
CA PHE A 57 -13.70 5.50 21.66
C PHE A 57 -14.15 4.97 20.29
N GLN A 58 -15.39 5.15 19.94
CA GLN A 58 -15.92 4.55 18.68
C GLN A 58 -15.29 5.21 17.45
N ILE A 59 -14.94 4.43 16.46
CA ILE A 59 -14.37 5.01 15.19
C ILE A 59 -15.30 4.68 14.01
N ALA A 60 -15.46 5.61 13.11
CA ALA A 60 -16.36 5.39 11.95
C ALA A 60 -15.53 4.95 10.71
N PRO A 61 -15.67 3.69 10.33
CA PRO A 61 -14.94 3.20 9.12
C PRO A 61 -15.50 3.85 7.85
N GLN A 62 -14.66 4.07 6.87
CA GLN A 62 -15.13 4.69 5.59
C GLN A 62 -15.31 3.62 4.52
N SER A 63 -16.51 3.50 3.99
CA SER A 63 -16.77 2.48 2.92
C SER A 63 -16.31 2.99 1.55
N GLN A 64 -16.28 4.29 1.36
CA GLN A 64 -15.87 4.86 0.03
C GLN A 64 -14.42 4.47 -0.29
N ILE A 65 -14.11 4.31 -1.56
CA ILE A 65 -12.72 3.94 -1.95
C ILE A 65 -11.94 5.20 -2.35
N TYR A 66 -10.66 5.22 -2.07
CA TYR A 66 -9.84 6.44 -2.40
C TYR A 66 -9.13 6.25 -3.75
N ASP A 67 -9.50 7.06 -4.73
CA ASP A 67 -8.82 7.01 -6.06
C ASP A 67 -7.29 7.09 -5.92
N TYR A 68 -6.82 7.94 -5.04
CA TYR A 68 -5.34 8.16 -4.91
C TYR A 68 -4.98 8.60 -3.50
N ILE A 69 -4.02 7.94 -2.88
CA ILE A 69 -3.50 8.43 -1.56
C ILE A 69 -1.97 8.56 -1.62
N LEU A 70 -1.45 9.70 -1.24
CA LEU A 70 0.03 9.88 -1.17
C LEU A 70 0.55 9.49 0.21
N PHE A 71 1.65 8.78 0.26
CA PHE A 71 2.16 8.27 1.57
C PHE A 71 3.67 8.49 1.68
N ARG A 72 4.11 9.08 2.77
CA ARG A 72 5.58 9.19 3.02
C ARG A 72 6.06 7.98 3.85
N GLY A 73 7.29 7.55 3.62
CA GLY A 73 7.83 6.39 4.38
C GLY A 73 7.82 6.67 5.89
N SER A 74 7.86 7.92 6.28
CA SER A 74 7.91 8.27 7.73
C SER A 74 6.59 7.91 8.42
N ASP A 75 5.48 8.10 7.76
CA ASP A 75 4.15 7.85 8.43
C ASP A 75 3.78 6.37 8.39
N ILE A 76 4.21 5.66 7.37
CA ILE A 76 3.95 4.18 7.32
C ILE A 76 5.22 3.40 7.66
N LYS A 77 5.07 2.36 8.44
CA LYS A 77 6.27 1.70 9.05
C LYS A 77 6.61 0.37 8.34
N ASP A 78 5.69 -0.20 7.59
CA ASP A 78 6.00 -1.50 6.92
C ASP A 78 5.21 -1.65 5.61
N ILE A 79 5.88 -2.03 4.55
CA ILE A 79 5.19 -2.28 3.26
C ILE A 79 5.67 -3.62 2.66
N ARG A 80 4.78 -4.37 2.06
CA ARG A 80 5.18 -5.67 1.45
C ARG A 80 4.35 -5.96 0.19
N VAL A 81 4.99 -6.39 -0.86
CA VAL A 81 4.24 -6.71 -2.13
C VAL A 81 3.75 -8.16 -2.09
N VAL A 82 2.58 -8.42 -2.63
CA VAL A 82 2.04 -9.82 -2.62
C VAL A 82 2.40 -10.53 -3.93
N ASN A 83 2.86 -11.75 -3.85
CA ASN A 83 3.26 -12.50 -5.07
C ASN A 83 2.31 -13.69 -5.30
N ASN A 84 2.34 -14.26 -6.47
CA ASN A 84 1.44 -15.42 -6.77
C ASN A 84 2.15 -16.73 -6.40
N HIS A 85 1.47 -17.61 -5.70
CA HIS A 85 2.09 -18.90 -5.29
C HIS A 85 1.31 -20.07 -5.87
N THR A 86 1.92 -21.24 -5.95
CA THR A 86 1.22 -22.43 -6.52
C THR A 86 1.00 -23.47 -5.42
N LEU A 87 -0.13 -24.14 -5.45
CA LEU A 87 -0.42 -25.18 -4.41
C LEU A 87 0.52 -26.39 -4.57
N PRO A 88 0.63 -27.20 -3.53
CA PRO A 88 1.51 -28.39 -3.58
C PRO A 88 0.99 -29.39 -4.63
N GLY A 1 30.37 -1.08 -6.24
CA GLY A 1 28.91 -0.91 -5.98
C GLY A 1 28.15 -0.96 -7.31
N ALA A 2 28.48 -1.89 -8.17
CA ALA A 2 27.78 -2.00 -9.48
C ALA A 2 26.79 -3.16 -9.46
N MET A 3 26.21 -3.45 -8.31
CA MET A 3 25.23 -4.58 -8.21
C MET A 3 23.82 -4.04 -7.96
N ALA A 4 22.83 -4.60 -8.61
CA ALA A 4 21.43 -4.13 -8.41
C ALA A 4 20.67 -5.09 -7.48
N MET A 5 19.84 -4.57 -6.62
CA MET A 5 19.06 -5.45 -5.68
C MET A 5 18.07 -6.30 -6.46
N SER A 6 17.50 -5.77 -7.51
CA SER A 6 16.51 -6.54 -8.33
C SER A 6 16.95 -6.57 -9.78
N GLY A 7 16.77 -7.70 -10.43
CA GLY A 7 17.17 -7.82 -11.88
C GLY A 7 15.92 -7.82 -12.75
N GLY A 8 14.96 -8.65 -12.43
CA GLY A 8 13.71 -8.71 -13.23
C GLY A 8 12.84 -7.48 -12.95
N LEU A 9 12.27 -6.89 -13.98
CA LEU A 9 11.40 -5.70 -13.77
C LEU A 9 9.99 -6.12 -13.32
N PRO A 10 9.63 -5.82 -12.09
CA PRO A 10 8.28 -6.19 -11.58
C PRO A 10 7.20 -5.43 -12.33
N GLU A 11 6.13 -6.10 -12.71
CA GLU A 11 5.03 -5.42 -13.47
C GLU A 11 4.36 -4.36 -12.61
N LEU A 12 4.18 -3.17 -13.14
CA LEU A 12 3.49 -2.08 -12.38
C LEU A 12 2.04 -2.45 -12.10
N GLY A 13 1.39 -1.74 -11.21
CA GLY A 13 -0.05 -2.03 -10.91
C GLY A 13 -0.20 -3.20 -9.94
N SER A 14 0.87 -3.82 -9.52
CA SER A 14 0.77 -5.00 -8.59
C SER A 14 0.09 -4.58 -7.28
N LYS A 15 -0.58 -5.51 -6.63
CA LYS A 15 -1.27 -5.17 -5.35
C LYS A 15 -0.28 -5.20 -4.17
N ILE A 16 -0.21 -4.13 -3.41
CA ILE A 16 0.71 -4.09 -2.24
C ILE A 16 -0.09 -3.85 -0.95
N SER A 17 0.32 -4.46 0.12
CA SER A 17 -0.32 -4.22 1.45
C SER A 17 0.56 -3.28 2.28
N LEU A 18 -0.05 -2.33 2.95
CA LEU A 18 0.74 -1.25 3.60
C LEU A 18 0.25 -1.03 5.04
N ILE A 19 1.13 -1.09 6.00
CA ILE A 19 0.72 -0.92 7.43
C ILE A 19 1.19 0.44 7.95
N SER A 20 0.26 1.29 8.33
CA SER A 20 0.63 2.66 8.81
C SER A 20 0.80 2.70 10.34
N LYS A 21 1.53 3.67 10.84
CA LYS A 21 1.91 3.72 12.30
C LYS A 21 0.69 3.63 13.23
N ALA A 22 -0.51 3.80 12.72
CA ALA A 22 -1.72 3.73 13.59
C ALA A 22 -2.25 2.30 13.66
N ASP A 23 -1.42 1.32 13.35
CA ASP A 23 -1.88 -0.11 13.25
C ASP A 23 -3.07 -0.20 12.30
N ILE A 24 -3.07 0.61 11.27
CA ILE A 24 -4.17 0.57 10.25
C ILE A 24 -3.67 -0.17 9.01
N ARG A 25 -4.50 -0.98 8.41
CA ARG A 25 -4.06 -1.72 7.19
C ARG A 25 -4.69 -1.08 5.94
N TYR A 26 -3.86 -0.61 5.05
CA TYR A 26 -4.37 -0.10 3.73
C TYR A 26 -3.86 -1.01 2.62
N GLU A 27 -4.62 -1.17 1.57
CA GLU A 27 -4.13 -1.97 0.40
C GLU A 27 -4.54 -1.29 -0.90
N GLY A 28 -3.69 -1.28 -1.88
CA GLY A 28 -4.01 -0.52 -3.14
C GLY A 28 -3.03 -0.90 -4.25
N ARG A 29 -3.28 -0.42 -5.45
CA ARG A 29 -2.37 -0.73 -6.60
C ARG A 29 -1.19 0.23 -6.62
N LEU A 30 0.00 -0.28 -6.88
CA LEU A 30 1.19 0.62 -7.02
C LEU A 30 1.06 1.51 -8.25
N TYR A 31 0.99 2.81 -8.06
CA TYR A 31 0.91 3.74 -9.21
C TYR A 31 2.28 4.34 -9.53
N THR A 32 2.95 4.87 -8.53
CA THR A 32 4.30 5.50 -8.76
C THR A 32 5.14 5.45 -7.49
N VAL A 33 6.44 5.45 -7.63
CA VAL A 33 7.34 5.39 -6.43
C VAL A 33 8.57 6.28 -6.64
N ASP A 34 9.06 6.89 -5.58
CA ASP A 34 10.29 7.73 -5.70
C ASP A 34 11.31 7.31 -4.64
N PRO A 35 12.27 6.49 -5.04
CA PRO A 35 13.25 5.94 -4.06
C PRO A 35 14.03 7.07 -3.36
N GLN A 36 14.42 8.08 -4.08
CA GLN A 36 15.34 9.11 -3.48
C GLN A 36 14.53 10.12 -2.65
N GLU A 37 13.26 10.27 -2.95
CA GLU A 37 12.38 11.13 -2.08
C GLU A 37 11.79 10.31 -0.92
N CYS A 38 12.12 9.02 -0.80
CA CYS A 38 11.52 8.15 0.27
C CYS A 38 9.99 8.29 0.29
N THR A 39 9.36 8.38 -0.86
CA THR A 39 7.89 8.62 -0.90
C THR A 39 7.24 7.73 -1.94
N ILE A 40 5.98 7.41 -1.76
CA ILE A 40 5.25 6.57 -2.78
C ILE A 40 3.80 7.04 -2.91
N ALA A 41 3.14 6.67 -3.98
CA ALA A 41 1.70 7.00 -4.14
C ALA A 41 0.95 5.79 -4.67
N LEU A 42 -0.12 5.41 -4.02
CA LEU A 42 -0.89 4.21 -4.46
C LEU A 42 -2.23 4.64 -5.02
N SER A 43 -2.74 3.94 -6.01
CA SER A 43 -4.03 4.34 -6.65
C SER A 43 -5.05 3.23 -6.42
N SER A 44 -6.32 3.57 -6.40
CA SER A 44 -7.39 2.58 -6.03
C SER A 44 -6.98 1.79 -4.77
N VAL A 45 -7.28 2.33 -3.61
CA VAL A 45 -6.88 1.68 -2.34
C VAL A 45 -8.06 1.68 -1.35
N ARG A 46 -8.16 0.67 -0.53
CA ARG A 46 -9.24 0.61 0.50
C ARG A 46 -8.62 0.45 1.89
N SER A 47 -9.30 0.91 2.92
CA SER A 47 -8.80 0.71 4.31
C SER A 47 -9.68 -0.31 5.03
N PHE A 48 -9.07 -1.23 5.76
CA PHE A 48 -9.86 -2.34 6.38
C PHE A 48 -10.50 -1.89 7.69
N GLY A 49 -9.80 -1.10 8.48
CA GLY A 49 -10.41 -0.57 9.73
C GLY A 49 -9.34 0.06 10.63
N THR A 50 -9.76 0.78 11.64
CA THR A 50 -8.81 1.34 12.64
C THR A 50 -9.11 0.77 14.05
N GLU A 51 -10.02 -0.17 14.15
CA GLU A 51 -10.57 -0.61 15.49
C GLU A 51 -9.45 -0.89 16.51
N ASP A 52 -8.27 -1.24 16.06
CA ASP A 52 -7.16 -1.56 17.02
C ASP A 52 -6.78 -0.32 17.84
N ARG A 53 -6.36 0.74 17.19
CA ARG A 53 -6.04 2.00 17.91
C ARG A 53 -7.24 2.96 17.94
N ASP A 54 -8.41 2.51 17.54
CA ASP A 54 -9.56 3.45 17.35
C ASP A 54 -9.92 4.18 18.66
N THR A 55 -10.83 5.11 18.58
CA THR A 55 -11.32 5.80 19.82
C THR A 55 -12.33 4.91 20.55
N GLN A 56 -12.62 5.22 21.78
CA GLN A 56 -13.59 4.38 22.56
C GLN A 56 -15.05 4.71 22.16
N PHE A 57 -15.24 5.58 21.18
CA PHE A 57 -16.61 5.73 20.58
C PHE A 57 -16.70 4.90 19.30
N GLN A 58 -17.90 4.70 18.80
CA GLN A 58 -18.07 3.84 17.59
C GLN A 58 -17.47 4.54 16.36
N ILE A 59 -16.81 3.79 15.51
CA ILE A 59 -16.21 4.38 14.26
C ILE A 59 -16.91 3.80 13.03
N ALA A 60 -17.26 4.64 12.09
CA ALA A 60 -17.97 4.15 10.86
C ALA A 60 -16.97 3.96 9.71
N PRO A 61 -16.70 2.72 9.33
CA PRO A 61 -15.77 2.46 8.21
C PRO A 61 -16.38 2.96 6.89
N GLN A 62 -15.56 3.43 5.98
CA GLN A 62 -16.08 3.96 4.69
C GLN A 62 -15.98 2.88 3.60
N SER A 63 -17.10 2.52 3.01
CA SER A 63 -17.08 1.50 1.92
C SER A 63 -16.55 2.10 0.60
N GLN A 64 -16.61 3.40 0.46
CA GLN A 64 -16.16 4.06 -0.81
C GLN A 64 -14.67 3.79 -1.04
N ILE A 65 -14.23 3.87 -2.28
CA ILE A 65 -12.79 3.60 -2.61
C ILE A 65 -12.03 4.92 -2.69
N TYR A 66 -10.77 4.91 -2.29
CA TYR A 66 -9.93 6.14 -2.44
C TYR A 66 -9.18 6.11 -3.76
N ASP A 67 -9.53 7.00 -4.68
CA ASP A 67 -8.85 7.04 -6.02
C ASP A 67 -7.32 7.11 -5.89
N TYR A 68 -6.84 7.92 -4.97
CA TYR A 68 -5.37 8.14 -4.86
C TYR A 68 -5.00 8.57 -3.44
N ILE A 69 -4.04 7.92 -2.83
CA ILE A 69 -3.50 8.41 -1.52
C ILE A 69 -1.98 8.52 -1.58
N LEU A 70 -1.44 9.67 -1.21
CA LEU A 70 0.04 9.84 -1.16
C LEU A 70 0.55 9.49 0.24
N PHE A 71 1.64 8.76 0.32
CA PHE A 71 2.14 8.29 1.64
C PHE A 71 3.66 8.48 1.75
N ARG A 72 4.11 9.06 2.83
CA ARG A 72 5.58 9.18 3.07
C ARG A 72 6.08 7.97 3.88
N GLY A 73 7.31 7.57 3.68
CA GLY A 73 7.88 6.42 4.46
C GLY A 73 7.88 6.74 5.96
N SER A 74 7.88 8.01 6.32
CA SER A 74 7.96 8.38 7.77
C SER A 74 6.69 7.95 8.53
N ASP A 75 5.54 8.14 7.94
CA ASP A 75 4.27 7.81 8.68
C ASP A 75 3.94 6.32 8.57
N ILE A 76 4.26 5.69 7.48
CA ILE A 76 4.01 4.22 7.35
C ILE A 76 5.32 3.44 7.60
N LYS A 77 5.22 2.36 8.32
CA LYS A 77 6.45 1.69 8.86
C LYS A 77 6.75 0.38 8.12
N ASP A 78 5.79 -0.19 7.42
CA ASP A 78 6.08 -1.50 6.74
C ASP A 78 5.26 -1.64 5.45
N ILE A 79 5.91 -2.01 4.38
CA ILE A 79 5.21 -2.26 3.09
C ILE A 79 5.68 -3.59 2.48
N ARG A 80 4.77 -4.37 1.93
CA ARG A 80 5.15 -5.67 1.32
C ARG A 80 4.24 -5.99 0.12
N VAL A 81 4.80 -6.50 -0.94
CA VAL A 81 3.97 -6.86 -2.13
C VAL A 81 3.43 -8.29 -1.98
N VAL A 82 2.24 -8.54 -2.50
CA VAL A 82 1.63 -9.90 -2.37
C VAL A 82 1.89 -10.70 -3.66
N ASN A 83 2.31 -11.94 -3.52
CA ASN A 83 2.54 -12.80 -4.72
C ASN A 83 1.66 -14.05 -4.65
N ASN A 84 0.50 -14.01 -5.26
CA ASN A 84 -0.41 -15.18 -5.23
C ASN A 84 -0.26 -16.02 -6.51
N HIS A 85 -0.52 -15.41 -7.65
CA HIS A 85 -0.40 -16.15 -8.94
C HIS A 85 0.25 -15.27 -10.00
N THR A 86 0.82 -15.87 -11.03
CA THR A 86 1.47 -15.06 -12.12
C THR A 86 1.05 -15.61 -13.48
N LEU A 87 1.12 -14.79 -14.50
CA LEU A 87 0.73 -15.24 -15.88
C LEU A 87 1.59 -14.54 -16.94
N PRO A 88 1.66 -15.13 -18.12
CA PRO A 88 2.47 -14.53 -19.22
C PRO A 88 1.83 -13.22 -19.70
N GLY A 1 3.79 -1.16 -29.35
CA GLY A 1 4.57 -1.44 -28.11
C GLY A 1 3.81 -2.46 -27.25
N ALA A 2 4.52 -3.28 -26.52
CA ALA A 2 3.84 -4.29 -25.64
C ALA A 2 4.63 -4.47 -24.34
N MET A 3 3.96 -4.87 -23.29
CA MET A 3 4.66 -5.07 -21.97
C MET A 3 4.39 -6.48 -21.44
N ALA A 4 5.31 -7.02 -20.69
CA ALA A 4 5.13 -8.39 -20.13
C ALA A 4 5.97 -8.56 -18.86
N MET A 5 7.22 -8.16 -18.90
CA MET A 5 8.10 -8.28 -17.71
C MET A 5 8.78 -6.95 -17.40
N SER A 6 9.39 -6.83 -16.25
CA SER A 6 10.08 -5.55 -15.88
C SER A 6 11.60 -5.78 -15.79
N GLY A 7 12.37 -4.77 -16.12
CA GLY A 7 13.86 -4.92 -16.09
C GLY A 7 14.44 -4.03 -15.00
N GLY A 8 14.05 -2.78 -14.96
CA GLY A 8 14.61 -1.83 -13.95
C GLY A 8 13.48 -1.30 -13.07
N LEU A 9 12.38 -0.91 -13.67
CA LEU A 9 11.24 -0.34 -12.88
C LEU A 9 10.44 -1.45 -12.21
N PRO A 10 9.78 -1.13 -11.10
CA PRO A 10 8.96 -2.14 -10.39
C PRO A 10 7.73 -2.53 -11.23
N GLU A 11 7.15 -3.66 -10.93
CA GLU A 11 5.94 -4.11 -11.71
C GLU A 11 4.77 -3.15 -11.48
N LEU A 12 4.43 -2.37 -12.48
CA LEU A 12 3.30 -1.39 -12.33
C LEU A 12 1.98 -2.12 -12.13
N GLY A 13 1.11 -1.58 -11.31
CA GLY A 13 -0.23 -2.19 -11.09
C GLY A 13 -0.16 -3.35 -10.08
N SER A 14 1.00 -3.69 -9.57
CA SER A 14 1.10 -4.80 -8.57
C SER A 14 0.31 -4.46 -7.30
N LYS A 15 -0.37 -5.43 -6.73
CA LYS A 15 -1.13 -5.17 -5.47
C LYS A 15 -0.21 -5.23 -4.24
N ILE A 16 -0.16 -4.17 -3.48
CA ILE A 16 0.74 -4.14 -2.28
C ILE A 16 -0.07 -3.91 -1.01
N SER A 17 0.35 -4.50 0.08
CA SER A 17 -0.31 -4.26 1.40
C SER A 17 0.56 -3.33 2.24
N LEU A 18 -0.04 -2.38 2.90
CA LEU A 18 0.72 -1.29 3.56
C LEU A 18 0.25 -1.09 5.00
N ILE A 19 1.15 -1.14 5.95
CA ILE A 19 0.74 -0.98 7.39
C ILE A 19 1.20 0.40 7.90
N SER A 20 0.26 1.22 8.31
CA SER A 20 0.60 2.60 8.78
C SER A 20 0.78 2.64 10.31
N LYS A 21 1.51 3.63 10.79
CA LYS A 21 1.91 3.69 12.24
C LYS A 21 0.70 3.56 13.19
N ALA A 22 -0.50 3.73 12.69
CA ALA A 22 -1.70 3.63 13.58
C ALA A 22 -2.21 2.18 13.64
N ASP A 23 -1.37 1.22 13.33
CA ASP A 23 -1.80 -0.21 13.24
C ASP A 23 -2.99 -0.34 12.29
N ILE A 24 -3.01 0.48 11.26
CA ILE A 24 -4.12 0.41 10.26
C ILE A 24 -3.62 -0.32 9.02
N ARG A 25 -4.46 -1.13 8.42
CA ARG A 25 -4.04 -1.87 7.19
C ARG A 25 -4.67 -1.22 5.96
N TYR A 26 -3.85 -0.75 5.06
CA TYR A 26 -4.36 -0.22 3.76
C TYR A 26 -3.89 -1.13 2.62
N GLU A 27 -4.64 -1.24 1.57
CA GLU A 27 -4.18 -2.03 0.39
C GLU A 27 -4.59 -1.33 -0.90
N GLY A 28 -3.74 -1.33 -1.89
CA GLY A 28 -4.06 -0.56 -3.14
C GLY A 28 -3.07 -0.92 -4.26
N ARG A 29 -3.33 -0.44 -5.45
CA ARG A 29 -2.41 -0.72 -6.60
C ARG A 29 -1.24 0.28 -6.61
N LEU A 30 -0.04 -0.20 -6.80
CA LEU A 30 1.13 0.72 -6.92
C LEU A 30 1.02 1.59 -8.19
N TYR A 31 0.98 2.89 -8.03
CA TYR A 31 0.92 3.78 -9.22
C TYR A 31 2.31 4.35 -9.55
N THR A 32 2.98 4.89 -8.56
CA THR A 32 4.33 5.48 -8.80
C THR A 32 5.16 5.44 -7.50
N VAL A 33 6.47 5.43 -7.63
CA VAL A 33 7.35 5.38 -6.41
C VAL A 33 8.60 6.25 -6.63
N ASP A 34 9.08 6.87 -5.58
CA ASP A 34 10.33 7.68 -5.70
C ASP A 34 11.31 7.27 -4.59
N PRO A 35 12.27 6.42 -4.94
CA PRO A 35 13.21 5.87 -3.93
C PRO A 35 13.99 7.00 -3.23
N GLN A 36 14.41 8.00 -3.97
CA GLN A 36 15.35 9.01 -3.41
C GLN A 36 14.57 10.04 -2.57
N GLU A 37 13.32 10.25 -2.88
CA GLU A 37 12.47 11.13 -2.00
C GLU A 37 11.82 10.33 -0.86
N CYS A 38 12.12 9.04 -0.75
CA CYS A 38 11.47 8.18 0.31
C CYS A 38 9.94 8.34 0.30
N THR A 39 9.34 8.44 -0.86
CA THR A 39 7.87 8.70 -0.94
C THR A 39 7.22 7.79 -1.99
N ILE A 40 5.96 7.48 -1.81
CA ILE A 40 5.24 6.64 -2.81
C ILE A 40 3.80 7.12 -2.95
N ALA A 41 3.15 6.73 -4.03
CA ALA A 41 1.70 7.07 -4.21
C ALA A 41 0.95 5.85 -4.74
N LEU A 42 -0.12 5.48 -4.08
CA LEU A 42 -0.89 4.27 -4.50
C LEU A 42 -2.23 4.69 -5.08
N SER A 43 -2.74 3.94 -6.02
CA SER A 43 -4.04 4.32 -6.67
C SER A 43 -5.07 3.21 -6.43
N SER A 44 -6.34 3.55 -6.40
CA SER A 44 -7.40 2.57 -6.01
C SER A 44 -6.97 1.79 -4.75
N VAL A 45 -7.20 2.38 -3.60
CA VAL A 45 -6.80 1.73 -2.31
C VAL A 45 -7.95 1.83 -1.30
N ARG A 46 -8.05 0.87 -0.41
CA ARG A 46 -9.12 0.91 0.64
C ARG A 46 -8.53 0.54 2.00
N SER A 47 -9.13 1.01 3.07
CA SER A 47 -8.62 0.68 4.44
C SER A 47 -9.60 -0.28 5.13
N PHE A 48 -9.08 -1.25 5.84
CA PHE A 48 -9.98 -2.31 6.43
C PHE A 48 -10.58 -1.83 7.76
N GLY A 49 -9.82 -1.12 8.57
CA GLY A 49 -10.38 -0.60 9.84
C GLY A 49 -9.26 -0.08 10.74
N THR A 50 -9.62 0.57 11.83
CA THR A 50 -8.59 1.01 12.84
C THR A 50 -8.84 0.34 14.20
N GLU A 51 -9.77 -0.60 14.27
CA GLU A 51 -10.28 -1.12 15.60
C GLU A 51 -9.13 -1.55 16.53
N ASP A 52 -7.99 -1.90 16.00
CA ASP A 52 -6.87 -2.37 16.88
C ASP A 52 -6.37 -1.23 17.78
N ARG A 53 -5.91 -0.15 17.19
CA ARG A 53 -5.49 1.03 18.01
C ARG A 53 -6.63 2.06 18.15
N ASP A 54 -7.84 1.71 17.76
CA ASP A 54 -8.94 2.72 17.70
C ASP A 54 -9.18 3.36 19.08
N THR A 55 -10.04 4.35 19.13
CA THR A 55 -10.40 4.99 20.44
C THR A 55 -11.40 4.10 21.18
N GLN A 56 -11.58 4.34 22.45
CA GLN A 56 -12.55 3.50 23.24
C GLN A 56 -14.00 3.93 22.98
N PHE A 57 -14.23 4.85 22.07
CA PHE A 57 -15.62 5.11 21.57
C PHE A 57 -15.85 4.34 20.27
N GLN A 58 -17.08 4.21 19.86
CA GLN A 58 -17.39 3.40 18.63
C GLN A 58 -16.86 4.10 17.38
N ILE A 59 -16.25 3.37 16.49
CA ILE A 59 -15.76 3.97 15.20
C ILE A 59 -16.55 3.39 14.02
N ALA A 60 -16.96 4.22 13.10
CA ALA A 60 -17.75 3.73 11.93
C ALA A 60 -16.82 3.47 10.73
N PRO A 61 -16.62 2.21 10.38
CA PRO A 61 -15.78 1.89 9.19
C PRO A 61 -16.49 2.31 7.90
N GLN A 62 -15.75 2.84 6.96
CA GLN A 62 -16.36 3.25 5.66
C GLN A 62 -15.81 2.40 4.51
N SER A 63 -16.66 1.96 3.63
CA SER A 63 -16.21 1.12 2.47
C SER A 63 -15.87 2.00 1.26
N GLN A 64 -15.79 3.31 1.43
CA GLN A 64 -15.48 4.21 0.27
C GLN A 64 -14.07 3.91 -0.28
N ILE A 65 -13.93 3.89 -1.58
CA ILE A 65 -12.59 3.62 -2.19
C ILE A 65 -11.90 4.95 -2.54
N TYR A 66 -10.63 5.08 -2.23
CA TYR A 66 -9.90 6.34 -2.54
C TYR A 66 -9.16 6.21 -3.87
N ASP A 67 -9.51 7.03 -4.84
CA ASP A 67 -8.81 7.00 -6.17
C ASP A 67 -7.28 7.08 -6.00
N TYR A 68 -6.81 7.94 -5.12
CA TYR A 68 -5.35 8.17 -4.99
C TYR A 68 -5.01 8.62 -3.55
N ILE A 69 -4.04 7.98 -2.95
CA ILE A 69 -3.52 8.47 -1.62
C ILE A 69 -1.99 8.60 -1.67
N LEU A 70 -1.47 9.74 -1.28
CA LEU A 70 0.00 9.92 -1.21
C LEU A 70 0.51 9.54 0.19
N PHE A 71 1.61 8.84 0.26
CA PHE A 71 2.10 8.34 1.58
C PHE A 71 3.62 8.53 1.70
N ARG A 72 4.06 9.10 2.80
CA ARG A 72 5.53 9.21 3.04
C ARG A 72 6.02 8.00 3.86
N GLY A 73 7.26 7.62 3.68
CA GLY A 73 7.84 6.49 4.47
C GLY A 73 7.80 6.81 5.98
N SER A 74 7.77 8.08 6.33
CA SER A 74 7.82 8.45 7.77
C SER A 74 6.54 8.01 8.51
N ASP A 75 5.39 8.18 7.89
CA ASP A 75 4.11 7.86 8.59
C ASP A 75 3.80 6.35 8.49
N ILE A 76 4.16 5.73 7.41
CA ILE A 76 3.94 4.25 7.29
C ILE A 76 5.25 3.49 7.53
N LYS A 77 5.16 2.40 8.26
CA LYS A 77 6.41 1.76 8.80
C LYS A 77 6.74 0.46 8.06
N ASP A 78 5.80 -0.14 7.35
CA ASP A 78 6.11 -1.43 6.67
C ASP A 78 5.28 -1.60 5.39
N ILE A 79 5.94 -1.95 4.30
CA ILE A 79 5.21 -2.22 3.03
C ILE A 79 5.70 -3.54 2.41
N ARG A 80 4.80 -4.35 1.90
CA ARG A 80 5.22 -5.66 1.30
C ARG A 80 4.30 -6.01 0.12
N VAL A 81 4.85 -6.63 -0.90
CA VAL A 81 4.02 -7.03 -2.09
C VAL A 81 3.36 -8.39 -1.82
N VAL A 82 2.18 -8.60 -2.35
CA VAL A 82 1.46 -9.89 -2.11
C VAL A 82 1.71 -10.84 -3.29
N ASN A 83 2.12 -12.05 -3.01
CA ASN A 83 2.37 -13.06 -4.09
C ASN A 83 1.27 -14.11 -4.10
N ASN A 84 0.78 -14.49 -2.94
CA ASN A 84 -0.28 -15.54 -2.86
C ASN A 84 -1.63 -14.89 -2.56
N HIS A 85 -2.66 -15.32 -3.24
CA HIS A 85 -4.03 -14.74 -3.00
C HIS A 85 -4.94 -15.79 -2.33
N THR A 86 -5.72 -15.38 -1.37
CA THR A 86 -6.62 -16.34 -0.67
C THR A 86 -8.08 -16.07 -1.04
N LEU A 87 -8.86 -17.11 -1.20
CA LEU A 87 -10.30 -16.93 -1.58
C LEU A 87 -11.21 -17.43 -0.44
N PRO A 88 -12.46 -17.00 -0.46
CA PRO A 88 -13.42 -17.43 0.60
C PRO A 88 -13.73 -18.92 0.45
N GLY A 1 26.73 -0.67 -12.23
CA GLY A 1 27.43 -0.69 -13.54
C GLY A 1 26.49 -0.20 -14.64
N ALA A 2 26.31 -0.98 -15.67
CA ALA A 2 25.40 -0.56 -16.78
C ALA A 2 24.06 -1.29 -16.66
N MET A 3 22.98 -0.63 -17.01
CA MET A 3 21.63 -1.26 -16.92
C MET A 3 21.17 -1.73 -18.30
N ALA A 4 20.75 -2.96 -18.41
CA ALA A 4 20.27 -3.49 -19.73
C ALA A 4 19.29 -4.64 -19.51
N MET A 5 18.53 -4.60 -18.44
CA MET A 5 17.54 -5.69 -18.17
C MET A 5 16.13 -5.10 -17.96
N SER A 6 15.11 -5.83 -18.33
CA SER A 6 13.71 -5.32 -18.17
C SER A 6 12.99 -6.07 -17.04
N GLY A 7 13.73 -6.53 -16.06
CA GLY A 7 13.09 -7.28 -14.93
C GLY A 7 13.79 -6.91 -13.62
N GLY A 8 14.12 -5.66 -13.44
CA GLY A 8 14.81 -5.23 -12.19
C GLY A 8 13.80 -4.55 -11.25
N LEU A 9 13.06 -3.60 -11.77
CA LEU A 9 12.06 -2.89 -10.91
C LEU A 9 10.79 -3.73 -10.74
N PRO A 10 10.02 -3.45 -9.70
CA PRO A 10 8.76 -4.19 -9.46
C PRO A 10 7.75 -3.91 -10.59
N GLU A 11 6.93 -4.88 -10.92
CA GLU A 11 5.91 -4.69 -12.00
C GLU A 11 4.90 -3.61 -11.61
N LEU A 12 4.64 -2.67 -12.48
CA LEU A 12 3.64 -1.59 -12.17
C LEU A 12 2.23 -2.18 -12.00
N GLY A 13 1.43 -1.58 -11.16
CA GLY A 13 0.02 -2.06 -10.98
C GLY A 13 -0.05 -3.25 -10.02
N SER A 14 1.07 -3.73 -9.51
CA SER A 14 1.04 -4.91 -8.57
C SER A 14 0.26 -4.55 -7.30
N LYS A 15 -0.41 -5.51 -6.72
CA LYS A 15 -1.17 -5.24 -5.46
C LYS A 15 -0.23 -5.28 -4.24
N ILE A 16 -0.21 -4.22 -3.45
CA ILE A 16 0.69 -4.19 -2.26
C ILE A 16 -0.14 -3.97 -0.98
N SER A 17 0.28 -4.60 0.10
CA SER A 17 -0.37 -4.36 1.42
C SER A 17 0.51 -3.43 2.25
N LEU A 18 -0.07 -2.48 2.93
CA LEU A 18 0.73 -1.40 3.58
C LEU A 18 0.21 -1.14 5.00
N ILE A 19 1.09 -1.15 5.98
CA ILE A 19 0.65 -0.94 7.39
C ILE A 19 1.12 0.44 7.88
N SER A 20 0.18 1.27 8.30
CA SER A 20 0.53 2.64 8.76
C SER A 20 0.75 2.69 10.28
N LYS A 21 1.48 3.68 10.75
CA LYS A 21 1.91 3.74 12.20
C LYS A 21 0.73 3.62 13.18
N ALA A 22 -0.49 3.75 12.70
CA ALA A 22 -1.68 3.62 13.60
C ALA A 22 -2.14 2.15 13.66
N ASP A 23 -1.28 1.22 13.29
CA ASP A 23 -1.68 -0.22 13.21
C ASP A 23 -2.91 -0.37 12.32
N ILE A 24 -2.99 0.45 11.29
CA ILE A 24 -4.14 0.36 10.33
C ILE A 24 -3.68 -0.36 9.06
N ARG A 25 -4.52 -1.15 8.47
CA ARG A 25 -4.12 -1.89 7.24
C ARG A 25 -4.74 -1.24 6.00
N TYR A 26 -3.91 -0.78 5.10
CA TYR A 26 -4.42 -0.24 3.80
C TYR A 26 -3.93 -1.15 2.68
N GLU A 27 -4.69 -1.25 1.61
CA GLU A 27 -4.22 -2.05 0.43
C GLU A 27 -4.62 -1.35 -0.85
N GLY A 28 -3.76 -1.35 -1.85
CA GLY A 28 -4.07 -0.59 -3.09
C GLY A 28 -3.08 -0.95 -4.21
N ARG A 29 -3.33 -0.46 -5.40
CA ARG A 29 -2.40 -0.76 -6.55
C ARG A 29 -1.23 0.22 -6.56
N LEU A 30 -0.04 -0.28 -6.79
CA LEU A 30 1.16 0.63 -6.92
C LEU A 30 1.03 1.51 -8.18
N TYR A 31 0.99 2.81 -8.00
CA TYR A 31 0.91 3.73 -9.17
C TYR A 31 2.29 4.30 -9.50
N THR A 32 2.98 4.83 -8.52
CA THR A 32 4.32 5.46 -8.77
C THR A 32 5.17 5.41 -7.50
N VAL A 33 6.48 5.46 -7.66
CA VAL A 33 7.39 5.38 -6.46
C VAL A 33 8.59 6.33 -6.67
N ASP A 34 9.07 6.92 -5.61
CA ASP A 34 10.28 7.80 -5.72
C ASP A 34 11.31 7.38 -4.66
N PRO A 35 12.30 6.59 -5.08
CA PRO A 35 13.30 6.05 -4.11
C PRO A 35 14.04 7.19 -3.39
N GLN A 36 14.44 8.21 -4.11
CA GLN A 36 15.34 9.24 -3.51
C GLN A 36 14.51 10.24 -2.68
N GLU A 37 13.24 10.38 -2.97
CA GLU A 37 12.36 11.21 -2.11
C GLU A 37 11.77 10.39 -0.94
N CYS A 38 12.12 9.12 -0.82
CA CYS A 38 11.53 8.25 0.25
C CYS A 38 10.00 8.34 0.28
N THR A 39 9.37 8.41 -0.88
CA THR A 39 7.90 8.63 -0.91
C THR A 39 7.25 7.69 -1.93
N ILE A 40 5.99 7.38 -1.74
CA ILE A 40 5.26 6.52 -2.72
C ILE A 40 3.82 7.00 -2.90
N ALA A 41 3.18 6.62 -3.97
CA ALA A 41 1.74 6.97 -4.17
C ALA A 41 0.98 5.75 -4.68
N LEU A 42 -0.09 5.39 -4.02
CA LEU A 42 -0.86 4.18 -4.44
C LEU A 42 -2.21 4.62 -5.03
N SER A 43 -2.71 3.89 -6.00
CA SER A 43 -4.00 4.28 -6.64
C SER A 43 -5.03 3.19 -6.40
N SER A 44 -6.30 3.54 -6.37
CA SER A 44 -7.37 2.57 -5.98
C SER A 44 -6.96 1.80 -4.72
N VAL A 45 -7.18 2.38 -3.57
CA VAL A 45 -6.79 1.73 -2.28
C VAL A 45 -7.95 1.85 -1.27
N ARG A 46 -8.06 0.91 -0.37
CA ARG A 46 -9.13 0.98 0.67
C ARG A 46 -8.56 0.61 2.05
N SER A 47 -9.15 1.10 3.10
CA SER A 47 -8.69 0.75 4.48
C SER A 47 -9.72 -0.14 5.16
N PHE A 48 -9.29 -1.18 5.85
CA PHE A 48 -10.26 -2.18 6.39
C PHE A 48 -10.86 -1.71 7.72
N GLY A 49 -10.06 -1.08 8.56
CA GLY A 49 -10.62 -0.52 9.83
C GLY A 49 -9.48 -0.13 10.78
N THR A 50 -9.81 0.57 11.83
CA THR A 50 -8.81 0.82 12.93
C THR A 50 -9.30 0.21 14.26
N GLU A 51 -10.38 -0.53 14.24
CA GLU A 51 -11.08 -0.92 15.51
C GLU A 51 -10.13 -1.63 16.49
N ASP A 52 -9.07 -2.22 16.01
CA ASP A 52 -8.15 -2.97 16.94
C ASP A 52 -7.47 -2.00 17.90
N ARG A 53 -6.74 -1.04 17.38
CA ARG A 53 -6.09 -0.02 18.27
C ARG A 53 -6.97 1.24 18.40
N ASP A 54 -8.19 1.19 17.93
CA ASP A 54 -9.02 2.45 17.83
C ASP A 54 -9.16 3.16 19.19
N THR A 55 -9.67 4.35 19.19
CA THR A 55 -9.95 5.08 20.47
C THR A 55 -11.25 4.54 21.09
N GLN A 56 -11.48 4.83 22.34
CA GLN A 56 -12.72 4.33 23.01
C GLN A 56 -13.95 5.15 22.61
N PHE A 57 -13.79 6.10 21.70
CA PHE A 57 -14.98 6.73 21.05
C PHE A 57 -15.23 6.05 19.70
N GLN A 58 -16.47 5.96 19.28
CA GLN A 58 -16.80 5.21 18.02
C GLN A 58 -16.19 5.92 16.79
N ILE A 59 -15.70 5.15 15.84
CA ILE A 59 -15.15 5.75 14.58
C ILE A 59 -16.01 5.32 13.39
N ALA A 60 -16.34 6.24 12.51
CA ALA A 60 -17.20 5.89 11.33
C ALA A 60 -16.41 4.99 10.36
N PRO A 61 -17.04 3.92 9.92
CA PRO A 61 -16.36 2.99 8.97
C PRO A 61 -16.19 3.65 7.61
N GLN A 62 -15.09 3.38 6.93
CA GLN A 62 -14.87 3.98 5.58
C GLN A 62 -15.24 2.97 4.50
N SER A 63 -16.30 3.22 3.79
CA SER A 63 -16.73 2.28 2.70
C SER A 63 -16.27 2.80 1.33
N GLN A 64 -16.24 4.10 1.16
CA GLN A 64 -15.82 4.69 -0.16
C GLN A 64 -14.37 4.32 -0.48
N ILE A 65 -14.06 4.18 -1.74
CA ILE A 65 -12.66 3.83 -2.15
C ILE A 65 -11.90 5.11 -2.52
N TYR A 66 -10.62 5.16 -2.20
CA TYR A 66 -9.82 6.38 -2.51
C TYR A 66 -9.09 6.22 -3.85
N ASP A 67 -9.45 7.02 -4.83
CA ASP A 67 -8.74 6.98 -6.16
C ASP A 67 -7.22 7.07 -5.99
N TYR A 68 -6.76 7.92 -5.10
CA TYR A 68 -5.28 8.14 -4.96
C TYR A 68 -4.95 8.58 -3.54
N ILE A 69 -3.99 7.96 -2.91
CA ILE A 69 -3.48 8.45 -1.60
C ILE A 69 -1.95 8.58 -1.64
N LEU A 70 -1.42 9.73 -1.29
CA LEU A 70 0.05 9.90 -1.22
C LEU A 70 0.55 9.56 0.19
N PHE A 71 1.65 8.85 0.28
CA PHE A 71 2.14 8.40 1.62
C PHE A 71 3.66 8.56 1.73
N ARG A 72 4.13 9.13 2.80
CA ARG A 72 5.60 9.20 3.04
C ARG A 72 6.08 8.00 3.85
N GLY A 73 7.32 7.60 3.68
CA GLY A 73 7.87 6.46 4.49
C GLY A 73 7.81 6.77 5.99
N SER A 74 7.80 8.04 6.35
CA SER A 74 7.83 8.41 7.80
C SER A 74 6.54 7.99 8.51
N ASP A 75 5.40 8.19 7.87
CA ASP A 75 4.09 7.88 8.55
C ASP A 75 3.75 6.39 8.45
N ILE A 76 4.13 5.76 7.37
CA ILE A 76 3.88 4.28 7.24
C ILE A 76 5.20 3.51 7.43
N LYS A 77 5.14 2.45 8.21
CA LYS A 77 6.40 1.83 8.71
C LYS A 77 6.66 0.46 8.07
N ASP A 78 5.70 -0.12 7.39
CA ASP A 78 5.95 -1.47 6.79
C ASP A 78 5.19 -1.65 5.47
N ILE A 79 5.87 -2.10 4.44
CA ILE A 79 5.20 -2.37 3.13
C ILE A 79 5.63 -3.75 2.61
N ARG A 80 4.71 -4.49 2.02
CA ARG A 80 5.07 -5.84 1.47
C ARG A 80 4.25 -6.12 0.20
N VAL A 81 4.89 -6.61 -0.84
CA VAL A 81 4.16 -6.93 -2.10
C VAL A 81 3.61 -8.36 -2.03
N VAL A 82 2.44 -8.59 -2.60
CA VAL A 82 1.84 -9.96 -2.55
C VAL A 82 2.22 -10.74 -3.82
N ASN A 83 2.77 -11.92 -3.65
CA ASN A 83 3.19 -12.74 -4.83
C ASN A 83 3.07 -14.23 -4.51
N ASN A 84 3.47 -15.08 -5.42
CA ASN A 84 3.41 -16.55 -5.16
C ASN A 84 4.69 -17.02 -4.47
N HIS A 85 4.73 -18.26 -4.04
CA HIS A 85 5.94 -18.78 -3.34
C HIS A 85 6.83 -19.57 -4.31
N THR A 86 8.11 -19.30 -4.31
CA THR A 86 9.03 -20.02 -5.25
C THR A 86 10.33 -20.37 -4.51
N LEU A 87 11.12 -21.26 -5.08
CA LEU A 87 12.41 -21.67 -4.44
C LEU A 87 13.58 -20.88 -5.06
N PRO A 88 14.15 -19.97 -4.28
CA PRO A 88 15.31 -19.17 -4.79
C PRO A 88 16.53 -20.07 -4.98
N GLY A 1 11.32 -18.11 -27.72
CA GLY A 1 12.50 -19.01 -27.77
C GLY A 1 12.49 -19.95 -26.56
N ALA A 2 13.52 -19.89 -25.75
CA ALA A 2 13.57 -20.77 -24.53
C ALA A 2 12.49 -20.37 -23.53
N MET A 3 12.18 -19.10 -23.46
CA MET A 3 11.12 -18.63 -22.51
C MET A 3 10.01 -17.90 -23.26
N ALA A 4 8.80 -17.98 -22.77
CA ALA A 4 7.66 -17.30 -23.46
C ALA A 4 7.11 -16.16 -22.57
N MET A 5 7.96 -15.53 -21.81
CA MET A 5 7.51 -14.42 -20.91
C MET A 5 7.72 -13.07 -21.60
N SER A 6 6.73 -12.20 -21.52
CA SER A 6 6.85 -10.85 -22.16
C SER A 6 7.93 -10.01 -21.45
N GLY A 7 8.09 -10.21 -20.17
CA GLY A 7 9.11 -9.43 -19.40
C GLY A 7 9.74 -10.32 -18.33
N GLY A 8 10.74 -9.81 -17.64
CA GLY A 8 11.41 -10.62 -16.57
C GLY A 8 11.07 -10.04 -15.21
N LEU A 9 11.07 -8.74 -15.09
CA LEU A 9 10.77 -8.09 -13.77
C LEU A 9 9.24 -8.05 -13.54
N PRO A 10 8.84 -7.90 -12.29
CA PRO A 10 7.39 -7.84 -11.96
C PRO A 10 6.74 -6.60 -12.59
N GLU A 11 5.63 -6.78 -13.27
CA GLU A 11 4.93 -5.61 -13.91
C GLU A 11 4.42 -4.64 -12.83
N LEU A 12 4.49 -3.36 -13.10
CA LEU A 12 3.98 -2.34 -12.11
C LEU A 12 2.47 -2.49 -11.92
N GLY A 13 1.90 -1.75 -11.01
CA GLY A 13 0.42 -1.85 -10.75
C GLY A 13 0.08 -3.04 -9.85
N SER A 14 1.06 -3.82 -9.44
CA SER A 14 0.77 -5.03 -8.60
C SER A 14 0.09 -4.61 -7.29
N LYS A 15 -0.59 -5.53 -6.64
CA LYS A 15 -1.28 -5.18 -5.36
C LYS A 15 -0.29 -5.21 -4.19
N ILE A 16 -0.23 -4.14 -3.43
CA ILE A 16 0.69 -4.08 -2.25
C ILE A 16 -0.10 -3.84 -0.97
N SER A 17 0.33 -4.43 0.12
CA SER A 17 -0.31 -4.19 1.43
C SER A 17 0.57 -3.23 2.25
N LEU A 18 -0.04 -2.28 2.92
CA LEU A 18 0.76 -1.18 3.56
C LEU A 18 0.24 -0.95 4.99
N ILE A 19 1.11 -1.04 5.97
CA ILE A 19 0.67 -0.87 7.40
C ILE A 19 1.08 0.52 7.91
N SER A 20 0.12 1.31 8.30
CA SER A 20 0.40 2.72 8.73
C SER A 20 0.58 2.84 10.25
N LYS A 21 1.26 3.88 10.68
CA LYS A 21 1.67 4.01 12.13
C LYS A 21 0.48 3.86 13.09
N ALA A 22 -0.73 3.96 12.62
CA ALA A 22 -1.91 3.81 13.52
C ALA A 22 -2.34 2.33 13.60
N ASP A 23 -1.44 1.41 13.28
CA ASP A 23 -1.79 -0.05 13.29
C ASP A 23 -2.98 -0.32 12.38
N ILE A 24 -3.06 0.40 11.28
CA ILE A 24 -4.19 0.19 10.32
C ILE A 24 -3.66 -0.52 9.07
N ARG A 25 -4.48 -1.32 8.44
CA ARG A 25 -4.03 -2.02 7.19
C ARG A 25 -4.69 -1.39 5.96
N TYR A 26 -3.89 -0.88 5.06
CA TYR A 26 -4.42 -0.32 3.79
C TYR A 26 -3.94 -1.21 2.63
N GLU A 27 -4.68 -1.27 1.56
CA GLU A 27 -4.21 -2.05 0.36
C GLU A 27 -4.59 -1.31 -0.92
N GLY A 28 -3.73 -1.30 -1.90
CA GLY A 28 -4.02 -0.51 -3.14
C GLY A 28 -3.06 -0.90 -4.26
N ARG A 29 -3.30 -0.41 -5.45
CA ARG A 29 -2.40 -0.74 -6.61
C ARG A 29 -1.20 0.20 -6.64
N LEU A 30 -0.03 -0.32 -6.93
CA LEU A 30 1.18 0.55 -7.06
C LEU A 30 1.04 1.48 -8.28
N TYR A 31 0.99 2.77 -8.06
CA TYR A 31 0.88 3.73 -9.20
C TYR A 31 2.25 4.33 -9.53
N THR A 32 2.95 4.84 -8.54
CA THR A 32 4.27 5.50 -8.78
C THR A 32 5.14 5.44 -7.53
N VAL A 33 6.44 5.50 -7.70
CA VAL A 33 7.36 5.43 -6.52
C VAL A 33 8.56 6.38 -6.74
N ASP A 34 9.05 6.99 -5.69
CA ASP A 34 10.24 7.88 -5.81
C ASP A 34 11.31 7.46 -4.79
N PRO A 35 12.30 6.72 -5.24
CA PRO A 35 13.34 6.19 -4.31
C PRO A 35 14.08 7.33 -3.60
N GLN A 36 14.40 8.38 -4.31
CA GLN A 36 15.29 9.44 -3.73
C GLN A 36 14.48 10.37 -2.82
N GLU A 37 13.19 10.49 -3.06
CA GLU A 37 12.33 11.28 -2.13
C GLU A 37 11.81 10.40 -0.98
N CYS A 38 12.19 9.14 -0.92
CA CYS A 38 11.65 8.20 0.14
C CYS A 38 10.11 8.27 0.20
N THR A 39 9.45 8.36 -0.93
CA THR A 39 7.97 8.54 -0.93
C THR A 39 7.32 7.62 -1.95
N ILE A 40 6.08 7.26 -1.75
CA ILE A 40 5.35 6.42 -2.75
C ILE A 40 3.89 6.88 -2.86
N ALA A 41 3.23 6.53 -3.94
CA ALA A 41 1.78 6.87 -4.08
C ALA A 41 1.02 5.67 -4.64
N LEU A 42 -0.05 5.29 -3.99
CA LEU A 42 -0.84 4.11 -4.45
C LEU A 42 -2.18 4.57 -5.01
N SER A 43 -2.68 3.91 -6.03
CA SER A 43 -3.96 4.35 -6.66
C SER A 43 -5.01 3.25 -6.44
N SER A 44 -6.27 3.63 -6.40
CA SER A 44 -7.36 2.67 -6.02
C SER A 44 -6.94 1.88 -4.76
N VAL A 45 -7.18 2.44 -3.60
CA VAL A 45 -6.79 1.78 -2.33
C VAL A 45 -7.94 1.87 -1.32
N ARG A 46 -8.05 0.89 -0.45
CA ARG A 46 -9.13 0.92 0.59
C ARG A 46 -8.56 0.52 1.95
N SER A 47 -9.17 0.97 3.02
CA SER A 47 -8.71 0.58 4.39
C SER A 47 -9.69 -0.43 4.99
N PHE A 48 -9.20 -1.53 5.49
CA PHE A 48 -10.13 -2.64 5.89
C PHE A 48 -10.70 -2.40 7.29
N GLY A 49 -9.89 -1.89 8.20
CA GLY A 49 -10.42 -1.61 9.57
C GLY A 49 -9.26 -1.32 10.52
N THR A 50 -9.57 -0.97 11.75
CA THR A 50 -8.51 -0.90 12.81
C THR A 50 -8.82 -1.89 13.94
N GLU A 51 -9.88 -2.67 13.82
CA GLU A 51 -10.45 -3.40 14.99
C GLU A 51 -9.42 -4.30 15.67
N ASP A 52 -8.53 -4.89 14.91
CA ASP A 52 -7.55 -5.86 15.52
C ASP A 52 -6.66 -5.16 16.55
N ARG A 53 -5.93 -4.15 16.13
CA ARG A 53 -5.07 -3.39 17.07
C ARG A 53 -5.79 -2.15 17.62
N ASP A 54 -7.08 -2.03 17.38
CA ASP A 54 -7.82 -0.73 17.66
C ASP A 54 -7.54 -0.21 19.08
N THR A 55 -7.74 1.07 19.28
CA THR A 55 -7.66 1.65 20.66
C THR A 55 -8.94 1.37 21.43
N GLN A 56 -8.93 1.53 22.73
CA GLN A 56 -10.17 1.25 23.53
C GLN A 56 -11.19 2.39 23.41
N PHE A 57 -10.92 3.38 22.59
CA PHE A 57 -11.98 4.36 22.23
C PHE A 57 -12.61 3.97 20.88
N GLN A 58 -13.74 4.56 20.55
CA GLN A 58 -14.45 4.15 19.30
C GLN A 58 -13.76 4.74 18.06
N ILE A 59 -13.55 3.94 17.04
CA ILE A 59 -12.93 4.44 15.78
C ILE A 59 -13.90 4.26 14.61
N ALA A 60 -13.99 5.23 13.74
CA ALA A 60 -14.93 5.12 12.57
C ALA A 60 -14.17 4.64 11.32
N PRO A 61 -14.43 3.42 10.89
CA PRO A 61 -13.77 2.89 9.66
C PRO A 61 -14.30 3.63 8.43
N GLN A 62 -13.50 3.72 7.39
CA GLN A 62 -13.94 4.42 6.14
C GLN A 62 -14.40 3.39 5.10
N SER A 63 -15.58 3.56 4.57
CA SER A 63 -16.11 2.59 3.56
C SER A 63 -15.82 3.10 2.14
N GLN A 64 -15.79 4.39 1.94
CA GLN A 64 -15.54 4.95 0.58
C GLN A 64 -14.15 4.54 0.07
N ILE A 65 -13.99 4.44 -1.23
CA ILE A 65 -12.66 4.04 -1.80
C ILE A 65 -11.89 5.29 -2.22
N TYR A 66 -10.60 5.32 -1.98
CA TYR A 66 -9.78 6.52 -2.32
C TYR A 66 -9.10 6.34 -3.67
N ASP A 67 -9.43 7.16 -4.64
CA ASP A 67 -8.75 7.11 -5.98
C ASP A 67 -7.22 7.15 -5.83
N TYR A 68 -6.73 7.96 -4.93
CA TYR A 68 -5.24 8.14 -4.80
C TYR A 68 -4.88 8.55 -3.36
N ILE A 69 -3.94 7.86 -2.78
CA ILE A 69 -3.40 8.31 -1.44
C ILE A 69 -1.87 8.40 -1.50
N LEU A 70 -1.33 9.53 -1.13
CA LEU A 70 0.16 9.68 -1.08
C LEU A 70 0.67 9.32 0.31
N PHE A 71 1.76 8.59 0.40
CA PHE A 71 2.28 8.15 1.73
C PHE A 71 3.79 8.34 1.80
N ARG A 72 4.27 8.95 2.86
CA ARG A 72 5.75 9.06 3.08
C ARG A 72 6.26 7.86 3.86
N GLY A 73 7.50 7.48 3.66
CA GLY A 73 8.09 6.33 4.41
C GLY A 73 7.98 6.55 5.92
N SER A 74 7.89 7.80 6.36
CA SER A 74 7.84 8.08 7.82
C SER A 74 6.44 7.79 8.40
N ASP A 75 5.40 8.10 7.67
CA ASP A 75 4.02 7.96 8.24
C ASP A 75 3.51 6.50 8.14
N ILE A 76 4.08 5.71 7.25
CA ILE A 76 3.82 4.24 7.28
C ILE A 76 5.12 3.49 7.58
N LYS A 77 5.03 2.45 8.38
CA LYS A 77 6.26 1.82 8.95
C LYS A 77 6.59 0.49 8.26
N ASP A 78 5.67 -0.09 7.51
CA ASP A 78 5.98 -1.41 6.86
C ASP A 78 5.21 -1.57 5.55
N ILE A 79 5.91 -2.01 4.51
CA ILE A 79 5.23 -2.28 3.20
C ILE A 79 5.66 -3.66 2.67
N ARG A 80 4.75 -4.40 2.09
CA ARG A 80 5.10 -5.74 1.52
C ARG A 80 4.25 -6.03 0.28
N VAL A 81 4.84 -6.58 -0.74
CA VAL A 81 4.07 -6.91 -1.98
C VAL A 81 3.47 -8.32 -1.85
N VAL A 82 2.30 -8.54 -2.41
CA VAL A 82 1.65 -9.88 -2.29
C VAL A 82 2.01 -10.75 -3.49
N ASN A 83 2.40 -11.98 -3.26
CA ASN A 83 2.76 -12.90 -4.38
C ASN A 83 1.83 -14.10 -4.40
N ASN A 84 1.50 -14.61 -5.56
CA ASN A 84 0.58 -15.79 -5.64
C ASN A 84 1.40 -17.08 -5.74
N HIS A 85 1.40 -17.88 -4.70
CA HIS A 85 2.17 -19.16 -4.71
C HIS A 85 1.21 -20.36 -4.74
N THR A 86 0.07 -20.21 -5.38
CA THR A 86 -0.91 -21.33 -5.43
C THR A 86 -0.84 -22.03 -6.80
N LEU A 87 -0.95 -23.33 -6.81
CA LEU A 87 -0.90 -24.09 -8.11
C LEU A 87 -2.28 -24.67 -8.44
N PRO A 88 -2.46 -25.05 -9.69
CA PRO A 88 -3.76 -25.63 -10.13
C PRO A 88 -3.96 -27.01 -9.49
N GLY A 1 8.16 -5.60 -33.88
CA GLY A 1 7.89 -5.51 -32.41
C GLY A 1 9.21 -5.53 -31.65
N ALA A 2 9.33 -4.73 -30.62
CA ALA A 2 10.60 -4.69 -29.82
C ALA A 2 10.40 -5.43 -28.49
N MET A 3 11.42 -6.10 -28.01
CA MET A 3 11.30 -6.85 -26.73
C MET A 3 11.85 -6.00 -25.58
N ALA A 4 10.99 -5.34 -24.86
CA ALA A 4 11.43 -4.51 -23.69
C ALA A 4 11.09 -5.21 -22.38
N MET A 5 12.00 -5.25 -21.44
CA MET A 5 11.74 -5.93 -20.14
C MET A 5 12.14 -5.01 -18.97
N SER A 6 11.51 -5.17 -17.83
CA SER A 6 11.86 -4.34 -16.65
C SER A 6 12.30 -5.24 -15.48
N GLY A 7 13.26 -4.80 -14.71
CA GLY A 7 13.76 -5.63 -13.57
C GLY A 7 13.95 -4.75 -12.33
N GLY A 8 14.60 -3.62 -12.49
CA GLY A 8 14.86 -2.71 -11.33
C GLY A 8 13.54 -2.14 -10.81
N LEU A 9 12.70 -1.66 -11.69
CA LEU A 9 11.39 -1.09 -11.25
C LEU A 9 10.37 -2.21 -11.00
N PRO A 10 9.50 -2.00 -10.02
CA PRO A 10 8.46 -3.02 -9.73
C PRO A 10 7.41 -3.04 -10.85
N GLU A 11 6.73 -4.15 -11.03
CA GLU A 11 5.67 -4.23 -12.09
C GLU A 11 4.52 -3.27 -11.77
N LEU A 12 4.11 -2.49 -12.73
CA LEU A 12 3.00 -1.51 -12.50
C LEU A 12 1.69 -2.26 -12.21
N GLY A 13 0.85 -1.70 -11.37
CA GLY A 13 -0.48 -2.33 -11.08
C GLY A 13 -0.36 -3.46 -10.04
N SER A 14 0.84 -3.77 -9.58
CA SER A 14 0.99 -4.86 -8.56
C SER A 14 0.24 -4.51 -7.27
N LYS A 15 -0.41 -5.47 -6.66
CA LYS A 15 -1.14 -5.21 -5.38
C LYS A 15 -0.18 -5.24 -4.20
N ILE A 16 -0.19 -4.19 -3.39
CA ILE A 16 0.71 -4.15 -2.20
C ILE A 16 -0.10 -3.90 -0.92
N SER A 17 0.32 -4.50 0.16
CA SER A 17 -0.34 -4.26 1.48
C SER A 17 0.52 -3.30 2.31
N LEU A 18 -0.09 -2.35 2.97
CA LEU A 18 0.69 -1.26 3.63
C LEU A 18 0.20 -1.05 5.06
N ILE A 19 1.09 -1.11 6.02
CA ILE A 19 0.68 -0.94 7.46
C ILE A 19 1.15 0.43 7.97
N SER A 20 0.22 1.27 8.36
CA SER A 20 0.57 2.65 8.83
C SER A 20 0.75 2.69 10.35
N LYS A 21 1.48 3.67 10.84
CA LYS A 21 1.87 3.74 12.30
C LYS A 21 0.66 3.64 13.24
N ALA A 22 -0.54 3.80 12.74
CA ALA A 22 -1.74 3.72 13.61
C ALA A 22 -2.26 2.28 13.67
N ASP A 23 -1.42 1.31 13.37
CA ASP A 23 -1.87 -0.12 13.29
C ASP A 23 -3.06 -0.25 12.33
N ILE A 24 -3.07 0.58 11.30
CA ILE A 24 -4.18 0.51 10.30
C ILE A 24 -3.69 -0.23 9.06
N ARG A 25 -4.52 -1.04 8.48
CA ARG A 25 -4.10 -1.79 7.25
C ARG A 25 -4.74 -1.15 6.01
N TYR A 26 -3.92 -0.69 5.10
CA TYR A 26 -4.42 -0.17 3.80
C TYR A 26 -3.94 -1.08 2.67
N GLU A 27 -4.70 -1.21 1.62
CA GLU A 27 -4.23 -2.02 0.45
C GLU A 27 -4.63 -1.32 -0.84
N GLY A 28 -3.76 -1.33 -1.83
CA GLY A 28 -4.08 -0.57 -3.08
C GLY A 28 -3.09 -0.95 -4.20
N ARG A 29 -3.33 -0.47 -5.40
CA ARG A 29 -2.42 -0.76 -6.54
C ARG A 29 -1.25 0.23 -6.57
N LEU A 30 -0.05 -0.25 -6.77
CA LEU A 30 1.13 0.67 -6.91
C LEU A 30 1.01 1.53 -8.17
N TYR A 31 0.96 2.83 -8.01
CA TYR A 31 0.89 3.72 -9.21
C TYR A 31 2.26 4.28 -9.54
N THR A 32 2.95 4.83 -8.56
CA THR A 32 4.30 5.44 -8.81
C THR A 32 5.14 5.40 -7.53
N VAL A 33 6.45 5.40 -7.67
CA VAL A 33 7.34 5.34 -6.46
C VAL A 33 8.57 6.24 -6.68
N ASP A 34 9.06 6.86 -5.63
CA ASP A 34 10.29 7.69 -5.74
C ASP A 34 11.30 7.26 -4.66
N PRO A 35 12.26 6.44 -5.04
CA PRO A 35 13.24 5.89 -4.07
C PRO A 35 14.01 7.03 -3.37
N GLN A 36 14.41 8.03 -4.11
CA GLN A 36 15.33 9.06 -3.53
C GLN A 36 14.53 10.07 -2.69
N GLU A 37 13.27 10.24 -2.98
CA GLU A 37 12.41 11.09 -2.11
C GLU A 37 11.79 10.29 -0.95
N CYS A 38 12.13 9.01 -0.83
CA CYS A 38 11.51 8.14 0.24
C CYS A 38 9.98 8.27 0.26
N THR A 39 9.37 8.37 -0.90
CA THR A 39 7.89 8.60 -0.95
C THR A 39 7.24 7.71 -2.00
N ILE A 40 5.99 7.38 -1.81
CA ILE A 40 5.26 6.54 -2.82
C ILE A 40 3.81 7.03 -2.95
N ALA A 41 3.15 6.66 -4.03
CA ALA A 41 1.72 7.01 -4.19
C ALA A 41 0.95 5.80 -4.72
N LEU A 42 -0.12 5.44 -4.06
CA LEU A 42 -0.90 4.22 -4.47
C LEU A 42 -2.24 4.66 -5.06
N SER A 43 -2.76 3.91 -6.00
CA SER A 43 -4.05 4.30 -6.64
C SER A 43 -5.07 3.19 -6.41
N SER A 44 -6.34 3.53 -6.39
CA SER A 44 -7.41 2.55 -6.01
C SER A 44 -6.99 1.78 -4.74
N VAL A 45 -7.24 2.36 -3.59
CA VAL A 45 -6.85 1.71 -2.30
C VAL A 45 -8.01 1.81 -1.30
N ARG A 46 -8.12 0.84 -0.42
CA ARG A 46 -9.20 0.88 0.62
C ARG A 46 -8.62 0.52 2.00
N SER A 47 -9.22 1.00 3.05
CA SER A 47 -8.72 0.68 4.42
C SER A 47 -9.69 -0.27 5.13
N PHE A 48 -9.17 -1.21 5.89
CA PHE A 48 -10.06 -2.23 6.54
C PHE A 48 -10.67 -1.67 7.83
N GLY A 49 -9.91 -0.92 8.59
CA GLY A 49 -10.46 -0.28 9.82
C GLY A 49 -9.33 0.27 10.68
N THR A 50 -9.67 1.08 11.66
CA THR A 50 -8.64 1.61 12.62
C THR A 50 -8.95 1.14 14.05
N GLU A 51 -9.93 0.27 14.23
CA GLU A 51 -10.48 -0.02 15.61
C GLU A 51 -9.38 -0.32 16.64
N ASP A 52 -8.23 -0.79 16.21
CA ASP A 52 -7.14 -1.11 17.19
C ASP A 52 -6.62 0.17 17.85
N ARG A 53 -6.12 1.09 17.07
CA ARG A 53 -5.65 2.40 17.62
C ARG A 53 -6.75 3.47 17.54
N ASP A 54 -7.97 3.08 17.22
CA ASP A 54 -9.04 4.10 16.92
C ASP A 54 -9.27 5.03 18.11
N THR A 55 -10.10 6.04 17.91
CA THR A 55 -10.48 6.95 19.03
C THR A 55 -11.54 6.28 19.91
N GLN A 56 -11.76 6.81 21.09
CA GLN A 56 -12.83 6.23 21.98
C GLN A 56 -14.23 6.66 21.52
N PHE A 57 -14.33 7.41 20.44
CA PHE A 57 -15.67 7.68 19.83
C PHE A 57 -15.86 6.77 18.60
N GLN A 58 -17.09 6.43 18.28
CA GLN A 58 -17.34 5.46 17.17
C GLN A 58 -16.92 6.05 15.83
N ILE A 59 -16.29 5.26 14.98
CA ILE A 59 -15.90 5.74 13.62
C ILE A 59 -16.78 5.05 12.57
N ALA A 60 -17.28 5.80 11.61
CA ALA A 60 -18.16 5.21 10.57
C ALA A 60 -17.31 4.58 9.44
N PRO A 61 -17.81 3.49 8.87
CA PRO A 61 -17.06 2.82 7.77
C PRO A 61 -17.04 3.71 6.51
N GLN A 62 -16.08 3.51 5.65
CA GLN A 62 -16.01 4.33 4.39
C GLN A 62 -17.01 3.79 3.35
N SER A 63 -17.77 4.66 2.75
CA SER A 63 -18.78 4.21 1.74
C SER A 63 -18.24 4.41 0.32
N GLN A 64 -16.94 4.32 0.15
CA GLN A 64 -16.32 4.53 -1.20
C GLN A 64 -14.82 4.25 -1.14
N ILE A 65 -14.20 4.02 -2.27
CA ILE A 65 -12.73 3.74 -2.28
C ILE A 65 -11.96 5.03 -2.61
N TYR A 66 -10.70 5.09 -2.22
CA TYR A 66 -9.90 6.33 -2.50
C TYR A 66 -9.15 6.19 -3.82
N ASP A 67 -9.50 7.01 -4.79
CA ASP A 67 -8.78 6.98 -6.12
C ASP A 67 -7.26 7.06 -5.95
N TYR A 68 -6.79 7.91 -5.06
CA TYR A 68 -5.32 8.14 -4.94
C TYR A 68 -4.97 8.59 -3.51
N ILE A 69 -4.01 7.94 -2.90
CA ILE A 69 -3.50 8.43 -1.58
C ILE A 69 -1.96 8.54 -1.62
N LEU A 70 -1.44 9.67 -1.22
CA LEU A 70 0.04 9.84 -1.16
C LEU A 70 0.55 9.44 0.23
N PHE A 71 1.65 8.72 0.29
CA PHE A 71 2.15 8.21 1.60
C PHE A 71 3.66 8.41 1.71
N ARG A 72 4.12 9.00 2.80
CA ARG A 72 5.59 9.10 3.04
C ARG A 72 6.07 7.91 3.88
N GLY A 73 7.31 7.51 3.70
CA GLY A 73 7.87 6.38 4.49
C GLY A 73 7.84 6.72 5.99
N SER A 74 7.84 7.98 6.34
CA SER A 74 7.90 8.38 7.78
C SER A 74 6.62 7.95 8.53
N ASP A 75 5.47 8.13 7.92
CA ASP A 75 4.19 7.83 8.63
C ASP A 75 3.85 6.34 8.55
N ILE A 76 4.21 5.68 7.46
CA ILE A 76 3.96 4.21 7.36
C ILE A 76 5.25 3.43 7.63
N LYS A 77 5.15 2.36 8.37
CA LYS A 77 6.36 1.70 8.93
C LYS A 77 6.69 0.38 8.18
N ASP A 78 5.74 -0.19 7.47
CA ASP A 78 6.05 -1.48 6.76
C ASP A 78 5.23 -1.62 5.49
N ILE A 79 5.88 -1.96 4.40
CA ILE A 79 5.18 -2.21 3.11
C ILE A 79 5.66 -3.53 2.49
N ARG A 80 4.76 -4.31 1.93
CA ARG A 80 5.18 -5.61 1.30
C ARG A 80 4.30 -5.92 0.08
N VAL A 81 4.91 -6.30 -1.02
CA VAL A 81 4.12 -6.65 -2.24
C VAL A 81 3.71 -8.12 -2.21
N VAL A 82 2.57 -8.44 -2.77
CA VAL A 82 2.10 -9.87 -2.76
C VAL A 82 2.50 -10.54 -4.08
N ASN A 83 3.12 -11.70 -4.00
CA ASN A 83 3.53 -12.42 -5.24
C ASN A 83 3.35 -13.92 -5.06
N ASN A 84 2.93 -14.62 -6.10
CA ASN A 84 2.72 -16.10 -6.00
C ASN A 84 4.07 -16.80 -5.77
N HIS A 85 5.13 -16.27 -6.32
CA HIS A 85 6.48 -16.87 -6.12
C HIS A 85 7.48 -15.81 -5.68
N THR A 86 8.46 -16.20 -4.88
CA THR A 86 9.48 -15.21 -4.40
C THR A 86 10.88 -15.69 -4.81
N LEU A 87 11.84 -14.79 -4.80
CA LEU A 87 13.24 -15.16 -5.17
C LEU A 87 14.18 -14.98 -3.97
N PRO A 88 15.36 -15.57 -4.06
CA PRO A 88 16.35 -15.46 -2.96
C PRO A 88 16.80 -14.00 -2.79
N GLY A 1 28.39 -3.31 -14.99
CA GLY A 1 27.52 -2.86 -13.87
C GLY A 1 26.17 -2.41 -14.43
N ALA A 2 25.31 -3.34 -14.75
CA ALA A 2 23.97 -2.97 -15.29
C ALA A 2 22.90 -3.11 -14.21
N MET A 3 21.91 -2.24 -14.21
CA MET A 3 20.83 -2.32 -13.18
C MET A 3 19.53 -2.83 -13.82
N ALA A 4 19.48 -4.10 -14.14
CA ALA A 4 18.25 -4.68 -14.76
C ALA A 4 18.17 -6.18 -14.48
N MET A 5 16.97 -6.72 -14.44
CA MET A 5 16.82 -8.18 -14.18
C MET A 5 16.42 -8.91 -15.48
N SER A 6 17.11 -9.97 -15.80
CA SER A 6 16.80 -10.73 -17.05
C SER A 6 15.90 -11.94 -16.75
N GLY A 7 15.17 -11.90 -15.65
CA GLY A 7 14.28 -13.05 -15.29
C GLY A 7 13.01 -12.53 -14.65
N GLY A 8 13.13 -11.77 -13.59
CA GLY A 8 11.92 -11.23 -12.90
C GLY A 8 11.60 -9.84 -13.45
N LEU A 9 10.35 -9.57 -13.74
CA LEU A 9 9.95 -8.22 -14.25
C LEU A 9 8.48 -7.95 -13.95
N PRO A 10 8.16 -7.79 -12.67
CA PRO A 10 6.75 -7.56 -12.25
C PRO A 10 6.24 -6.22 -12.81
N GLU A 11 5.17 -6.25 -13.56
CA GLU A 11 4.60 -4.98 -14.12
C GLU A 11 4.08 -4.08 -12.99
N LEU A 12 4.08 -2.79 -13.22
CA LEU A 12 3.57 -1.84 -12.17
C LEU A 12 2.07 -2.07 -11.93
N GLY A 13 1.50 -1.40 -10.95
CA GLY A 13 0.06 -1.60 -10.65
C GLY A 13 -0.19 -2.85 -9.80
N SER A 14 0.84 -3.60 -9.48
CA SER A 14 0.66 -4.84 -8.66
C SER A 14 0.03 -4.50 -7.29
N LYS A 15 -0.63 -5.45 -6.68
CA LYS A 15 -1.32 -5.19 -5.38
C LYS A 15 -0.32 -5.25 -4.22
N ILE A 16 -0.24 -4.20 -3.44
CA ILE A 16 0.69 -4.19 -2.26
C ILE A 16 -0.11 -3.92 -0.97
N SER A 17 0.33 -4.52 0.11
CA SER A 17 -0.33 -4.28 1.43
C SER A 17 0.55 -3.34 2.27
N LEU A 18 -0.06 -2.39 2.93
CA LEU A 18 0.72 -1.30 3.59
C LEU A 18 0.23 -1.09 5.03
N ILE A 19 1.13 -1.15 5.99
CA ILE A 19 0.71 -0.98 7.43
C ILE A 19 1.17 0.40 7.94
N SER A 20 0.23 1.23 8.33
CA SER A 20 0.58 2.61 8.79
C SER A 20 0.75 2.65 10.32
N LYS A 21 1.47 3.65 10.81
CA LYS A 21 1.86 3.71 12.26
C LYS A 21 0.66 3.60 13.21
N ALA A 22 -0.54 3.74 12.72
CA ALA A 22 -1.74 3.65 13.60
C ALA A 22 -2.24 2.19 13.68
N ASP A 23 -1.39 1.24 13.35
CA ASP A 23 -1.83 -0.20 13.26
C ASP A 23 -3.03 -0.32 12.33
N ILE A 24 -3.06 0.49 11.30
CA ILE A 24 -4.17 0.43 10.30
C ILE A 24 -3.67 -0.31 9.04
N ARG A 25 -4.50 -1.13 8.46
CA ARG A 25 -4.07 -1.86 7.24
C ARG A 25 -4.71 -1.25 5.99
N TYR A 26 -3.89 -0.78 5.09
CA TYR A 26 -4.40 -0.25 3.80
C TYR A 26 -3.93 -1.16 2.66
N GLU A 27 -4.68 -1.25 1.59
CA GLU A 27 -4.20 -2.04 0.41
C GLU A 27 -4.61 -1.33 -0.88
N GLY A 28 -3.74 -1.33 -1.86
CA GLY A 28 -4.07 -0.57 -3.12
C GLY A 28 -3.07 -0.93 -4.23
N ARG A 29 -3.31 -0.45 -5.42
CA ARG A 29 -2.38 -0.75 -6.56
C ARG A 29 -1.22 0.25 -6.57
N LEU A 30 -0.01 -0.23 -6.77
CA LEU A 30 1.16 0.69 -6.90
C LEU A 30 1.04 1.54 -8.17
N TYR A 31 1.01 2.85 -8.02
CA TYR A 31 0.94 3.74 -9.22
C TYR A 31 2.32 4.30 -9.54
N THR A 32 3.01 4.85 -8.56
CA THR A 32 4.35 5.45 -8.81
C THR A 32 5.19 5.43 -7.54
N VAL A 33 6.50 5.45 -7.67
CA VAL A 33 7.38 5.40 -6.47
C VAL A 33 8.61 6.32 -6.68
N ASP A 34 9.09 6.94 -5.63
CA ASP A 34 10.31 7.81 -5.75
C ASP A 34 11.33 7.40 -4.67
N PRO A 35 12.35 6.65 -5.07
CA PRO A 35 13.32 6.11 -4.09
C PRO A 35 14.06 7.24 -3.37
N GLN A 36 14.45 8.27 -4.10
CA GLN A 36 15.33 9.32 -3.49
C GLN A 36 14.49 10.31 -2.68
N GLU A 37 13.21 10.42 -2.97
CA GLU A 37 12.31 11.26 -2.12
C GLU A 37 11.73 10.42 -0.95
N CYS A 38 12.09 9.15 -0.83
CA CYS A 38 11.51 8.28 0.25
C CYS A 38 9.98 8.37 0.26
N THR A 39 9.36 8.45 -0.89
CA THR A 39 7.88 8.67 -0.94
C THR A 39 7.24 7.76 -1.99
N ILE A 40 5.99 7.42 -1.81
CA ILE A 40 5.28 6.58 -2.83
C ILE A 40 3.83 7.04 -2.98
N ALA A 41 3.18 6.67 -4.05
CA ALA A 41 1.74 7.01 -4.22
C ALA A 41 0.98 5.80 -4.75
N LEU A 42 -0.09 5.43 -4.09
CA LEU A 42 -0.86 4.22 -4.49
C LEU A 42 -2.21 4.64 -5.08
N SER A 43 -2.72 3.90 -6.03
CA SER A 43 -4.00 4.29 -6.68
C SER A 43 -5.04 3.19 -6.43
N SER A 44 -6.31 3.55 -6.40
CA SER A 44 -7.38 2.57 -5.99
C SER A 44 -6.95 1.80 -4.74
N VAL A 45 -7.19 2.38 -3.59
CA VAL A 45 -6.80 1.73 -2.30
C VAL A 45 -7.95 1.84 -1.29
N ARG A 46 -8.06 0.90 -0.39
CA ARG A 46 -9.14 0.95 0.65
C ARG A 46 -8.55 0.60 2.02
N SER A 47 -9.16 1.09 3.08
CA SER A 47 -8.68 0.75 4.45
C SER A 47 -9.67 -0.19 5.14
N PHE A 48 -9.18 -1.17 5.86
CA PHE A 48 -10.10 -2.21 6.43
C PHE A 48 -10.72 -1.72 7.74
N GLY A 49 -9.97 -1.03 8.56
CA GLY A 49 -10.54 -0.47 9.82
C GLY A 49 -9.44 0.02 10.74
N THR A 50 -9.82 0.67 11.82
CA THR A 50 -8.83 1.10 12.87
C THR A 50 -9.13 0.43 14.22
N GLU A 51 -10.08 -0.49 14.25
CA GLU A 51 -10.61 -1.03 15.54
C GLU A 51 -9.50 -1.46 16.51
N ASP A 52 -8.34 -1.80 16.00
CA ASP A 52 -7.22 -2.24 16.90
C ASP A 52 -6.78 -1.08 17.82
N ARG A 53 -6.36 0.02 17.24
CA ARG A 53 -5.95 1.21 18.06
C ARG A 53 -7.12 2.19 18.21
N ASP A 54 -8.32 1.81 17.82
CA ASP A 54 -9.45 2.79 17.76
C ASP A 54 -9.75 3.38 19.14
N THR A 55 -10.64 4.34 19.20
CA THR A 55 -11.10 4.89 20.51
C THR A 55 -12.12 3.95 21.15
N GLN A 56 -12.38 4.12 22.43
CA GLN A 56 -13.40 3.26 23.10
C GLN A 56 -14.84 3.72 22.74
N PHE A 57 -14.98 4.72 21.91
CA PHE A 57 -16.33 5.06 21.35
C PHE A 57 -16.48 4.43 19.96
N GLN A 58 -17.69 4.38 19.45
CA GLN A 58 -17.93 3.69 18.14
C GLN A 58 -17.22 4.44 17.00
N ILE A 59 -16.65 3.72 16.07
CA ILE A 59 -15.93 4.37 14.94
C ILE A 59 -16.69 4.12 13.63
N ALA A 60 -16.74 5.10 12.77
CA ALA A 60 -17.47 4.93 11.47
C ALA A 60 -16.51 4.43 10.37
N PRO A 61 -16.68 3.19 9.96
CA PRO A 61 -15.81 2.63 8.89
C PRO A 61 -16.07 3.34 7.56
N GLN A 62 -15.05 3.48 6.74
CA GLN A 62 -15.22 4.18 5.44
C GLN A 62 -15.43 3.16 4.31
N SER A 63 -16.57 3.18 3.68
CA SER A 63 -16.85 2.22 2.57
C SER A 63 -16.35 2.77 1.23
N GLN A 64 -16.32 4.07 1.08
CA GLN A 64 -15.88 4.69 -0.21
C GLN A 64 -14.42 4.32 -0.51
N ILE A 65 -14.08 4.17 -1.77
CA ILE A 65 -12.67 3.83 -2.15
C ILE A 65 -11.91 5.10 -2.53
N TYR A 66 -10.64 5.17 -2.20
CA TYR A 66 -9.85 6.39 -2.53
C TYR A 66 -9.11 6.21 -3.86
N ASP A 67 -9.46 7.00 -4.84
CA ASP A 67 -8.76 6.93 -6.17
C ASP A 67 -7.23 7.03 -6.02
N TYR A 68 -6.77 7.88 -5.13
CA TYR A 68 -5.30 8.12 -4.99
C TYR A 68 -4.96 8.57 -3.56
N ILE A 69 -3.99 7.93 -2.95
CA ILE A 69 -3.49 8.42 -1.62
C ILE A 69 -1.96 8.55 -1.67
N LEU A 70 -1.43 9.69 -1.27
CA LEU A 70 0.05 9.86 -1.20
C LEU A 70 0.54 9.46 0.20
N PHE A 71 1.64 8.75 0.26
CA PHE A 71 2.14 8.24 1.58
C PHE A 71 3.66 8.45 1.69
N ARG A 72 4.10 9.03 2.78
CA ARG A 72 5.57 9.13 3.04
C ARG A 72 6.06 7.93 3.85
N GLY A 73 7.30 7.54 3.67
CA GLY A 73 7.86 6.41 4.47
C GLY A 73 7.83 6.74 5.97
N SER A 74 7.82 8.01 6.32
CA SER A 74 7.87 8.39 7.78
C SER A 74 6.59 7.96 8.51
N ASP A 75 5.45 8.14 7.90
CA ASP A 75 4.16 7.82 8.61
C ASP A 75 3.84 6.32 8.52
N ILE A 76 4.20 5.68 7.44
CA ILE A 76 3.96 4.21 7.33
C ILE A 76 5.24 3.43 7.62
N LYS A 77 5.13 2.34 8.33
CA LYS A 77 6.35 1.68 8.91
C LYS A 77 6.70 0.39 8.16
N ASP A 78 5.77 -0.20 7.45
CA ASP A 78 6.10 -1.49 6.75
C ASP A 78 5.28 -1.67 5.48
N ILE A 79 5.91 -2.08 4.41
CA ILE A 79 5.19 -2.35 3.13
C ILE A 79 5.64 -3.71 2.55
N ARG A 80 4.74 -4.46 1.97
CA ARG A 80 5.12 -5.79 1.39
C ARG A 80 4.26 -6.09 0.16
N VAL A 81 4.86 -6.62 -0.88
CA VAL A 81 4.08 -6.98 -2.12
C VAL A 81 3.50 -8.38 -1.98
N VAL A 82 2.33 -8.61 -2.51
CA VAL A 82 1.68 -9.95 -2.37
C VAL A 82 1.97 -10.79 -3.63
N ASN A 83 2.39 -12.02 -3.44
CA ASN A 83 2.70 -12.91 -4.60
C ASN A 83 2.40 -14.37 -4.25
N ASN A 84 1.33 -14.61 -3.53
CA ASN A 84 0.98 -16.01 -3.13
C ASN A 84 -0.06 -16.58 -4.08
N HIS A 85 0.13 -17.78 -4.56
CA HIS A 85 -0.85 -18.40 -5.49
C HIS A 85 -1.32 -19.75 -4.94
N THR A 86 -2.56 -20.11 -5.19
CA THR A 86 -3.09 -21.41 -4.68
C THR A 86 -3.54 -22.28 -5.86
N LEU A 87 -3.25 -23.56 -5.80
CA LEU A 87 -3.65 -24.49 -6.91
C LEU A 87 -4.75 -25.44 -6.44
N PRO A 88 -5.97 -25.26 -6.93
CA PRO A 88 -7.09 -26.16 -6.55
C PRO A 88 -6.83 -27.59 -7.03
N GLY A 1 14.63 -3.96 -32.76
CA GLY A 1 15.32 -4.83 -31.78
C GLY A 1 15.16 -4.25 -30.37
N ALA A 2 15.28 -5.08 -29.36
CA ALA A 2 15.11 -4.59 -27.95
C ALA A 2 16.08 -5.33 -27.03
N MET A 3 16.45 -4.72 -25.93
CA MET A 3 17.40 -5.38 -24.97
C MET A 3 16.77 -5.43 -23.57
N ALA A 4 17.20 -6.36 -22.75
CA ALA A 4 16.65 -6.47 -21.37
C ALA A 4 17.67 -5.95 -20.36
N MET A 5 17.20 -5.34 -19.29
CA MET A 5 18.14 -4.80 -18.25
C MET A 5 17.96 -5.57 -16.94
N SER A 6 19.04 -5.79 -16.22
CA SER A 6 18.94 -6.53 -14.92
C SER A 6 18.18 -5.71 -13.89
N GLY A 7 18.28 -4.40 -13.95
CA GLY A 7 17.56 -3.52 -12.98
C GLY A 7 16.41 -2.80 -13.70
N GLY A 8 15.47 -3.53 -14.22
CA GLY A 8 14.33 -2.89 -14.94
C GLY A 8 13.28 -2.41 -13.93
N LEU A 9 12.24 -1.76 -14.40
CA LEU A 9 11.17 -1.26 -13.47
C LEU A 9 10.22 -2.41 -13.08
N PRO A 10 9.73 -2.39 -11.85
CA PRO A 10 8.76 -3.42 -11.41
C PRO A 10 7.45 -3.29 -12.22
N GLU A 11 6.72 -4.37 -12.35
CA GLU A 11 5.44 -4.33 -13.13
C GLU A 11 4.42 -3.42 -12.46
N LEU A 12 3.94 -2.43 -13.17
CA LEU A 12 2.92 -1.49 -12.59
C LEU A 12 1.62 -2.23 -12.28
N GLY A 13 0.80 -1.68 -11.42
CA GLY A 13 -0.52 -2.31 -11.11
C GLY A 13 -0.37 -3.44 -10.07
N SER A 14 0.83 -3.73 -9.62
CA SER A 14 1.01 -4.82 -8.60
C SER A 14 0.26 -4.47 -7.31
N LYS A 15 -0.41 -5.43 -6.72
CA LYS A 15 -1.16 -5.17 -5.45
C LYS A 15 -0.21 -5.22 -4.23
N ILE A 16 -0.18 -4.16 -3.46
CA ILE A 16 0.74 -4.13 -2.26
C ILE A 16 -0.08 -3.91 -0.99
N SER A 17 0.34 -4.51 0.10
CA SER A 17 -0.32 -4.29 1.42
C SER A 17 0.56 -3.35 2.26
N LEU A 18 -0.05 -2.40 2.93
CA LEU A 18 0.75 -1.32 3.58
C LEU A 18 0.25 -1.11 5.01
N ILE A 19 1.15 -1.16 5.98
CA ILE A 19 0.75 -0.98 7.41
C ILE A 19 1.19 0.40 7.91
N SER A 20 0.25 1.23 8.30
CA SER A 20 0.59 2.61 8.74
C SER A 20 0.76 2.69 10.27
N LYS A 21 1.48 3.68 10.74
CA LYS A 21 1.89 3.76 12.19
C LYS A 21 0.68 3.64 13.15
N ALA A 22 -0.53 3.78 12.66
CA ALA A 22 -1.71 3.68 13.55
C ALA A 22 -2.20 2.22 13.64
N ASP A 23 -1.35 1.27 13.31
CA ASP A 23 -1.78 -0.17 13.25
C ASP A 23 -2.98 -0.31 12.31
N ILE A 24 -3.02 0.50 11.28
CA ILE A 24 -4.12 0.41 10.28
C ILE A 24 -3.63 -0.31 9.04
N ARG A 25 -4.46 -1.13 8.44
CA ARG A 25 -4.03 -1.87 7.21
C ARG A 25 -4.67 -1.24 5.98
N TYR A 26 -3.87 -0.77 5.06
CA TYR A 26 -4.39 -0.24 3.77
C TYR A 26 -3.91 -1.14 2.63
N GLU A 27 -4.67 -1.24 1.57
CA GLU A 27 -4.20 -2.03 0.40
C GLU A 27 -4.59 -1.32 -0.89
N GLY A 28 -3.74 -1.32 -1.88
CA GLY A 28 -4.04 -0.55 -3.12
C GLY A 28 -3.05 -0.91 -4.24
N ARG A 29 -3.30 -0.41 -5.43
CA ARG A 29 -2.38 -0.70 -6.58
C ARG A 29 -1.21 0.28 -6.60
N LEU A 30 -0.02 -0.21 -6.82
CA LEU A 30 1.17 0.70 -6.95
C LEU A 30 1.05 1.57 -8.20
N TYR A 31 1.00 2.87 -8.03
CA TYR A 31 0.93 3.78 -9.21
C TYR A 31 2.31 4.36 -9.52
N THR A 32 2.98 4.90 -8.54
CA THR A 32 4.32 5.52 -8.77
C THR A 32 5.16 5.48 -7.48
N VAL A 33 6.47 5.47 -7.61
CA VAL A 33 7.35 5.42 -6.40
C VAL A 33 8.59 6.30 -6.62
N ASP A 34 9.08 6.93 -5.58
CA ASP A 34 10.32 7.75 -5.70
C ASP A 34 11.32 7.33 -4.60
N PRO A 35 12.29 6.52 -4.98
CA PRO A 35 13.24 5.96 -3.97
C PRO A 35 14.03 7.08 -3.28
N GLN A 36 14.49 8.05 -4.02
CA GLN A 36 15.40 9.08 -3.44
C GLN A 36 14.58 10.12 -2.67
N GLU A 37 13.35 10.33 -3.04
CA GLU A 37 12.46 11.22 -2.23
C GLU A 37 11.71 10.42 -1.15
N CYS A 38 12.09 9.18 -0.90
CA CYS A 38 11.53 8.37 0.23
C CYS A 38 9.99 8.44 0.28
N THR A 39 9.35 8.52 -0.87
CA THR A 39 7.88 8.72 -0.90
C THR A 39 7.23 7.82 -1.94
N ILE A 40 5.97 7.49 -1.76
CA ILE A 40 5.25 6.64 -2.76
C ILE A 40 3.81 7.12 -2.92
N ALA A 41 3.16 6.74 -3.99
CA ALA A 41 1.72 7.07 -4.16
C ALA A 41 0.97 5.86 -4.71
N LEU A 42 -0.10 5.48 -4.05
CA LEU A 42 -0.88 4.27 -4.47
C LEU A 42 -2.21 4.70 -5.06
N SER A 43 -2.73 3.96 -6.01
CA SER A 43 -4.02 4.35 -6.65
C SER A 43 -5.04 3.24 -6.43
N SER A 44 -6.31 3.57 -6.42
CA SER A 44 -7.38 2.57 -6.04
C SER A 44 -6.96 1.80 -4.78
N VAL A 45 -7.22 2.37 -3.63
CA VAL A 45 -6.83 1.72 -2.34
C VAL A 45 -7.99 1.79 -1.34
N ARG A 46 -8.07 0.85 -0.45
CA ARG A 46 -9.16 0.86 0.59
C ARG A 46 -8.57 0.52 1.96
N SER A 47 -9.18 0.98 3.02
CA SER A 47 -8.69 0.67 4.40
C SER A 47 -9.65 -0.33 5.07
N PHE A 48 -9.11 -1.29 5.78
CA PHE A 48 -9.98 -2.37 6.35
C PHE A 48 -10.62 -1.92 7.67
N GLY A 49 -9.89 -1.19 8.48
CA GLY A 49 -10.49 -0.66 9.74
C GLY A 49 -9.40 -0.12 10.67
N THR A 50 -9.80 0.57 11.71
CA THR A 50 -8.82 1.03 12.75
C THR A 50 -9.15 0.40 14.12
N GLU A 51 -10.09 -0.53 14.17
CA GLU A 51 -10.66 -1.00 15.48
C GLU A 51 -9.57 -1.37 16.49
N ASP A 52 -8.40 -1.75 16.04
CA ASP A 52 -7.31 -2.15 17.00
C ASP A 52 -6.88 -0.94 17.86
N ARG A 53 -6.43 0.11 17.22
CA ARG A 53 -6.04 1.36 17.98
C ARG A 53 -7.21 2.36 18.03
N ASP A 54 -8.39 1.96 17.62
CA ASP A 54 -9.50 2.95 17.42
C ASP A 54 -9.84 3.68 18.73
N THR A 55 -10.70 4.65 18.66
CA THR A 55 -11.21 5.33 19.89
C THR A 55 -12.29 4.47 20.54
N GLN A 56 -12.63 4.75 21.79
CA GLN A 56 -13.66 3.92 22.49
C GLN A 56 -15.08 4.30 22.03
N PHE A 57 -15.22 5.20 21.08
CA PHE A 57 -16.55 5.44 20.45
C PHE A 57 -16.61 4.74 19.08
N GLN A 58 -17.79 4.41 18.62
CA GLN A 58 -17.92 3.63 17.34
C GLN A 58 -17.45 4.49 16.15
N ILE A 59 -16.77 3.89 15.20
CA ILE A 59 -16.33 4.63 13.99
C ILE A 59 -17.03 4.07 12.75
N ALA A 60 -17.50 4.93 11.87
CA ALA A 60 -18.20 4.45 10.64
C ALA A 60 -17.22 4.44 9.45
N PRO A 61 -16.86 3.25 8.99
CA PRO A 61 -15.96 3.14 7.81
C PRO A 61 -16.64 3.65 6.55
N GLN A 62 -15.89 4.17 5.61
CA GLN A 62 -16.49 4.70 4.36
C GLN A 62 -16.49 3.62 3.27
N SER A 63 -17.64 3.32 2.72
CA SER A 63 -17.72 2.29 1.63
C SER A 63 -16.99 2.77 0.38
N GLN A 64 -16.99 4.06 0.13
CA GLN A 64 -16.32 4.61 -1.09
C GLN A 64 -14.82 4.28 -1.08
N ILE A 65 -14.24 4.10 -2.25
CA ILE A 65 -12.78 3.78 -2.33
C ILE A 65 -11.98 5.06 -2.60
N TYR A 66 -10.72 5.07 -2.24
CA TYR A 66 -9.88 6.29 -2.47
C TYR A 66 -9.15 6.19 -3.81
N ASP A 67 -9.50 7.02 -4.76
CA ASP A 67 -8.81 7.02 -6.09
C ASP A 67 -7.28 7.11 -5.94
N TYR A 68 -6.81 7.95 -5.05
CA TYR A 68 -5.34 8.17 -4.91
C TYR A 68 -5.00 8.61 -3.49
N ILE A 69 -4.02 7.97 -2.88
CA ILE A 69 -3.51 8.45 -1.55
C ILE A 69 -1.98 8.59 -1.60
N LEU A 70 -1.48 9.73 -1.21
CA LEU A 70 0.01 9.91 -1.15
C LEU A 70 0.52 9.52 0.24
N PHE A 71 1.62 8.82 0.30
CA PHE A 71 2.13 8.31 1.62
C PHE A 71 3.64 8.54 1.73
N ARG A 72 4.08 9.12 2.82
CA ARG A 72 5.55 9.24 3.08
C ARG A 72 6.05 8.03 3.88
N GLY A 73 7.28 7.63 3.64
CA GLY A 73 7.85 6.46 4.40
C GLY A 73 7.84 6.73 5.91
N SER A 74 7.88 7.99 6.30
CA SER A 74 7.91 8.33 7.76
C SER A 74 6.61 7.91 8.45
N ASP A 75 5.49 8.11 7.81
CA ASP A 75 4.17 7.82 8.48
C ASP A 75 3.84 6.33 8.43
N ILE A 76 4.25 5.64 7.38
CA ILE A 76 3.99 4.18 7.30
C ILE A 76 5.28 3.40 7.63
N LYS A 77 5.14 2.31 8.34
CA LYS A 77 6.34 1.65 8.94
C LYS A 77 6.72 0.37 8.18
N ASP A 78 5.79 -0.23 7.45
CA ASP A 78 6.15 -1.50 6.74
C ASP A 78 5.31 -1.68 5.47
N ILE A 79 5.96 -2.05 4.38
CA ILE A 79 5.23 -2.32 3.11
C ILE A 79 5.69 -3.66 2.52
N ARG A 80 4.79 -4.45 1.99
CA ARG A 80 5.17 -5.77 1.41
C ARG A 80 4.27 -6.10 0.20
N VAL A 81 4.83 -6.71 -0.81
CA VAL A 81 4.01 -7.08 -2.02
C VAL A 81 3.33 -8.44 -1.79
N VAL A 82 2.15 -8.63 -2.33
CA VAL A 82 1.44 -9.93 -2.14
C VAL A 82 1.72 -10.86 -3.32
N ASN A 83 2.08 -12.09 -3.04
CA ASN A 83 2.37 -13.07 -4.14
C ASN A 83 1.47 -14.30 -4.00
N ASN A 84 0.73 -14.63 -5.04
CA ASN A 84 -0.18 -15.82 -4.98
C ASN A 84 0.49 -17.02 -5.67
N HIS A 85 0.53 -18.14 -5.00
CA HIS A 85 1.16 -19.36 -5.59
C HIS A 85 0.15 -20.51 -5.68
N THR A 86 0.33 -21.41 -6.61
CA THR A 86 -0.62 -22.55 -6.76
C THR A 86 0.13 -23.88 -6.61
N LEU A 87 -0.50 -24.85 -5.99
CA LEU A 87 0.17 -26.18 -5.79
C LEU A 87 -0.33 -27.18 -6.84
N PRO A 88 0.52 -27.55 -7.78
CA PRO A 88 0.12 -28.52 -8.83
C PRO A 88 -0.08 -29.91 -8.21
N GLY A 1 12.14 -22.73 -29.16
CA GLY A 1 11.34 -21.65 -29.79
C GLY A 1 11.53 -20.36 -29.00
N ALA A 2 10.60 -20.03 -28.14
CA ALA A 2 10.72 -18.76 -27.35
C ALA A 2 11.07 -19.09 -25.89
N MET A 3 11.77 -18.20 -25.22
CA MET A 3 12.14 -18.44 -23.79
C MET A 3 11.18 -17.68 -22.87
N ALA A 4 11.19 -18.01 -21.60
CA ALA A 4 10.28 -17.32 -20.64
C ALA A 4 11.04 -16.23 -19.88
N MET A 5 12.04 -15.65 -20.49
CA MET A 5 12.82 -14.56 -19.81
C MET A 5 12.68 -13.24 -20.59
N SER A 6 11.81 -12.37 -20.13
CA SER A 6 11.60 -11.07 -20.84
C SER A 6 11.07 -10.02 -19.87
N GLY A 7 11.49 -10.07 -18.63
CA GLY A 7 11.01 -9.07 -17.63
C GLY A 7 12.16 -8.73 -16.66
N GLY A 8 12.64 -7.52 -16.70
CA GLY A 8 13.74 -7.11 -15.78
C GLY A 8 13.18 -6.17 -14.70
N LEU A 9 12.42 -5.18 -15.11
CA LEU A 9 11.83 -4.22 -14.11
C LEU A 9 10.59 -4.85 -13.47
N PRO A 10 10.30 -4.47 -12.24
CA PRO A 10 9.12 -5.02 -11.52
C PRO A 10 7.81 -4.56 -12.20
N GLU A 11 6.85 -5.44 -12.32
CA GLU A 11 5.56 -5.07 -12.98
C GLU A 11 4.83 -4.01 -12.15
N LEU A 12 4.69 -2.82 -12.69
CA LEU A 12 3.96 -1.73 -11.96
C LEU A 12 2.48 -2.10 -11.79
N GLY A 13 1.79 -1.44 -10.88
CA GLY A 13 0.34 -1.72 -10.69
C GLY A 13 0.11 -2.95 -9.81
N SER A 14 1.15 -3.63 -9.38
CA SER A 14 0.97 -4.86 -8.53
C SER A 14 0.23 -4.51 -7.24
N LYS A 15 -0.47 -5.47 -6.67
CA LYS A 15 -1.23 -5.21 -5.41
C LYS A 15 -0.29 -5.29 -4.20
N ILE A 16 -0.27 -4.25 -3.39
CA ILE A 16 0.63 -4.26 -2.18
C ILE A 16 -0.19 -4.01 -0.91
N SER A 17 0.18 -4.64 0.17
CA SER A 17 -0.47 -4.38 1.48
C SER A 17 0.44 -3.48 2.32
N LEU A 18 -0.12 -2.50 2.99
CA LEU A 18 0.71 -1.44 3.62
C LEU A 18 0.22 -1.17 5.05
N ILE A 19 1.11 -1.21 6.03
CA ILE A 19 0.70 -1.01 7.44
C ILE A 19 1.21 0.36 7.94
N SER A 20 0.30 1.21 8.36
CA SER A 20 0.70 2.58 8.84
C SER A 20 0.89 2.60 10.36
N LYS A 21 1.65 3.55 10.86
CA LYS A 21 2.02 3.59 12.31
C LYS A 21 0.80 3.58 13.25
N ALA A 22 -0.39 3.77 12.72
CA ALA A 22 -1.61 3.75 13.58
C ALA A 22 -2.19 2.34 13.67
N ASP A 23 -1.37 1.33 13.38
CA ASP A 23 -1.88 -0.09 13.31
C ASP A 23 -3.06 -0.18 12.35
N ILE A 24 -3.03 0.62 11.31
CA ILE A 24 -4.12 0.58 10.29
C ILE A 24 -3.65 -0.19 9.07
N ARG A 25 -4.50 -0.97 8.46
CA ARG A 25 -4.10 -1.73 7.24
C ARG A 25 -4.71 -1.09 6.00
N TYR A 26 -3.88 -0.65 5.08
CA TYR A 26 -4.38 -0.14 3.77
C TYR A 26 -3.90 -1.07 2.66
N GLU A 27 -4.66 -1.21 1.61
CA GLU A 27 -4.18 -2.01 0.45
C GLU A 27 -4.59 -1.31 -0.85
N GLY A 28 -3.73 -1.32 -1.85
CA GLY A 28 -4.04 -0.57 -3.09
C GLY A 28 -3.06 -0.94 -4.21
N ARG A 29 -3.29 -0.45 -5.40
CA ARG A 29 -2.37 -0.74 -6.55
C ARG A 29 -1.19 0.24 -6.55
N LEU A 30 0.01 -0.25 -6.73
CA LEU A 30 1.20 0.65 -6.85
C LEU A 30 1.12 1.50 -8.12
N TYR A 31 1.06 2.81 -7.98
CA TYR A 31 0.98 3.69 -9.18
C TYR A 31 2.37 4.26 -9.50
N THR A 32 3.04 4.82 -8.52
CA THR A 32 4.39 5.43 -8.77
C THR A 32 5.22 5.42 -7.49
N VAL A 33 6.53 5.44 -7.62
CA VAL A 33 7.41 5.42 -6.42
C VAL A 33 8.64 6.32 -6.65
N ASP A 34 9.11 6.97 -5.61
CA ASP A 34 10.34 7.82 -5.74
C ASP A 34 11.34 7.44 -4.64
N PRO A 35 12.36 6.68 -4.99
CA PRO A 35 13.32 6.16 -3.97
C PRO A 35 14.05 7.33 -3.29
N GLN A 36 14.40 8.35 -4.03
CA GLN A 36 15.30 9.41 -3.48
C GLN A 36 14.50 10.38 -2.61
N GLU A 37 13.22 10.54 -2.88
CA GLU A 37 12.35 11.35 -1.98
C GLU A 37 11.75 10.49 -0.85
N CYS A 38 12.11 9.22 -0.77
CA CYS A 38 11.50 8.31 0.27
C CYS A 38 9.96 8.41 0.28
N THR A 39 9.35 8.52 -0.88
CA THR A 39 7.88 8.74 -0.93
C THR A 39 7.23 7.83 -1.97
N ILE A 40 5.97 7.50 -1.79
CA ILE A 40 5.27 6.64 -2.80
C ILE A 40 3.81 7.10 -2.95
N ALA A 41 3.17 6.72 -4.02
CA ALA A 41 1.73 7.04 -4.20
C ALA A 41 0.97 5.82 -4.72
N LEU A 42 -0.09 5.45 -4.06
CA LEU A 42 -0.86 4.24 -4.47
C LEU A 42 -2.21 4.66 -5.07
N SER A 43 -2.71 3.92 -6.03
CA SER A 43 -4.00 4.30 -6.67
C SER A 43 -5.03 3.20 -6.43
N SER A 44 -6.29 3.55 -6.40
CA SER A 44 -7.37 2.57 -6.00
C SER A 44 -6.94 1.79 -4.74
N VAL A 45 -7.21 2.37 -3.59
CA VAL A 45 -6.81 1.73 -2.30
C VAL A 45 -7.97 1.80 -1.30
N ARG A 46 -8.06 0.84 -0.41
CA ARG A 46 -9.15 0.85 0.61
C ARG A 46 -8.56 0.56 1.99
N SER A 47 -9.20 1.04 3.04
CA SER A 47 -8.70 0.77 4.43
C SER A 47 -9.66 -0.18 5.15
N PHE A 48 -9.14 -1.12 5.90
CA PHE A 48 -10.01 -2.15 6.53
C PHE A 48 -10.64 -1.63 7.83
N GLY A 49 -9.90 -0.87 8.61
CA GLY A 49 -10.47 -0.28 9.85
C GLY A 49 -9.36 0.30 10.73
N THR A 50 -9.73 1.05 11.74
CA THR A 50 -8.73 1.55 12.73
C THR A 50 -9.03 1.03 14.14
N GLU A 51 -9.99 0.14 14.27
CA GLU A 51 -10.54 -0.25 15.62
C GLU A 51 -9.42 -0.57 16.63
N ASP A 52 -8.28 -1.01 16.16
CA ASP A 52 -7.16 -1.36 17.10
C ASP A 52 -6.65 -0.09 17.80
N ARG A 53 -6.19 0.88 17.03
CA ARG A 53 -5.73 2.18 17.64
C ARG A 53 -6.86 3.22 17.63
N ASP A 54 -8.07 2.83 17.33
CA ASP A 54 -9.17 3.83 17.11
C ASP A 54 -9.38 4.71 18.36
N THR A 55 -10.21 5.71 18.24
CA THR A 55 -10.56 6.55 19.42
C THR A 55 -11.60 5.84 20.28
N GLN A 56 -11.78 6.29 21.51
CA GLN A 56 -12.78 5.61 22.41
C GLN A 56 -14.23 6.03 22.04
N PHE A 57 -14.40 6.82 21.01
CA PHE A 57 -15.78 7.07 20.48
C PHE A 57 -16.04 6.17 19.27
N GLN A 58 -17.28 6.04 18.86
CA GLN A 58 -17.62 5.11 17.75
C GLN A 58 -17.04 5.61 16.42
N ILE A 59 -16.44 4.75 15.65
CA ILE A 59 -15.89 5.15 14.32
C ILE A 59 -16.68 4.44 13.21
N ALA A 60 -17.10 5.17 12.20
CA ALA A 60 -17.90 4.55 11.10
C ALA A 60 -16.97 4.01 10.00
N PRO A 61 -17.27 2.82 9.50
CA PRO A 61 -16.43 2.22 8.43
C PRO A 61 -16.60 3.00 7.11
N GLN A 62 -15.56 3.10 6.33
CA GLN A 62 -15.67 3.82 5.03
C GLN A 62 -15.82 2.83 3.88
N SER A 63 -16.94 2.83 3.21
CA SER A 63 -17.15 1.89 2.06
C SER A 63 -16.57 2.47 0.77
N GLN A 64 -16.60 3.78 0.63
CA GLN A 64 -16.07 4.42 -0.62
C GLN A 64 -14.57 4.15 -0.76
N ILE A 65 -14.11 3.97 -1.97
CA ILE A 65 -12.65 3.69 -2.20
C ILE A 65 -11.93 4.99 -2.57
N TYR A 66 -10.66 5.09 -2.22
CA TYR A 66 -9.90 6.34 -2.54
C TYR A 66 -9.14 6.17 -3.86
N ASP A 67 -9.49 6.96 -4.85
CA ASP A 67 -8.78 6.91 -6.17
C ASP A 67 -7.26 7.01 -6.01
N TYR A 68 -6.80 7.87 -5.13
CA TYR A 68 -5.33 8.10 -4.99
C TYR A 68 -4.99 8.57 -3.58
N ILE A 69 -4.01 7.96 -2.96
CA ILE A 69 -3.50 8.47 -1.64
C ILE A 69 -1.98 8.59 -1.68
N LEU A 70 -1.46 9.74 -1.29
CA LEU A 70 0.01 9.92 -1.22
C LEU A 70 0.52 9.54 0.18
N PHE A 71 1.62 8.82 0.25
CA PHE A 71 2.11 8.34 1.58
C PHE A 71 3.62 8.55 1.70
N ARG A 72 4.07 9.15 2.79
CA ARG A 72 5.53 9.26 3.04
C ARG A 72 6.04 8.06 3.84
N GLY A 73 7.25 7.65 3.61
CA GLY A 73 7.84 6.49 4.36
C GLY A 73 7.82 6.77 5.88
N SER A 74 7.85 8.03 6.26
CA SER A 74 7.88 8.37 7.73
C SER A 74 6.59 7.95 8.42
N ASP A 75 5.46 8.11 7.76
CA ASP A 75 4.15 7.82 8.43
C ASP A 75 3.82 6.33 8.36
N ILE A 76 4.22 5.65 7.32
CA ILE A 76 3.99 4.17 7.24
C ILE A 76 5.28 3.41 7.50
N LYS A 77 5.19 2.30 8.22
CA LYS A 77 6.40 1.66 8.79
C LYS A 77 6.76 0.37 8.04
N ASP A 78 5.82 -0.27 7.38
CA ASP A 78 6.15 -1.58 6.72
C ASP A 78 5.28 -1.80 5.48
N ILE A 79 5.88 -2.32 4.43
CA ILE A 79 5.12 -2.62 3.18
C ILE A 79 5.49 -4.02 2.66
N ARG A 80 4.54 -4.74 2.10
CA ARG A 80 4.83 -6.10 1.57
C ARG A 80 4.01 -6.34 0.29
N VAL A 81 4.66 -6.73 -0.78
CA VAL A 81 3.93 -7.00 -2.06
C VAL A 81 3.43 -8.45 -2.10
N VAL A 82 2.28 -8.67 -2.71
CA VAL A 82 1.74 -10.07 -2.81
C VAL A 82 2.09 -10.66 -4.17
N ASN A 83 2.58 -11.89 -4.18
CA ASN A 83 2.94 -12.55 -5.47
C ASN A 83 2.17 -13.87 -5.62
N ASN A 84 1.41 -14.02 -6.69
CA ASN A 84 0.65 -15.29 -6.90
C ASN A 84 1.62 -16.45 -7.13
N HIS A 85 2.70 -16.21 -7.81
CA HIS A 85 3.71 -17.29 -8.06
C HIS A 85 5.02 -16.98 -7.32
N THR A 86 5.54 -17.93 -6.59
CA THR A 86 6.82 -17.69 -5.85
C THR A 86 7.85 -18.77 -6.20
N LEU A 87 9.08 -18.40 -6.37
CA LEU A 87 10.15 -19.40 -6.71
C LEU A 87 11.33 -19.25 -5.74
N PRO A 88 12.13 -20.31 -5.63
CA PRO A 88 13.30 -20.27 -4.73
C PRO A 88 14.36 -19.29 -5.26
N GLY A 1 8.73 -15.11 -26.72
CA GLY A 1 7.86 -15.39 -25.54
C GLY A 1 8.37 -14.61 -24.33
N ALA A 2 8.45 -13.31 -24.43
CA ALA A 2 8.95 -12.48 -23.29
C ALA A 2 7.95 -12.52 -22.13
N MET A 3 6.68 -12.61 -22.42
CA MET A 3 5.65 -12.66 -21.33
C MET A 3 5.23 -14.12 -21.07
N ALA A 4 5.46 -14.60 -19.87
CA ALA A 4 5.05 -16.00 -19.53
C ALA A 4 4.83 -16.13 -18.02
N MET A 5 5.85 -15.87 -17.24
CA MET A 5 5.72 -15.97 -15.75
C MET A 5 6.39 -14.75 -15.10
N SER A 6 5.91 -14.36 -13.94
CA SER A 6 6.51 -13.19 -13.23
C SER A 6 7.28 -13.66 -11.99
N GLY A 7 8.50 -13.21 -11.84
CA GLY A 7 9.32 -13.61 -10.65
C GLY A 7 10.38 -12.54 -10.38
N GLY A 8 11.25 -12.31 -11.33
CA GLY A 8 12.32 -11.27 -11.15
C GLY A 8 11.95 -10.01 -11.92
N LEU A 9 10.68 -9.68 -11.95
CA LEU A 9 10.24 -8.45 -12.69
C LEU A 9 8.91 -7.94 -12.11
N PRO A 10 9.00 -7.10 -11.10
CA PRO A 10 7.78 -6.55 -10.46
C PRO A 10 7.05 -5.61 -11.42
N GLU A 11 6.06 -6.12 -12.13
CA GLU A 11 5.28 -5.26 -13.09
C GLU A 11 4.52 -4.16 -12.33
N LEU A 12 4.36 -3.01 -12.93
CA LEU A 12 3.62 -1.90 -12.26
C LEU A 12 2.16 -2.27 -12.05
N GLY A 13 1.48 -1.61 -11.15
CA GLY A 13 0.04 -1.92 -10.90
C GLY A 13 -0.12 -3.13 -9.95
N SER A 14 0.96 -3.74 -9.53
CA SER A 14 0.85 -4.92 -8.60
C SER A 14 0.17 -4.52 -7.30
N LYS A 15 -0.48 -5.44 -6.64
CA LYS A 15 -1.18 -5.11 -5.36
C LYS A 15 -0.19 -5.11 -4.18
N ILE A 16 -0.15 -4.04 -3.43
CA ILE A 16 0.77 -3.97 -2.25
C ILE A 16 -0.04 -3.81 -0.95
N SER A 17 0.40 -4.44 0.10
CA SER A 17 -0.26 -4.27 1.43
C SER A 17 0.59 -3.35 2.31
N LEU A 18 -0.04 -2.44 3.01
CA LEU A 18 0.73 -1.37 3.71
C LEU A 18 0.20 -1.16 5.12
N ILE A 19 1.07 -1.18 6.11
CA ILE A 19 0.62 -0.96 7.53
C ILE A 19 1.08 0.43 8.00
N SER A 20 0.14 1.27 8.38
CA SER A 20 0.49 2.66 8.81
C SER A 20 0.64 2.74 10.34
N LYS A 21 1.36 3.74 10.81
CA LYS A 21 1.71 3.83 12.28
C LYS A 21 0.47 3.85 13.18
N ALA A 22 -0.71 4.01 12.62
CA ALA A 22 -1.96 3.96 13.45
C ALA A 22 -2.49 2.53 13.57
N ASP A 23 -1.64 1.54 13.35
CA ASP A 23 -2.06 0.10 13.42
C ASP A 23 -3.21 -0.16 12.44
N ILE A 24 -3.18 0.51 11.30
CA ILE A 24 -4.27 0.30 10.29
C ILE A 24 -3.70 -0.49 9.10
N ARG A 25 -4.53 -1.27 8.46
CA ARG A 25 -4.07 -2.01 7.24
C ARG A 25 -4.71 -1.39 5.99
N TYR A 26 -3.89 -0.90 5.09
CA TYR A 26 -4.41 -0.37 3.79
C TYR A 26 -3.92 -1.27 2.66
N GLU A 27 -4.63 -1.30 1.56
CA GLU A 27 -4.13 -2.05 0.37
C GLU A 27 -4.50 -1.30 -0.90
N GLY A 28 -3.62 -1.25 -1.87
CA GLY A 28 -3.91 -0.45 -3.09
C GLY A 28 -2.97 -0.84 -4.23
N ARG A 29 -3.24 -0.37 -5.43
CA ARG A 29 -2.35 -0.69 -6.59
C ARG A 29 -1.17 0.29 -6.65
N LEU A 30 0.01 -0.22 -6.92
CA LEU A 30 1.20 0.68 -7.08
C LEU A 30 1.04 1.57 -8.33
N TYR A 31 0.99 2.86 -8.14
CA TYR A 31 0.88 3.80 -9.30
C TYR A 31 2.26 4.38 -9.64
N THR A 32 2.95 4.91 -8.66
CA THR A 32 4.30 5.52 -8.90
C THR A 32 5.14 5.47 -7.63
N VAL A 33 6.45 5.45 -7.78
CA VAL A 33 7.34 5.37 -6.58
C VAL A 33 8.60 6.24 -6.80
N ASP A 34 9.09 6.85 -5.74
CA ASP A 34 10.35 7.65 -5.86
C ASP A 34 11.34 7.22 -4.77
N PRO A 35 12.34 6.43 -5.16
CA PRO A 35 13.27 5.85 -4.15
C PRO A 35 14.05 6.97 -3.44
N GLN A 36 14.45 7.99 -4.15
CA GLN A 36 15.38 9.00 -3.55
C GLN A 36 14.60 9.98 -2.68
N GLU A 37 13.33 10.18 -2.96
CA GLU A 37 12.48 11.03 -2.07
C GLU A 37 11.85 10.19 -0.93
N CYS A 38 12.16 8.89 -0.86
CA CYS A 38 11.53 8.00 0.17
C CYS A 38 9.99 8.16 0.18
N THR A 39 9.39 8.28 -0.98
CA THR A 39 7.92 8.55 -1.03
C THR A 39 7.26 7.68 -2.10
N ILE A 40 6.00 7.36 -1.91
CA ILE A 40 5.26 6.55 -2.93
C ILE A 40 3.82 7.05 -3.06
N ALA A 41 3.16 6.70 -4.14
CA ALA A 41 1.71 7.05 -4.29
C ALA A 41 0.94 5.84 -4.81
N LEU A 42 -0.12 5.47 -4.13
CA LEU A 42 -0.91 4.27 -4.54
C LEU A 42 -2.26 4.71 -5.10
N SER A 43 -2.77 4.00 -6.08
CA SER A 43 -4.06 4.39 -6.70
C SER A 43 -5.09 3.28 -6.45
N SER A 44 -6.35 3.62 -6.40
CA SER A 44 -7.42 2.63 -5.99
C SER A 44 -6.96 1.85 -4.75
N VAL A 45 -7.23 2.39 -3.59
CA VAL A 45 -6.80 1.74 -2.32
C VAL A 45 -7.96 1.76 -1.31
N ARG A 46 -8.05 0.75 -0.48
CA ARG A 46 -9.14 0.72 0.56
C ARG A 46 -8.53 0.45 1.94
N SER A 47 -9.18 0.90 2.97
CA SER A 47 -8.71 0.59 4.36
C SER A 47 -9.66 -0.42 5.00
N PHE A 48 -9.14 -1.56 5.41
CA PHE A 48 -10.04 -2.68 5.83
C PHE A 48 -10.49 -2.51 7.28
N GLY A 49 -9.63 -2.05 8.15
CA GLY A 49 -10.01 -1.86 9.57
C GLY A 49 -8.75 -1.63 10.41
N THR A 50 -8.93 -1.50 11.71
CA THR A 50 -7.74 -1.44 12.63
C THR A 50 -7.76 -2.62 13.62
N GLU A 51 -8.78 -3.46 13.56
CA GLU A 51 -9.08 -4.40 14.69
C GLU A 51 -7.88 -5.27 15.07
N ASP A 52 -6.96 -5.49 14.17
CA ASP A 52 -5.83 -6.44 14.47
C ASP A 52 -4.80 -5.76 15.38
N ARG A 53 -4.21 -4.68 14.94
CA ARG A 53 -3.11 -4.03 15.72
C ARG A 53 -3.63 -2.91 16.63
N ASP A 54 -4.93 -2.72 16.73
CA ASP A 54 -5.46 -1.54 17.48
C ASP A 54 -5.67 -1.86 18.96
N THR A 55 -6.03 -0.88 19.75
CA THR A 55 -6.30 -1.10 21.20
C THR A 55 -7.69 -1.72 21.39
N GLN A 56 -7.94 -2.25 22.55
CA GLN A 56 -9.26 -2.95 22.78
C GLN A 56 -10.40 -1.95 23.02
N PHE A 57 -10.18 -0.68 22.81
CA PHE A 57 -11.31 0.30 22.87
C PHE A 57 -11.97 0.42 21.49
N GLN A 58 -13.22 0.82 21.46
CA GLN A 58 -13.99 0.78 20.18
C GLN A 58 -13.43 1.81 19.18
N ILE A 59 -13.17 1.38 17.97
CA ILE A 59 -12.72 2.33 16.90
C ILE A 59 -13.58 2.15 15.65
N ALA A 60 -13.92 3.24 14.99
CA ALA A 60 -14.80 3.14 13.78
C ALA A 60 -13.94 3.16 12.50
N PRO A 61 -13.86 2.03 11.81
CA PRO A 61 -13.11 1.99 10.53
C PRO A 61 -13.95 2.61 9.39
N GLN A 62 -13.31 3.06 8.35
CA GLN A 62 -14.04 3.64 7.19
C GLN A 62 -13.86 2.76 5.95
N SER A 63 -14.93 2.43 5.27
CA SER A 63 -14.83 1.55 4.06
C SER A 63 -14.81 2.38 2.77
N GLN A 64 -14.62 3.68 2.86
CA GLN A 64 -14.60 4.53 1.63
C GLN A 64 -13.42 4.15 0.72
N ILE A 65 -13.61 4.23 -0.57
CA ILE A 65 -12.49 3.90 -1.52
C ILE A 65 -11.80 5.20 -1.96
N TYR A 66 -10.49 5.24 -1.85
CA TYR A 66 -9.74 6.47 -2.25
C TYR A 66 -9.15 6.30 -3.66
N ASP A 67 -9.54 7.14 -4.58
CA ASP A 67 -8.90 7.12 -5.95
C ASP A 67 -7.37 7.19 -5.85
N TYR A 68 -6.85 8.01 -4.96
CA TYR A 68 -5.37 8.20 -4.87
C TYR A 68 -4.98 8.62 -3.45
N ILE A 69 -4.04 7.95 -2.85
CA ILE A 69 -3.48 8.41 -1.54
C ILE A 69 -1.95 8.54 -1.64
N LEU A 70 -1.42 9.67 -1.22
CA LEU A 70 0.07 9.83 -1.16
C LEU A 70 0.59 9.39 0.20
N PHE A 71 1.69 8.66 0.21
CA PHE A 71 2.20 8.10 1.50
C PHE A 71 3.71 8.34 1.62
N ARG A 72 4.14 8.94 2.70
CA ARG A 72 5.62 9.06 2.97
C ARG A 72 6.09 7.88 3.82
N GLY A 73 7.33 7.48 3.66
CA GLY A 73 7.88 6.36 4.49
C GLY A 73 7.81 6.71 6.00
N SER A 74 7.77 7.99 6.32
CA SER A 74 7.78 8.40 7.76
C SER A 74 6.48 7.99 8.47
N ASP A 75 5.35 8.17 7.82
CA ASP A 75 4.04 7.89 8.50
C ASP A 75 3.70 6.39 8.45
N ILE A 76 4.15 5.71 7.42
CA ILE A 76 3.90 4.23 7.35
C ILE A 76 5.19 3.47 7.70
N LYS A 77 5.04 2.38 8.42
CA LYS A 77 6.23 1.72 9.04
C LYS A 77 6.59 0.42 8.30
N ASP A 78 5.68 -0.15 7.55
CA ASP A 78 6.02 -1.44 6.85
C ASP A 78 5.25 -1.58 5.53
N ILE A 79 5.95 -1.92 4.47
CA ILE A 79 5.28 -2.17 3.15
C ILE A 79 5.75 -3.51 2.57
N ARG A 80 4.86 -4.27 2.00
CA ARG A 80 5.24 -5.58 1.39
C ARG A 80 4.38 -5.88 0.17
N VAL A 81 4.97 -6.37 -0.89
CA VAL A 81 4.20 -6.73 -2.12
C VAL A 81 3.66 -8.15 -2.00
N VAL A 82 2.47 -8.41 -2.50
CA VAL A 82 1.87 -9.77 -2.39
C VAL A 82 2.17 -10.58 -3.66
N ASN A 83 2.58 -11.81 -3.50
CA ASN A 83 2.89 -12.67 -4.69
C ASN A 83 2.01 -13.92 -4.67
N ASN A 84 1.81 -14.53 -5.81
CA ASN A 84 0.95 -15.76 -5.88
C ASN A 84 1.82 -17.01 -5.85
N HIS A 85 1.44 -17.98 -5.07
CA HIS A 85 2.24 -19.25 -4.98
C HIS A 85 1.35 -20.46 -5.28
N THR A 86 1.92 -21.49 -5.86
CA THR A 86 1.11 -22.71 -6.20
C THR A 86 1.71 -23.94 -5.51
N LEU A 87 0.94 -25.00 -5.38
CA LEU A 87 1.45 -26.22 -4.70
C LEU A 87 0.83 -27.48 -5.35
N PRO A 88 1.48 -28.62 -5.15
CA PRO A 88 0.95 -29.88 -5.73
C PRO A 88 -0.35 -30.29 -5.04
N GLY A 1 26.97 -14.21 -20.71
CA GLY A 1 26.71 -14.25 -19.24
C GLY A 1 25.34 -13.65 -18.95
N ALA A 2 25.31 -12.52 -18.27
CA ALA A 2 23.99 -11.87 -17.95
C ALA A 2 24.07 -10.37 -18.25
N MET A 3 22.95 -9.77 -18.60
CA MET A 3 22.93 -8.32 -18.92
C MET A 3 21.84 -7.62 -18.11
N ALA A 4 21.96 -6.32 -17.93
CA ALA A 4 20.91 -5.55 -17.18
C ALA A 4 19.91 -4.94 -18.17
N MET A 5 18.64 -5.20 -17.97
CA MET A 5 17.61 -4.65 -18.90
C MET A 5 16.31 -4.35 -18.13
N SER A 6 16.45 -3.89 -16.91
CA SER A 6 15.24 -3.58 -16.09
C SER A 6 15.14 -2.06 -15.83
N GLY A 7 13.95 -1.56 -15.66
CA GLY A 7 13.78 -0.09 -15.41
C GLY A 7 13.53 0.17 -13.93
N GLY A 8 12.63 -0.58 -13.34
CA GLY A 8 12.32 -0.39 -11.88
C GLY A 8 12.33 -1.75 -11.17
N LEU A 9 12.51 -1.76 -9.87
CA LEU A 9 12.54 -3.05 -9.12
C LEU A 9 11.11 -3.58 -8.90
N PRO A 10 10.26 -2.79 -8.26
CA PRO A 10 8.89 -3.28 -7.93
C PRO A 10 8.04 -3.36 -9.20
N GLU A 11 7.29 -4.44 -9.35
CA GLU A 11 6.42 -4.60 -10.56
C GLU A 11 5.34 -3.51 -10.58
N LEU A 12 5.23 -2.78 -11.67
CA LEU A 12 4.20 -1.69 -11.75
C LEU A 12 2.78 -2.25 -11.71
N GLY A 13 1.92 -1.63 -10.94
CA GLY A 13 0.48 -2.06 -10.92
C GLY A 13 0.25 -3.27 -10.00
N SER A 14 1.29 -3.80 -9.40
CA SER A 14 1.12 -4.98 -8.49
C SER A 14 0.28 -4.59 -7.27
N LYS A 15 -0.45 -5.53 -6.71
CA LYS A 15 -1.23 -5.24 -5.46
C LYS A 15 -0.31 -5.32 -4.24
N ILE A 16 -0.30 -4.30 -3.42
CA ILE A 16 0.59 -4.30 -2.22
C ILE A 16 -0.22 -4.06 -0.94
N SER A 17 0.17 -4.69 0.13
CA SER A 17 -0.47 -4.43 1.46
C SER A 17 0.45 -3.54 2.29
N LEU A 18 -0.10 -2.56 2.96
CA LEU A 18 0.74 -1.52 3.62
C LEU A 18 0.25 -1.25 5.05
N ILE A 19 1.14 -1.27 6.02
CA ILE A 19 0.72 -1.04 7.44
C ILE A 19 1.17 0.35 7.89
N SER A 20 0.23 1.18 8.31
CA SER A 20 0.56 2.57 8.74
C SER A 20 0.77 2.66 10.26
N LYS A 21 1.49 3.67 10.71
CA LYS A 21 1.94 3.75 12.14
C LYS A 21 0.78 3.60 13.14
N ALA A 22 -0.45 3.73 12.70
CA ALA A 22 -1.61 3.59 13.63
C ALA A 22 -2.08 2.13 13.70
N ASP A 23 -1.23 1.19 13.33
CA ASP A 23 -1.63 -0.25 13.25
C ASP A 23 -2.87 -0.39 12.35
N ILE A 24 -2.95 0.43 11.32
CA ILE A 24 -4.10 0.35 10.38
C ILE A 24 -3.65 -0.36 9.10
N ARG A 25 -4.49 -1.15 8.50
CA ARG A 25 -4.08 -1.89 7.27
C ARG A 25 -4.70 -1.23 6.04
N TYR A 26 -3.87 -0.78 5.13
CA TYR A 26 -4.36 -0.22 3.85
C TYR A 26 -3.91 -1.13 2.71
N GLU A 27 -4.66 -1.21 1.65
CA GLU A 27 -4.22 -2.01 0.47
C GLU A 27 -4.61 -1.29 -0.82
N GLY A 28 -3.74 -1.32 -1.82
CA GLY A 28 -4.02 -0.55 -3.07
C GLY A 28 -3.06 -0.96 -4.18
N ARG A 29 -3.28 -0.47 -5.37
CA ARG A 29 -2.38 -0.79 -6.52
C ARG A 29 -1.19 0.17 -6.55
N LEU A 30 0.01 -0.33 -6.76
CA LEU A 30 1.21 0.57 -6.89
C LEU A 30 1.11 1.42 -8.15
N TYR A 31 1.06 2.72 -7.98
CA TYR A 31 0.98 3.63 -9.17
C TYR A 31 2.36 4.22 -9.50
N THR A 32 3.03 4.77 -8.51
CA THR A 32 4.37 5.40 -8.75
C THR A 32 5.21 5.39 -7.47
N VAL A 33 6.50 5.45 -7.61
CA VAL A 33 7.39 5.43 -6.40
C VAL A 33 8.60 6.36 -6.63
N ASP A 34 9.07 7.00 -5.59
CA ASP A 34 10.27 7.89 -5.72
C ASP A 34 11.30 7.51 -4.63
N PRO A 35 12.31 6.75 -5.02
CA PRO A 35 13.31 6.25 -4.02
C PRO A 35 14.05 7.42 -3.36
N GLN A 36 14.35 8.45 -4.10
CA GLN A 36 15.23 9.53 -3.57
C GLN A 36 14.43 10.47 -2.67
N GLU A 37 13.15 10.60 -2.90
CA GLU A 37 12.30 11.40 -1.98
C GLU A 37 11.74 10.53 -0.84
N CYS A 38 12.11 9.26 -0.78
CA CYS A 38 11.53 8.33 0.27
C CYS A 38 10.00 8.41 0.30
N THR A 39 9.37 8.50 -0.85
CA THR A 39 7.89 8.69 -0.88
C THR A 39 7.25 7.77 -1.93
N ILE A 40 6.00 7.43 -1.74
CA ILE A 40 5.30 6.57 -2.74
C ILE A 40 3.84 7.04 -2.91
N ALA A 41 3.20 6.65 -3.98
CA ALA A 41 1.75 6.97 -4.16
C ALA A 41 1.01 5.76 -4.70
N LEU A 42 -0.07 5.38 -4.05
CA LEU A 42 -0.84 4.18 -4.48
C LEU A 42 -2.17 4.63 -5.07
N SER A 43 -2.67 3.89 -6.05
CA SER A 43 -3.95 4.30 -6.70
C SER A 43 -5.01 3.22 -6.43
N SER A 44 -6.27 3.61 -6.37
CA SER A 44 -7.35 2.66 -5.95
C SER A 44 -6.92 1.88 -4.70
N VAL A 45 -7.14 2.46 -3.55
CA VAL A 45 -6.74 1.81 -2.26
C VAL A 45 -7.88 1.92 -1.25
N ARG A 46 -7.98 1.00 -0.33
CA ARG A 46 -9.06 1.06 0.71
C ARG A 46 -8.47 0.72 2.09
N SER A 47 -9.09 1.22 3.13
CA SER A 47 -8.64 0.89 4.52
C SER A 47 -9.67 -0.01 5.20
N PHE A 48 -9.24 -1.04 5.88
CA PHE A 48 -10.21 -2.05 6.42
C PHE A 48 -10.81 -1.58 7.75
N GLY A 49 -10.01 -0.96 8.59
CA GLY A 49 -10.56 -0.41 9.87
C GLY A 49 -9.43 -0.03 10.83
N THR A 50 -9.78 0.56 11.95
CA THR A 50 -8.78 0.78 13.05
C THR A 50 -9.21 -0.01 14.31
N GLU A 51 -10.23 -0.81 14.21
CA GLU A 51 -10.91 -1.39 15.44
C GLU A 51 -9.91 -2.06 16.38
N ASP A 52 -8.78 -2.52 15.90
CA ASP A 52 -7.83 -3.26 16.78
C ASP A 52 -7.29 -2.34 17.88
N ARG A 53 -6.65 -1.26 17.51
CA ARG A 53 -6.16 -0.27 18.52
C ARG A 53 -7.18 0.87 18.73
N ASP A 54 -8.36 0.75 18.19
CA ASP A 54 -9.31 1.92 18.14
C ASP A 54 -9.61 2.44 19.55
N THR A 55 -10.30 3.56 19.62
CA THR A 55 -10.76 4.10 20.93
C THR A 55 -12.08 3.45 21.33
N GLN A 56 -12.46 3.57 22.58
CA GLN A 56 -13.74 2.95 23.05
C GLN A 56 -14.97 3.78 22.61
N PHE A 57 -14.75 4.83 21.85
CA PHE A 57 -15.91 5.53 21.19
C PHE A 57 -16.08 5.00 19.76
N GLN A 58 -17.26 5.14 19.19
CA GLN A 58 -17.51 4.57 17.83
C GLN A 58 -16.75 5.37 16.77
N ILE A 59 -16.18 4.69 15.80
CA ILE A 59 -15.49 5.39 14.68
C ILE A 59 -16.22 5.12 13.36
N ALA A 60 -16.41 6.13 12.56
CA ALA A 60 -17.12 5.94 11.26
C ALA A 60 -16.27 5.09 10.30
N PRO A 61 -16.73 3.89 9.99
CA PRO A 61 -15.97 3.00 9.07
C PRO A 61 -15.94 3.59 7.66
N GLN A 62 -14.84 3.42 6.96
CA GLN A 62 -14.73 3.98 5.58
C GLN A 62 -15.02 2.87 4.55
N SER A 63 -16.10 3.02 3.81
CA SER A 63 -16.44 2.00 2.77
C SER A 63 -16.04 2.50 1.38
N GLN A 64 -16.11 3.79 1.15
CA GLN A 64 -15.76 4.35 -0.19
C GLN A 64 -14.29 4.07 -0.53
N ILE A 65 -13.98 3.96 -1.80
CA ILE A 65 -12.57 3.70 -2.21
C ILE A 65 -11.88 5.03 -2.58
N TYR A 66 -10.61 5.16 -2.25
CA TYR A 66 -9.87 6.42 -2.57
C TYR A 66 -9.12 6.26 -3.89
N ASP A 67 -9.46 7.07 -4.87
CA ASP A 67 -8.76 7.01 -6.20
C ASP A 67 -7.23 7.08 -6.05
N TYR A 68 -6.76 7.94 -5.18
CA TYR A 68 -5.27 8.14 -5.04
C TYR A 68 -4.94 8.61 -3.63
N ILE A 69 -3.97 7.98 -3.00
CA ILE A 69 -3.47 8.50 -1.68
C ILE A 69 -1.93 8.59 -1.72
N LEU A 70 -1.40 9.75 -1.38
CA LEU A 70 0.08 9.90 -1.29
C LEU A 70 0.56 9.58 0.12
N PHE A 71 1.65 8.85 0.24
CA PHE A 71 2.11 8.41 1.58
C PHE A 71 3.64 8.58 1.71
N ARG A 72 4.07 9.18 2.78
CA ARG A 72 5.55 9.29 3.04
C ARG A 72 6.04 8.09 3.86
N GLY A 73 7.27 7.68 3.67
CA GLY A 73 7.82 6.53 4.44
C GLY A 73 7.78 6.82 5.96
N SER A 74 7.79 8.08 6.33
CA SER A 74 7.78 8.44 7.78
C SER A 74 6.46 8.01 8.45
N ASP A 75 5.35 8.18 7.78
CA ASP A 75 4.03 7.90 8.41
C ASP A 75 3.71 6.39 8.35
N ILE A 76 4.11 5.73 7.29
CA ILE A 76 3.87 4.26 7.20
C ILE A 76 5.18 3.49 7.43
N LYS A 77 5.11 2.39 8.14
CA LYS A 77 6.35 1.77 8.70
C LYS A 77 6.73 0.49 7.96
N ASP A 78 5.79 -0.19 7.33
CA ASP A 78 6.13 -1.51 6.71
C ASP A 78 5.29 -1.78 5.47
N ILE A 79 5.90 -2.36 4.45
CA ILE A 79 5.16 -2.69 3.19
C ILE A 79 5.51 -4.12 2.73
N ARG A 80 4.57 -4.78 2.11
CA ARG A 80 4.85 -6.15 1.57
C ARG A 80 4.04 -6.39 0.28
N VAL A 81 4.69 -6.83 -0.77
CA VAL A 81 3.97 -7.09 -2.05
C VAL A 81 3.40 -8.52 -2.06
N VAL A 82 2.27 -8.71 -2.68
CA VAL A 82 1.66 -10.09 -2.73
C VAL A 82 2.10 -10.80 -4.01
N ASN A 83 2.67 -11.98 -3.88
CA ASN A 83 3.12 -12.74 -5.08
C ASN A 83 3.16 -14.24 -4.77
N ASN A 84 3.54 -15.04 -5.73
CA ASN A 84 3.63 -16.53 -5.51
C ASN A 84 4.84 -17.11 -6.25
N HIS A 85 5.10 -18.37 -6.07
CA HIS A 85 6.26 -19.02 -6.75
C HIS A 85 5.76 -20.09 -7.73
N THR A 86 6.21 -20.06 -8.95
CA THR A 86 5.76 -21.05 -9.97
C THR A 86 6.81 -22.16 -10.14
N LEU A 87 6.40 -23.29 -10.65
CA LEU A 87 7.36 -24.42 -10.87
C LEU A 87 6.87 -25.33 -12.01
N PRO A 88 7.55 -25.30 -13.14
CA PRO A 88 7.15 -26.17 -14.28
C PRO A 88 7.44 -27.63 -13.96
N GLY A 1 15.43 -3.62 -40.08
CA GLY A 1 16.71 -2.96 -39.68
C GLY A 1 16.40 -1.63 -38.99
N ALA A 2 15.60 -1.66 -37.95
CA ALA A 2 15.25 -0.41 -37.23
C ALA A 2 16.00 -0.34 -35.90
N MET A 3 16.38 0.84 -35.48
CA MET A 3 17.12 0.98 -34.18
C MET A 3 16.15 1.37 -33.06
N ALA A 4 16.12 0.58 -32.00
CA ALA A 4 15.19 0.88 -30.88
C ALA A 4 15.77 0.35 -29.56
N MET A 5 15.33 0.88 -28.44
CA MET A 5 15.85 0.42 -27.11
C MET A 5 14.68 -0.03 -26.22
N SER A 6 14.96 -0.83 -25.22
CA SER A 6 13.89 -1.32 -24.31
C SER A 6 14.06 -0.71 -22.92
N GLY A 7 12.97 -0.33 -22.29
CA GLY A 7 13.06 0.28 -20.92
C GLY A 7 12.98 -0.83 -19.87
N GLY A 8 12.97 -0.47 -18.61
CA GLY A 8 12.90 -1.48 -17.52
C GLY A 8 12.11 -0.91 -16.33
N LEU A 9 10.88 -0.53 -16.56
CA LEU A 9 10.05 0.04 -15.45
C LEU A 9 9.50 -1.07 -14.56
N PRO A 10 9.17 -0.73 -13.33
CA PRO A 10 8.62 -1.74 -12.38
C PRO A 10 7.23 -2.21 -12.84
N GLU A 11 6.84 -3.40 -12.45
CA GLU A 11 5.49 -3.94 -12.87
C GLU A 11 4.37 -3.07 -12.28
N LEU A 12 3.85 -2.17 -13.07
CA LEU A 12 2.74 -1.28 -12.57
C LEU A 12 1.48 -2.10 -12.26
N GLY A 13 0.63 -1.61 -11.39
CA GLY A 13 -0.65 -2.32 -11.08
C GLY A 13 -0.43 -3.45 -10.06
N SER A 14 0.78 -3.68 -9.62
CA SER A 14 1.03 -4.76 -8.61
C SER A 14 0.28 -4.45 -7.30
N LYS A 15 -0.36 -5.45 -6.72
CA LYS A 15 -1.11 -5.22 -5.45
C LYS A 15 -0.15 -5.26 -4.25
N ILE A 16 -0.16 -4.22 -3.44
CA ILE A 16 0.73 -4.20 -2.24
C ILE A 16 -0.08 -3.97 -0.96
N SER A 17 0.33 -4.58 0.12
CA SER A 17 -0.34 -4.35 1.44
C SER A 17 0.53 -3.41 2.29
N LEU A 18 -0.09 -2.47 2.96
CA LEU A 18 0.68 -1.37 3.60
C LEU A 18 0.16 -1.12 5.03
N ILE A 19 1.04 -1.14 6.01
CA ILE A 19 0.59 -0.93 7.42
C ILE A 19 1.08 0.45 7.91
N SER A 20 0.14 1.28 8.31
CA SER A 20 0.50 2.67 8.75
C SER A 20 0.71 2.75 10.27
N LYS A 21 1.45 3.75 10.72
CA LYS A 21 1.87 3.84 12.16
C LYS A 21 0.68 3.75 13.14
N ALA A 22 -0.53 3.90 12.66
CA ALA A 22 -1.71 3.80 13.57
C ALA A 22 -2.21 2.35 13.67
N ASP A 23 -1.35 1.39 13.33
CA ASP A 23 -1.76 -0.06 13.32
C ASP A 23 -2.99 -0.24 12.41
N ILE A 24 -3.04 0.52 11.33
CA ILE A 24 -4.18 0.38 10.38
C ILE A 24 -3.71 -0.35 9.12
N ARG A 25 -4.57 -1.14 8.52
CA ARG A 25 -4.16 -1.90 7.30
C ARG A 25 -4.78 -1.26 6.05
N TYR A 26 -3.96 -0.82 5.15
CA TYR A 26 -4.45 -0.28 3.84
C TYR A 26 -3.97 -1.20 2.72
N GLU A 27 -4.71 -1.28 1.64
CA GLU A 27 -4.23 -2.07 0.46
C GLU A 27 -4.63 -1.36 -0.82
N GLY A 28 -3.77 -1.35 -1.82
CA GLY A 28 -4.08 -0.60 -3.06
C GLY A 28 -3.08 -0.96 -4.17
N ARG A 29 -3.33 -0.46 -5.36
CA ARG A 29 -2.39 -0.76 -6.50
C ARG A 29 -1.23 0.24 -6.52
N LEU A 30 -0.03 -0.24 -6.73
CA LEU A 30 1.14 0.69 -6.86
C LEU A 30 1.02 1.54 -8.14
N TYR A 31 0.98 2.84 -7.99
CA TYR A 31 0.90 3.74 -9.19
C TYR A 31 2.29 4.30 -9.51
N THR A 32 2.98 4.84 -8.53
CA THR A 32 4.32 5.45 -8.78
C THR A 32 5.16 5.42 -7.50
N VAL A 33 6.47 5.44 -7.63
CA VAL A 33 7.35 5.40 -6.43
C VAL A 33 8.58 6.30 -6.65
N ASP A 34 9.06 6.93 -5.59
CA ASP A 34 10.28 7.78 -5.71
C ASP A 34 11.31 7.35 -4.66
N PRO A 35 12.28 6.56 -5.06
CA PRO A 35 13.28 6.00 -4.10
C PRO A 35 14.04 7.13 -3.39
N GLN A 36 14.43 8.15 -4.12
CA GLN A 36 15.33 9.18 -3.54
C GLN A 36 14.54 10.18 -2.68
N GLU A 37 13.26 10.33 -2.96
CA GLU A 37 12.40 11.18 -2.09
C GLU A 37 11.80 10.35 -0.93
N CYS A 38 12.14 9.08 -0.83
CA CYS A 38 11.55 8.19 0.24
C CYS A 38 10.01 8.31 0.28
N THR A 39 9.38 8.42 -0.87
CA THR A 39 7.91 8.65 -0.91
C THR A 39 7.25 7.74 -1.95
N ILE A 40 6.00 7.43 -1.77
CA ILE A 40 5.27 6.58 -2.76
C ILE A 40 3.83 7.06 -2.92
N ALA A 41 3.18 6.66 -3.99
CA ALA A 41 1.73 7.00 -4.16
C ALA A 41 0.98 5.77 -4.69
N LEU A 42 -0.09 5.41 -4.02
CA LEU A 42 -0.87 4.20 -4.44
C LEU A 42 -2.20 4.63 -5.04
N SER A 43 -2.71 3.88 -5.99
CA SER A 43 -4.00 4.27 -6.64
C SER A 43 -5.04 3.17 -6.39
N SER A 44 -6.30 3.54 -6.35
CA SER A 44 -7.38 2.57 -5.95
C SER A 44 -6.96 1.79 -4.69
N VAL A 45 -7.18 2.39 -3.54
CA VAL A 45 -6.79 1.73 -2.26
C VAL A 45 -7.94 1.86 -1.25
N ARG A 46 -8.06 0.92 -0.35
CA ARG A 46 -9.13 0.99 0.69
C ARG A 46 -8.57 0.61 2.07
N SER A 47 -9.16 1.10 3.12
CA SER A 47 -8.70 0.73 4.50
C SER A 47 -9.75 -0.18 5.15
N PHE A 48 -9.32 -1.22 5.82
CA PHE A 48 -10.30 -2.24 6.32
C PHE A 48 -10.91 -1.79 7.65
N GLY A 49 -10.13 -1.19 8.52
CA GLY A 49 -10.70 -0.65 9.79
C GLY A 49 -9.57 -0.29 10.76
N THR A 50 -9.90 0.43 11.80
CA THR A 50 -8.93 0.66 12.91
C THR A 50 -9.42 0.07 14.24
N GLU A 51 -10.69 -0.29 14.31
CA GLU A 51 -11.35 -0.58 15.63
C GLU A 51 -10.56 -1.61 16.46
N ASP A 52 -9.78 -2.45 15.84
CA ASP A 52 -9.04 -3.50 16.61
C ASP A 52 -7.82 -2.91 17.32
N ARG A 53 -6.91 -2.34 16.58
CA ARG A 53 -5.63 -1.84 17.19
C ARG A 53 -5.70 -0.35 17.56
N ASP A 54 -6.88 0.25 17.49
CA ASP A 54 -6.97 1.73 17.73
C ASP A 54 -7.28 2.04 19.19
N THR A 55 -7.27 3.31 19.53
CA THR A 55 -7.60 3.74 20.92
C THR A 55 -9.12 3.70 21.13
N GLN A 56 -9.56 3.74 22.37
CA GLN A 56 -11.02 3.57 22.66
C GLN A 56 -11.80 4.86 22.37
N PHE A 57 -11.20 5.82 21.70
CA PHE A 57 -11.99 6.98 21.19
C PHE A 57 -12.49 6.70 19.77
N GLN A 58 -13.68 7.15 19.45
CA GLN A 58 -14.31 6.74 18.15
C GLN A 58 -13.53 7.30 16.96
N ILE A 59 -13.39 6.51 15.92
CA ILE A 59 -12.70 7.00 14.67
C ILE A 59 -13.68 6.89 13.49
N ALA A 60 -13.65 7.86 12.59
CA ALA A 60 -14.57 7.83 11.42
C ALA A 60 -14.22 6.65 10.49
N PRO A 61 -15.11 5.67 10.40
CA PRO A 61 -14.84 4.48 9.54
C PRO A 61 -14.74 4.90 8.06
N GLN A 62 -13.83 4.29 7.33
CA GLN A 62 -13.68 4.62 5.89
C GLN A 62 -14.22 3.47 5.02
N SER A 63 -15.35 3.67 4.39
CA SER A 63 -15.94 2.60 3.52
C SER A 63 -15.72 2.95 2.05
N GLN A 64 -15.76 4.22 1.71
CA GLN A 64 -15.56 4.64 0.28
C GLN A 64 -14.15 4.26 -0.20
N ILE A 65 -13.98 4.14 -1.49
CA ILE A 65 -12.62 3.79 -2.05
C ILE A 65 -11.90 5.07 -2.48
N TYR A 66 -10.63 5.19 -2.17
CA TYR A 66 -9.87 6.41 -2.54
C TYR A 66 -9.12 6.22 -3.85
N ASP A 67 -9.46 7.00 -4.85
CA ASP A 67 -8.74 6.92 -6.18
C ASP A 67 -7.22 7.01 -5.99
N TYR A 68 -6.77 7.87 -5.11
CA TYR A 68 -5.30 8.12 -4.96
C TYR A 68 -4.97 8.56 -3.54
N ILE A 69 -4.00 7.93 -2.92
CA ILE A 69 -3.49 8.43 -1.60
C ILE A 69 -1.96 8.55 -1.64
N LEU A 70 -1.43 9.71 -1.30
CA LEU A 70 0.05 9.87 -1.24
C LEU A 70 0.55 9.55 0.18
N PHE A 71 1.64 8.84 0.28
CA PHE A 71 2.13 8.39 1.62
C PHE A 71 3.65 8.57 1.72
N ARG A 72 4.11 9.15 2.80
CA ARG A 72 5.59 9.23 3.05
C ARG A 72 6.06 8.00 3.85
N GLY A 73 7.28 7.57 3.62
CA GLY A 73 7.82 6.39 4.35
C GLY A 73 7.81 6.66 5.87
N SER A 74 7.87 7.91 6.27
CA SER A 74 7.93 8.23 7.74
C SER A 74 6.62 7.87 8.43
N ASP A 75 5.50 8.08 7.78
CA ASP A 75 4.17 7.83 8.44
C ASP A 75 3.80 6.34 8.38
N ILE A 76 4.19 5.66 7.33
CA ILE A 76 3.92 4.18 7.24
C ILE A 76 5.22 3.40 7.46
N LYS A 77 5.15 2.37 8.28
CA LYS A 77 6.39 1.73 8.79
C LYS A 77 6.62 0.35 8.17
N ASP A 78 5.65 -0.22 7.47
CA ASP A 78 5.88 -1.57 6.88
C ASP A 78 5.12 -1.73 5.57
N ILE A 79 5.81 -2.17 4.53
CA ILE A 79 5.14 -2.40 3.21
C ILE A 79 5.65 -3.71 2.59
N ARG A 80 4.77 -4.48 1.99
CA ARG A 80 5.21 -5.74 1.30
C ARG A 80 4.33 -6.01 0.07
N VAL A 81 4.93 -6.41 -1.02
CA VAL A 81 4.14 -6.74 -2.25
C VAL A 81 3.70 -8.21 -2.21
N VAL A 82 2.54 -8.52 -2.76
CA VAL A 82 2.03 -9.93 -2.73
C VAL A 82 2.43 -10.65 -4.02
N ASN A 83 2.97 -11.82 -3.92
CA ASN A 83 3.38 -12.59 -5.14
C ASN A 83 3.12 -14.09 -4.94
N ASN A 84 2.11 -14.63 -5.58
CA ASN A 84 1.82 -16.08 -5.44
C ASN A 84 2.29 -16.84 -6.68
N HIS A 85 3.36 -17.58 -6.57
CA HIS A 85 3.88 -18.35 -7.75
C HIS A 85 2.91 -19.47 -8.12
N THR A 86 2.47 -20.23 -7.16
CA THR A 86 1.53 -21.36 -7.45
C THR A 86 0.48 -21.48 -6.33
N LEU A 87 -0.63 -22.13 -6.62
CA LEU A 87 -1.69 -22.30 -5.57
C LEU A 87 -1.54 -23.68 -4.90
N PRO A 88 -1.73 -23.73 -3.60
CA PRO A 88 -1.62 -25.02 -2.87
C PRO A 88 -2.77 -25.96 -3.26
N GLY A 1 31.64 -5.40 -8.28
CA GLY A 1 31.19 -5.02 -9.66
C GLY A 1 30.30 -3.78 -9.60
N ALA A 2 30.70 -2.73 -10.28
CA ALA A 2 29.88 -1.47 -10.26
C ALA A 2 28.54 -1.70 -10.97
N MET A 3 28.53 -2.52 -11.99
CA MET A 3 27.26 -2.79 -12.74
C MET A 3 26.69 -4.14 -12.30
N ALA A 4 25.53 -4.14 -11.68
CA ALA A 4 24.90 -5.42 -11.24
C ALA A 4 23.66 -5.72 -12.09
N MET A 5 23.47 -6.97 -12.46
CA MET A 5 22.29 -7.34 -13.29
C MET A 5 21.31 -8.19 -12.47
N SER A 6 21.27 -8.00 -11.16
CA SER A 6 20.36 -8.79 -10.31
C SER A 6 19.16 -7.94 -9.85
N GLY A 7 18.77 -6.98 -10.64
CA GLY A 7 17.62 -6.10 -10.25
C GLY A 7 16.79 -5.77 -11.50
N GLY A 8 15.60 -5.25 -11.31
CA GLY A 8 14.74 -4.89 -12.47
C GLY A 8 13.76 -3.79 -12.05
N LEU A 9 12.90 -3.36 -12.95
CA LEU A 9 11.90 -2.31 -12.60
C LEU A 9 10.72 -2.92 -11.84
N PRO A 10 10.09 -2.13 -10.99
CA PRO A 10 8.94 -2.63 -10.20
C PRO A 10 7.73 -2.90 -11.11
N GLU A 11 7.08 -4.02 -10.93
CA GLU A 11 5.88 -4.34 -11.78
C GLU A 11 4.76 -3.34 -11.53
N LEU A 12 4.42 -2.54 -12.51
CA LEU A 12 3.33 -1.53 -12.33
C LEU A 12 1.98 -2.23 -12.10
N GLY A 13 1.14 -1.65 -11.28
CA GLY A 13 -0.21 -2.23 -11.04
C GLY A 13 -0.17 -3.38 -10.01
N SER A 14 1.00 -3.72 -9.51
CA SER A 14 1.10 -4.83 -8.50
C SER A 14 0.31 -4.46 -7.23
N LYS A 15 -0.34 -5.42 -6.62
CA LYS A 15 -1.09 -5.14 -5.35
C LYS A 15 -0.12 -5.16 -4.15
N ILE A 16 -0.13 -4.10 -3.36
CA ILE A 16 0.78 -4.04 -2.18
C ILE A 16 -0.03 -3.80 -0.89
N SER A 17 0.39 -4.39 0.20
CA SER A 17 -0.27 -4.16 1.51
C SER A 17 0.58 -3.20 2.35
N LEU A 18 -0.06 -2.25 3.00
CA LEU A 18 0.70 -1.14 3.65
C LEU A 18 0.19 -0.92 5.09
N ILE A 19 1.06 -1.00 6.07
CA ILE A 19 0.63 -0.82 7.49
C ILE A 19 1.10 0.55 8.01
N SER A 20 0.17 1.41 8.35
CA SER A 20 0.52 2.78 8.80
C SER A 20 0.66 2.85 10.34
N LYS A 21 1.39 3.83 10.83
CA LYS A 21 1.75 3.90 12.29
C LYS A 21 0.52 3.84 13.22
N ALA A 22 -0.67 3.97 12.70
CA ALA A 22 -1.89 3.90 13.55
C ALA A 22 -2.40 2.46 13.65
N ASP A 23 -1.56 1.48 13.36
CA ASP A 23 -2.00 0.05 13.30
C ASP A 23 -3.18 -0.09 12.33
N ILE A 24 -3.18 0.71 11.29
CA ILE A 24 -4.28 0.62 10.28
C ILE A 24 -3.76 -0.13 9.04
N ARG A 25 -4.57 -0.96 8.45
CA ARG A 25 -4.12 -1.70 7.24
C ARG A 25 -4.76 -1.11 5.99
N TYR A 26 -3.94 -0.63 5.08
CA TYR A 26 -4.44 -0.15 3.77
C TYR A 26 -3.93 -1.06 2.66
N GLU A 27 -4.68 -1.20 1.59
CA GLU A 27 -4.18 -2.00 0.43
C GLU A 27 -4.59 -1.31 -0.86
N GLY A 28 -3.72 -1.29 -1.85
CA GLY A 28 -4.05 -0.56 -3.11
C GLY A 28 -3.05 -0.93 -4.22
N ARG A 29 -3.31 -0.46 -5.42
CA ARG A 29 -2.39 -0.74 -6.56
C ARG A 29 -1.25 0.28 -6.60
N LEU A 30 -0.03 -0.18 -6.81
CA LEU A 30 1.12 0.77 -6.95
C LEU A 30 0.98 1.62 -8.22
N TYR A 31 0.93 2.92 -8.07
CA TYR A 31 0.82 3.80 -9.27
C TYR A 31 2.20 4.37 -9.63
N THR A 32 2.90 4.92 -8.66
CA THR A 32 4.25 5.51 -8.93
C THR A 32 5.11 5.48 -7.66
N VAL A 33 6.41 5.50 -7.82
CA VAL A 33 7.31 5.42 -6.63
C VAL A 33 8.53 6.34 -6.83
N ASP A 34 9.03 6.92 -5.76
CA ASP A 34 10.25 7.78 -5.86
C ASP A 34 11.28 7.32 -4.81
N PRO A 35 12.28 6.57 -5.25
CA PRO A 35 13.26 5.98 -4.29
C PRO A 35 14.02 7.07 -3.54
N GLN A 36 14.41 8.13 -4.22
CA GLN A 36 15.31 9.14 -3.59
C GLN A 36 14.49 10.10 -2.70
N GLU A 37 13.22 10.25 -2.98
CA GLU A 37 12.35 11.05 -2.07
C GLU A 37 11.76 10.17 -0.95
N CYS A 38 12.10 8.89 -0.90
CA CYS A 38 11.51 7.97 0.14
C CYS A 38 9.98 8.08 0.18
N THR A 39 9.35 8.23 -0.97
CA THR A 39 7.88 8.48 -1.00
C THR A 39 7.22 7.63 -2.09
N ILE A 40 5.97 7.30 -1.91
CA ILE A 40 5.23 6.52 -2.96
C ILE A 40 3.79 7.02 -3.08
N ALA A 41 3.14 6.69 -4.16
CA ALA A 41 1.70 7.07 -4.32
C ALA A 41 0.91 5.87 -4.84
N LEU A 42 -0.16 5.51 -4.16
CA LEU A 42 -0.94 4.30 -4.55
C LEU A 42 -2.29 4.73 -5.13
N SER A 43 -2.83 3.96 -6.04
CA SER A 43 -4.14 4.33 -6.66
C SER A 43 -5.13 3.19 -6.44
N SER A 44 -6.41 3.50 -6.44
CA SER A 44 -7.46 2.48 -6.05
C SER A 44 -7.02 1.72 -4.78
N VAL A 45 -7.28 2.30 -3.64
CA VAL A 45 -6.88 1.67 -2.35
C VAL A 45 -8.04 1.73 -1.34
N ARG A 46 -8.14 0.78 -0.46
CA ARG A 46 -9.22 0.78 0.57
C ARG A 46 -8.65 0.45 1.95
N SER A 47 -9.28 0.91 3.00
CA SER A 47 -8.77 0.63 4.37
C SER A 47 -9.68 -0.40 5.06
N PHE A 48 -9.11 -1.33 5.78
CA PHE A 48 -9.93 -2.44 6.37
C PHE A 48 -10.56 -2.00 7.69
N GLY A 49 -9.83 -1.24 8.50
CA GLY A 49 -10.40 -0.77 9.79
C GLY A 49 -9.30 -0.18 10.66
N THR A 50 -9.67 0.46 11.75
CA THR A 50 -8.67 1.02 12.71
C THR A 50 -8.80 0.37 14.10
N GLU A 51 -9.63 -0.65 14.23
CA GLU A 51 -9.99 -1.21 15.58
C GLU A 51 -8.76 -1.46 16.47
N ASP A 52 -7.60 -1.66 15.88
CA ASP A 52 -6.37 -1.94 16.70
C ASP A 52 -6.14 -0.84 17.76
N ARG A 53 -6.26 0.41 17.38
CA ARG A 53 -6.06 1.52 18.36
C ARG A 53 -7.39 1.96 18.99
N ASP A 54 -8.32 2.37 18.16
CA ASP A 54 -9.64 2.84 18.70
C ASP A 54 -10.42 1.67 19.32
N THR A 55 -11.55 1.95 19.93
CA THR A 55 -12.26 0.92 20.74
C THR A 55 -13.01 -0.05 19.83
N GLN A 56 -13.41 -1.18 20.38
CA GLN A 56 -14.10 -2.21 19.56
C GLN A 56 -15.58 -1.85 19.31
N PHE A 57 -16.01 -0.70 19.77
CA PHE A 57 -17.42 -0.28 19.48
C PHE A 57 -17.53 0.15 18.01
N GLN A 58 -18.73 0.19 17.48
CA GLN A 58 -18.90 0.34 15.99
C GLN A 58 -18.39 1.70 15.52
N ILE A 59 -17.57 1.72 14.49
CA ILE A 59 -17.14 3.01 13.87
C ILE A 59 -17.68 3.06 12.43
N ALA A 60 -18.20 4.20 12.03
CA ALA A 60 -18.85 4.31 10.68
C ALA A 60 -17.83 4.07 9.56
N PRO A 61 -17.97 2.96 8.85
CA PRO A 61 -17.03 2.66 7.73
C PRO A 61 -17.41 3.46 6.48
N GLN A 62 -16.45 3.78 5.65
CA GLN A 62 -16.76 4.51 4.39
C GLN A 62 -16.75 3.54 3.20
N SER A 63 -17.90 3.35 2.59
CA SER A 63 -17.98 2.40 1.43
C SER A 63 -17.18 2.92 0.24
N GLN A 64 -17.11 4.22 0.07
CA GLN A 64 -16.37 4.81 -1.09
C GLN A 64 -14.88 4.43 -1.03
N ILE A 65 -14.28 4.20 -2.17
CA ILE A 65 -12.82 3.85 -2.20
C ILE A 65 -12.01 5.10 -2.51
N TYR A 66 -10.74 5.09 -2.17
CA TYR A 66 -9.89 6.30 -2.41
C TYR A 66 -9.17 6.18 -3.76
N ASP A 67 -9.53 7.02 -4.71
CA ASP A 67 -8.84 7.01 -6.05
C ASP A 67 -7.31 7.09 -5.89
N TYR A 68 -6.83 7.92 -5.00
CA TYR A 68 -5.36 8.16 -4.90
C TYR A 68 -4.99 8.59 -3.47
N ILE A 69 -4.03 7.92 -2.87
CA ILE A 69 -3.51 8.38 -1.54
C ILE A 69 -1.98 8.52 -1.59
N LEU A 70 -1.45 9.60 -1.09
CA LEU A 70 0.04 9.77 -1.03
C LEU A 70 0.56 9.23 0.31
N PHE A 71 1.66 8.52 0.27
CA PHE A 71 2.19 7.90 1.53
C PHE A 71 3.70 8.14 1.64
N ARG A 72 4.14 8.72 2.74
CA ARG A 72 5.60 8.83 3.01
C ARG A 72 6.09 7.64 3.85
N GLY A 73 7.30 7.20 3.62
CA GLY A 73 7.85 6.05 4.41
C GLY A 73 7.90 6.40 5.91
N SER A 74 7.96 7.66 6.25
CA SER A 74 8.14 8.05 7.69
C SER A 74 6.91 7.70 8.52
N ASP A 75 5.73 7.94 8.00
CA ASP A 75 4.49 7.71 8.82
C ASP A 75 4.04 6.24 8.72
N ILE A 76 4.39 5.55 7.66
CA ILE A 76 4.10 4.09 7.59
C ILE A 76 5.32 3.27 8.02
N LYS A 77 5.09 2.19 8.72
CA LYS A 77 6.21 1.44 9.36
C LYS A 77 6.56 0.18 8.58
N ASP A 78 5.66 -0.33 7.77
CA ASP A 78 5.99 -1.58 6.99
C ASP A 78 5.21 -1.66 5.69
N ILE A 79 5.90 -1.95 4.60
CA ILE A 79 5.21 -2.16 3.29
C ILE A 79 5.71 -3.45 2.64
N ARG A 80 4.82 -4.22 2.05
CA ARG A 80 5.25 -5.50 1.40
C ARG A 80 4.38 -5.79 0.17
N VAL A 81 4.98 -6.10 -0.95
CA VAL A 81 4.21 -6.44 -2.17
C VAL A 81 3.88 -7.95 -2.19
N VAL A 82 2.74 -8.31 -2.73
CA VAL A 82 2.36 -9.76 -2.78
C VAL A 82 2.77 -10.37 -4.12
N ASN A 83 3.39 -11.53 -4.10
CA ASN A 83 3.84 -12.17 -5.38
C ASN A 83 3.57 -13.68 -5.35
N ASN A 84 3.84 -14.34 -4.24
CA ASN A 84 3.65 -15.82 -4.17
C ASN A 84 2.93 -16.21 -2.87
N HIS A 85 2.09 -15.34 -2.36
CA HIS A 85 1.34 -15.65 -1.10
C HIS A 85 0.01 -14.88 -1.06
N THR A 86 -0.94 -15.36 -0.31
CA THR A 86 -2.26 -14.67 -0.21
C THR A 86 -2.60 -14.37 1.25
N LEU A 87 -3.53 -13.48 1.50
CA LEU A 87 -3.92 -13.14 2.89
C LEU A 87 -5.31 -13.74 3.22
N PRO A 88 -5.34 -14.74 4.08
CA PRO A 88 -6.64 -15.36 4.46
C PRO A 88 -7.47 -14.38 5.29
N GLY A 1 18.53 12.09 -13.19
CA GLY A 1 17.73 11.34 -14.19
C GLY A 1 17.39 9.96 -13.64
N ALA A 2 17.35 8.96 -14.48
CA ALA A 2 17.02 7.57 -14.02
C ALA A 2 18.31 6.81 -13.68
N MET A 3 18.45 6.39 -12.45
CA MET A 3 19.69 5.64 -12.04
C MET A 3 19.72 4.27 -12.73
N ALA A 4 18.57 3.65 -12.87
CA ALA A 4 18.53 2.30 -13.55
C ALA A 4 17.15 2.06 -14.15
N MET A 5 17.06 1.23 -15.15
CA MET A 5 15.74 0.93 -15.79
C MET A 5 15.71 -0.51 -16.28
N SER A 6 16.64 -0.88 -17.15
CA SER A 6 16.66 -2.28 -17.69
C SER A 6 16.98 -3.28 -16.56
N GLY A 7 17.81 -2.88 -15.61
CA GLY A 7 18.18 -3.80 -14.50
C GLY A 7 16.96 -4.08 -13.62
N GLY A 8 16.16 -3.07 -13.36
CA GLY A 8 14.95 -3.26 -12.52
C GLY A 8 13.74 -3.55 -13.41
N LEU A 9 12.77 -4.27 -12.90
CA LEU A 9 11.56 -4.59 -13.71
C LEU A 9 10.36 -4.87 -12.79
N PRO A 10 10.03 -3.90 -11.95
CA PRO A 10 8.87 -4.07 -11.03
C PRO A 10 7.56 -4.09 -11.81
N GLU A 11 6.74 -5.10 -11.59
CA GLU A 11 5.43 -5.20 -12.32
C GLU A 11 4.52 -4.03 -11.93
N LEU A 12 4.23 -3.14 -12.85
CA LEU A 12 3.32 -1.99 -12.56
C LEU A 12 1.90 -2.50 -12.26
N GLY A 13 1.19 -1.81 -11.40
CA GLY A 13 -0.21 -2.21 -11.08
C GLY A 13 -0.28 -3.35 -10.06
N SER A 14 0.85 -3.87 -9.62
CA SER A 14 0.85 -5.00 -8.64
C SER A 14 0.15 -4.58 -7.34
N LYS A 15 -0.50 -5.50 -6.67
CA LYS A 15 -1.19 -5.16 -5.38
C LYS A 15 -0.19 -5.15 -4.22
N ILE A 16 -0.16 -4.08 -3.46
CA ILE A 16 0.78 -4.01 -2.29
C ILE A 16 -0.02 -3.76 -1.01
N SER A 17 0.41 -4.34 0.08
CA SER A 17 -0.23 -4.10 1.40
C SER A 17 0.63 -3.14 2.22
N LEU A 18 0.00 -2.18 2.88
CA LEU A 18 0.77 -1.09 3.54
C LEU A 18 0.25 -0.87 4.97
N ILE A 19 1.11 -0.97 5.95
CA ILE A 19 0.66 -0.82 7.38
C ILE A 19 1.08 0.56 7.91
N SER A 20 0.11 1.36 8.29
CA SER A 20 0.40 2.76 8.74
C SER A 20 0.57 2.86 10.25
N LYS A 21 1.25 3.89 10.72
CA LYS A 21 1.65 3.99 12.16
C LYS A 21 0.46 3.84 13.13
N ALA A 22 -0.75 3.93 12.64
CA ALA A 22 -1.94 3.78 13.54
C ALA A 22 -2.38 2.31 13.61
N ASP A 23 -1.48 1.39 13.27
CA ASP A 23 -1.84 -0.07 13.24
C ASP A 23 -3.03 -0.29 12.32
N ILE A 24 -3.10 0.47 11.25
CA ILE A 24 -4.23 0.31 10.27
C ILE A 24 -3.71 -0.39 9.02
N ARG A 25 -4.51 -1.21 8.40
CA ARG A 25 -4.06 -1.92 7.17
C ARG A 25 -4.72 -1.30 5.94
N TYR A 26 -3.92 -0.80 5.03
CA TYR A 26 -4.44 -0.28 3.73
C TYR A 26 -3.92 -1.16 2.60
N GLU A 27 -4.67 -1.27 1.52
CA GLU A 27 -4.16 -2.03 0.34
C GLU A 27 -4.58 -1.32 -0.94
N GLY A 28 -3.72 -1.28 -1.92
CA GLY A 28 -4.03 -0.52 -3.17
C GLY A 28 -3.07 -0.90 -4.30
N ARG A 29 -3.32 -0.41 -5.48
CA ARG A 29 -2.41 -0.73 -6.64
C ARG A 29 -1.22 0.23 -6.68
N LEU A 30 -0.05 -0.28 -6.95
CA LEU A 30 1.15 0.62 -7.09
C LEU A 30 1.00 1.54 -8.32
N TYR A 31 0.95 2.84 -8.10
CA TYR A 31 0.84 3.79 -9.24
C TYR A 31 2.22 4.38 -9.57
N THR A 32 2.91 4.88 -8.58
CA THR A 32 4.25 5.52 -8.82
C THR A 32 5.11 5.45 -7.56
N VAL A 33 6.41 5.47 -7.73
CA VAL A 33 7.33 5.39 -6.54
C VAL A 33 8.54 6.31 -6.75
N ASP A 34 9.05 6.90 -5.69
CA ASP A 34 10.26 7.77 -5.81
C ASP A 34 11.30 7.33 -4.76
N PRO A 35 12.27 6.54 -5.17
CA PRO A 35 13.28 5.99 -4.22
C PRO A 35 14.04 7.12 -3.53
N GLN A 36 14.39 8.15 -4.25
CA GLN A 36 15.32 9.19 -3.68
C GLN A 36 14.54 10.15 -2.78
N GLU A 37 13.27 10.32 -3.03
CA GLU A 37 12.43 11.15 -2.11
C GLU A 37 11.84 10.28 -0.97
N CYS A 38 12.18 9.00 -0.91
CA CYS A 38 11.60 8.09 0.13
C CYS A 38 10.07 8.21 0.20
N THR A 39 9.42 8.30 -0.93
CA THR A 39 7.94 8.48 -0.94
C THR A 39 7.28 7.58 -1.98
N ILE A 40 6.04 7.22 -1.78
CA ILE A 40 5.31 6.40 -2.80
C ILE A 40 3.85 6.87 -2.89
N ALA A 41 3.18 6.52 -3.97
CA ALA A 41 1.74 6.87 -4.10
C ALA A 41 0.97 5.67 -4.66
N LEU A 42 -0.09 5.28 -4.01
CA LEU A 42 -0.88 4.11 -4.46
C LEU A 42 -2.23 4.56 -5.02
N SER A 43 -2.72 3.90 -6.03
CA SER A 43 -4.01 4.33 -6.65
C SER A 43 -5.06 3.23 -6.45
N SER A 44 -6.31 3.60 -6.41
CA SER A 44 -7.40 2.62 -6.03
C SER A 44 -6.98 1.83 -4.78
N VAL A 45 -7.22 2.39 -3.62
CA VAL A 45 -6.82 1.72 -2.35
C VAL A 45 -7.97 1.80 -1.33
N ARG A 46 -8.08 0.83 -0.47
CA ARG A 46 -9.16 0.84 0.57
C ARG A 46 -8.59 0.46 1.93
N SER A 47 -9.20 0.92 3.00
CA SER A 47 -8.74 0.54 4.37
C SER A 47 -9.74 -0.42 5.01
N PHE A 48 -9.25 -1.46 5.65
CA PHE A 48 -10.17 -2.53 6.14
C PHE A 48 -10.80 -2.13 7.48
N GLY A 49 -10.05 -1.51 8.35
CA GLY A 49 -10.65 -1.02 9.64
C GLY A 49 -9.54 -0.61 10.60
N THR A 50 -9.90 0.09 11.66
CA THR A 50 -8.92 0.40 12.74
C THR A 50 -9.36 -0.21 14.08
N GLU A 51 -10.63 -0.56 14.21
CA GLU A 51 -11.21 -0.91 15.56
C GLU A 51 -10.40 -2.00 16.27
N ASP A 52 -9.72 -2.84 15.53
CA ASP A 52 -8.99 -3.98 16.18
C ASP A 52 -7.78 -3.47 16.96
N ARG A 53 -6.86 -2.80 16.30
CA ARG A 53 -5.61 -2.36 16.99
C ARG A 53 -5.72 -0.92 17.51
N ASP A 54 -6.69 -0.16 17.04
CA ASP A 54 -6.75 1.30 17.39
C ASP A 54 -6.97 1.50 18.89
N THR A 55 -6.92 2.74 19.33
CA THR A 55 -7.17 3.05 20.78
C THR A 55 -8.66 3.02 21.08
N GLN A 56 -9.03 2.96 22.33
CA GLN A 56 -10.47 2.81 22.70
C GLN A 56 -11.24 4.14 22.55
N PHE A 57 -10.65 5.14 21.95
CA PHE A 57 -11.42 6.36 21.57
C PHE A 57 -11.95 6.23 20.15
N GLN A 58 -12.89 7.05 19.77
CA GLN A 58 -13.58 6.87 18.45
C GLN A 58 -12.59 7.12 17.29
N ILE A 59 -12.65 6.30 16.27
CA ILE A 59 -11.78 6.49 15.08
C ILE A 59 -12.64 6.73 13.83
N ALA A 60 -12.23 7.65 12.98
CA ALA A 60 -13.05 7.96 11.76
C ALA A 60 -12.99 6.78 10.77
N PRO A 61 -14.12 6.12 10.56
CA PRO A 61 -14.16 4.98 9.60
C PRO A 61 -13.96 5.48 8.17
N GLN A 62 -13.45 4.64 7.30
CA GLN A 62 -13.23 5.05 5.88
C GLN A 62 -13.76 3.96 4.93
N SER A 63 -15.05 3.74 4.93
CA SER A 63 -15.64 2.70 4.03
C SER A 63 -15.47 3.09 2.56
N GLN A 64 -15.52 4.38 2.27
CA GLN A 64 -15.38 4.84 0.85
C GLN A 64 -14.01 4.45 0.28
N ILE A 65 -13.92 4.33 -1.02
CA ILE A 65 -12.62 3.95 -1.67
C ILE A 65 -11.89 5.21 -2.13
N TYR A 66 -10.59 5.27 -1.93
CA TYR A 66 -9.81 6.49 -2.31
C TYR A 66 -9.15 6.30 -3.67
N ASP A 67 -9.49 7.12 -4.63
CA ASP A 67 -8.81 7.07 -5.98
C ASP A 67 -7.27 7.12 -5.83
N TYR A 68 -6.79 7.93 -4.92
CA TYR A 68 -5.30 8.12 -4.79
C TYR A 68 -4.95 8.52 -3.35
N ILE A 69 -3.99 7.84 -2.77
CA ILE A 69 -3.45 8.29 -1.45
C ILE A 69 -1.91 8.38 -1.51
N LEU A 70 -1.37 9.52 -1.13
CA LEU A 70 0.12 9.68 -1.08
C LEU A 70 0.64 9.29 0.31
N PHE A 71 1.73 8.56 0.37
CA PHE A 71 2.25 8.08 1.68
C PHE A 71 3.77 8.24 1.75
N ARG A 72 4.27 8.85 2.79
CA ARG A 72 5.75 8.93 2.99
C ARG A 72 6.23 7.75 3.83
N GLY A 73 7.48 7.37 3.69
CA GLY A 73 8.04 6.26 4.52
C GLY A 73 7.94 6.58 6.02
N SER A 74 7.87 7.85 6.36
CA SER A 74 7.87 8.24 7.81
C SER A 74 6.54 7.88 8.48
N ASP A 75 5.43 8.12 7.83
CA ASP A 75 4.11 7.93 8.50
C ASP A 75 3.65 6.46 8.40
N ILE A 76 4.08 5.74 7.40
CA ILE A 76 3.83 4.26 7.37
C ILE A 76 5.12 3.50 7.68
N LYS A 77 5.03 2.44 8.44
CA LYS A 77 6.24 1.80 9.02
C LYS A 77 6.58 0.49 8.29
N ASP A 78 5.67 -0.08 7.54
CA ASP A 78 6.00 -1.37 6.85
C ASP A 78 5.24 -1.52 5.52
N ILE A 79 5.94 -1.91 4.48
CA ILE A 79 5.28 -2.17 3.17
C ILE A 79 5.73 -3.52 2.61
N ARG A 80 4.81 -4.28 2.06
CA ARG A 80 5.17 -5.62 1.49
C ARG A 80 4.33 -5.92 0.26
N VAL A 81 4.94 -6.41 -0.79
CA VAL A 81 4.18 -6.75 -2.03
C VAL A 81 3.63 -8.18 -1.94
N VAL A 82 2.48 -8.44 -2.52
CA VAL A 82 1.88 -9.81 -2.44
C VAL A 82 2.29 -10.61 -3.69
N ASN A 83 2.65 -11.86 -3.50
CA ASN A 83 3.05 -12.71 -4.67
C ASN A 83 1.90 -13.63 -5.09
N ASN A 84 1.99 -14.22 -6.26
CA ASN A 84 0.91 -15.13 -6.73
C ASN A 84 1.34 -16.59 -6.60
N HIS A 85 2.13 -16.89 -5.59
CA HIS A 85 2.60 -18.30 -5.39
C HIS A 85 1.99 -18.89 -4.12
N THR A 86 1.49 -20.11 -4.20
CA THR A 86 0.87 -20.75 -3.00
C THR A 86 1.61 -22.04 -2.65
N LEU A 87 1.78 -22.32 -1.39
CA LEU A 87 2.50 -23.55 -0.96
C LEU A 87 1.49 -24.68 -0.67
N PRO A 88 1.96 -25.91 -0.73
CA PRO A 88 1.07 -27.07 -0.47
C PRO A 88 0.65 -27.10 1.01
#